data_1MJ0
# 
_entry.id   1MJ0 
# 
_audit_conform.dict_name       mmcif_pdbx.dic 
_audit_conform.dict_version    5.399 
_audit_conform.dict_location   http://mmcif.pdb.org/dictionaries/ascii/mmcif_pdbx.dic 
# 
loop_
_database_2.database_id 
_database_2.database_code 
_database_2.pdbx_database_accession 
_database_2.pdbx_DOI 
PDB   1MJ0         pdb_00001mj0 10.2210/pdb1mj0/pdb 
RCSB  RCSB016945   ?            ?                   
WWPDB D_1000016945 ?            ?                   
# 
loop_
_pdbx_audit_revision_history.ordinal 
_pdbx_audit_revision_history.data_content_type 
_pdbx_audit_revision_history.major_revision 
_pdbx_audit_revision_history.minor_revision 
_pdbx_audit_revision_history.revision_date 
1 'Structure model' 1 0 2003-01-21 
2 'Structure model' 1 1 2008-04-28 
3 'Structure model' 1 2 2011-07-13 
4 'Structure model' 1 3 2024-12-25 
# 
_pdbx_audit_revision_details.ordinal             1 
_pdbx_audit_revision_details.revision_ordinal    1 
_pdbx_audit_revision_details.data_content_type   'Structure model' 
_pdbx_audit_revision_details.provider            repository 
_pdbx_audit_revision_details.type                'Initial release' 
_pdbx_audit_revision_details.description         ? 
_pdbx_audit_revision_details.details             ? 
# 
loop_
_pdbx_audit_revision_group.ordinal 
_pdbx_audit_revision_group.revision_ordinal 
_pdbx_audit_revision_group.data_content_type 
_pdbx_audit_revision_group.group 
1 2 'Structure model' 'Version format compliance' 
2 3 'Structure model' 'Version format compliance' 
3 4 'Structure model' Advisory                    
4 4 'Structure model' 'Data collection'           
5 4 'Structure model' 'Database references'       
6 4 'Structure model' 'Derived calculations'      
7 4 'Structure model' 'Refinement description'    
8 4 'Structure model' 'Structure summary'         
# 
loop_
_pdbx_audit_revision_category.ordinal 
_pdbx_audit_revision_category.revision_ordinal 
_pdbx_audit_revision_category.data_content_type 
_pdbx_audit_revision_category.category 
1  4 'Structure model' chem_comp_atom                
2  4 'Structure model' chem_comp_bond                
3  4 'Structure model' database_2                    
4  4 'Structure model' pdbx_distant_solvent_atoms    
5  4 'Structure model' pdbx_entry_details            
6  4 'Structure model' pdbx_initial_refinement_model 
7  4 'Structure model' pdbx_struct_special_symmetry  
8  4 'Structure model' pdbx_validate_close_contact   
9  4 'Structure model' struct_conn                   
10 4 'Structure model' struct_site                   
# 
loop_
_pdbx_audit_revision_item.ordinal 
_pdbx_audit_revision_item.revision_ordinal 
_pdbx_audit_revision_item.data_content_type 
_pdbx_audit_revision_item.item 
1 4 'Structure model' '_database_2.pdbx_DOI'                
2 4 'Structure model' '_database_2.pdbx_database_accession' 
3 4 'Structure model' '_struct_site.pdbx_auth_asym_id'      
4 4 'Structure model' '_struct_site.pdbx_auth_comp_id'      
5 4 'Structure model' '_struct_site.pdbx_auth_seq_id'       
# 
_pdbx_database_status.status_code                     REL 
_pdbx_database_status.entry_id                        1MJ0 
_pdbx_database_status.recvd_initial_deposition_date   2002-08-26 
_pdbx_database_status.deposit_site                    RCSB 
_pdbx_database_status.process_site                    RCSB 
_pdbx_database_status.status_code_sf                  REL 
_pdbx_database_status.SG_entry                        . 
_pdbx_database_status.pdb_format_compatible           Y 
_pdbx_database_status.status_code_mr                  ? 
_pdbx_database_status.status_code_cs                  ? 
_pdbx_database_status.status_code_nmr_data            ? 
_pdbx_database_status.methods_development_category    ? 
# 
loop_
_audit_author.name 
_audit_author.pdbx_ordinal 
'Kohl, A.'       1 
'Binz, H.K.'     2 
'Forrer, P.'     3 
'Stumpp, M.T.'   4 
'Plueckthun, A.' 5 
'Gruetter, M.G.' 6 
# 
_citation.id                        primary 
_citation.title                     'Designed to be stable: Crystal structure of a consensus ankyrin repeat protein' 
_citation.journal_abbrev            Proc.Natl.Acad.Sci.USA 
_citation.journal_volume            100 
_citation.page_first                1700 
_citation.page_last                 1705 
_citation.year                      2003 
_citation.journal_id_ASTM           PNASA6 
_citation.country                   US 
_citation.journal_id_ISSN           0027-8424 
_citation.journal_id_CSD            0040 
_citation.book_publisher            ? 
_citation.pdbx_database_id_PubMed   12566564 
_citation.pdbx_database_id_DOI      10.1073/pnas.0337680100 
# 
loop_
_citation_author.citation_id 
_citation_author.name 
_citation_author.ordinal 
_citation_author.identifier_ORCID 
primary 'Kohl, A.'       1 ? 
primary 'Binz, H.K.'     2 ? 
primary 'Forrer, P.'     3 ? 
primary 'Stumpp, M.T.'   4 ? 
primary 'Plueckthun, A.' 5 ? 
primary 'Gruetter, M.G.' 6 ? 
# 
loop_
_entity.id 
_entity.type 
_entity.src_method 
_entity.pdbx_description 
_entity.formula_weight 
_entity.pdbx_number_of_molecules 
_entity.pdbx_ec 
_entity.pdbx_mutation 
_entity.pdbx_fragment 
_entity.details 
1 polymer     man 'SANK E3_5 Protein'                      17738.664 1   ? ? ? ? 
2 non-polymer syn 'SULFATE ION'                            96.063    2   ? ? ? ? 
3 non-polymer syn 2-AMINO-2-HYDROXYMETHYL-PROPANE-1,3-DIOL 122.143   1   ? ? ? ? 
4 water       nat water                                    18.015    178 ? ? ? ? 
# 
_entity_poly.entity_id                      1 
_entity_poly.type                           'polypeptide(L)' 
_entity_poly.nstd_linkage                   no 
_entity_poly.nstd_monomer                   no 
_entity_poly.pdbx_seq_one_letter_code       
;MRGSHHHHHHGSDLGKKLLEAARAGQDDEVRILMANGADVNATDNDGYTPLHLAASNGHLEIVEVLLKNGADVNASDLTG
ITPLHLAAATGHLEIVEVLLKHGADVNAYDNDGHTPLHLAAKYGHLEIVEVLLKHGADVNAQDKFGKTAFDISIDNGNED
LAEILQ
;
_entity_poly.pdbx_seq_one_letter_code_can   
;MRGSHHHHHHGSDLGKKLLEAARAGQDDEVRILMANGADVNATDNDGYTPLHLAASNGHLEIVEVLLKNGADVNASDLTG
ITPLHLAAATGHLEIVEVLLKHGADVNAYDNDGHTPLHLAAKYGHLEIVEVLLKHGADVNAQDKFGKTAFDISIDNGNED
LAEILQ
;
_entity_poly.pdbx_strand_id                 A 
_entity_poly.pdbx_target_identifier         ? 
# 
loop_
_pdbx_entity_nonpoly.entity_id 
_pdbx_entity_nonpoly.name 
_pdbx_entity_nonpoly.comp_id 
2 'SULFATE ION'                            SO4 
3 2-AMINO-2-HYDROXYMETHYL-PROPANE-1,3-DIOL TRS 
4 water                                    HOH 
# 
loop_
_entity_poly_seq.entity_id 
_entity_poly_seq.num 
_entity_poly_seq.mon_id 
_entity_poly_seq.hetero 
1 1   MET n 
1 2   ARG n 
1 3   GLY n 
1 4   SER n 
1 5   HIS n 
1 6   HIS n 
1 7   HIS n 
1 8   HIS n 
1 9   HIS n 
1 10  HIS n 
1 11  GLY n 
1 12  SER n 
1 13  ASP n 
1 14  LEU n 
1 15  GLY n 
1 16  LYS n 
1 17  LYS n 
1 18  LEU n 
1 19  LEU n 
1 20  GLU n 
1 21  ALA n 
1 22  ALA n 
1 23  ARG n 
1 24  ALA n 
1 25  GLY n 
1 26  GLN n 
1 27  ASP n 
1 28  ASP n 
1 29  GLU n 
1 30  VAL n 
1 31  ARG n 
1 32  ILE n 
1 33  LEU n 
1 34  MET n 
1 35  ALA n 
1 36  ASN n 
1 37  GLY n 
1 38  ALA n 
1 39  ASP n 
1 40  VAL n 
1 41  ASN n 
1 42  ALA n 
1 43  THR n 
1 44  ASP n 
1 45  ASN n 
1 46  ASP n 
1 47  GLY n 
1 48  TYR n 
1 49  THR n 
1 50  PRO n 
1 51  LEU n 
1 52  HIS n 
1 53  LEU n 
1 54  ALA n 
1 55  ALA n 
1 56  SER n 
1 57  ASN n 
1 58  GLY n 
1 59  HIS n 
1 60  LEU n 
1 61  GLU n 
1 62  ILE n 
1 63  VAL n 
1 64  GLU n 
1 65  VAL n 
1 66  LEU n 
1 67  LEU n 
1 68  LYS n 
1 69  ASN n 
1 70  GLY n 
1 71  ALA n 
1 72  ASP n 
1 73  VAL n 
1 74  ASN n 
1 75  ALA n 
1 76  SER n 
1 77  ASP n 
1 78  LEU n 
1 79  THR n 
1 80  GLY n 
1 81  ILE n 
1 82  THR n 
1 83  PRO n 
1 84  LEU n 
1 85  HIS n 
1 86  LEU n 
1 87  ALA n 
1 88  ALA n 
1 89  ALA n 
1 90  THR n 
1 91  GLY n 
1 92  HIS n 
1 93  LEU n 
1 94  GLU n 
1 95  ILE n 
1 96  VAL n 
1 97  GLU n 
1 98  VAL n 
1 99  LEU n 
1 100 LEU n 
1 101 LYS n 
1 102 HIS n 
1 103 GLY n 
1 104 ALA n 
1 105 ASP n 
1 106 VAL n 
1 107 ASN n 
1 108 ALA n 
1 109 TYR n 
1 110 ASP n 
1 111 ASN n 
1 112 ASP n 
1 113 GLY n 
1 114 HIS n 
1 115 THR n 
1 116 PRO n 
1 117 LEU n 
1 118 HIS n 
1 119 LEU n 
1 120 ALA n 
1 121 ALA n 
1 122 LYS n 
1 123 TYR n 
1 124 GLY n 
1 125 HIS n 
1 126 LEU n 
1 127 GLU n 
1 128 ILE n 
1 129 VAL n 
1 130 GLU n 
1 131 VAL n 
1 132 LEU n 
1 133 LEU n 
1 134 LYS n 
1 135 HIS n 
1 136 GLY n 
1 137 ALA n 
1 138 ASP n 
1 139 VAL n 
1 140 ASN n 
1 141 ALA n 
1 142 GLN n 
1 143 ASP n 
1 144 LYS n 
1 145 PHE n 
1 146 GLY n 
1 147 LYS n 
1 148 THR n 
1 149 ALA n 
1 150 PHE n 
1 151 ASP n 
1 152 ILE n 
1 153 SER n 
1 154 ILE n 
1 155 ASP n 
1 156 ASN n 
1 157 GLY n 
1 158 ASN n 
1 159 GLU n 
1 160 ASP n 
1 161 LEU n 
1 162 ALA n 
1 163 GLU n 
1 164 ILE n 
1 165 LEU n 
1 166 GLN n 
# 
_entity_src_gen.entity_id                          1 
_entity_src_gen.pdbx_src_id                        1 
_entity_src_gen.pdbx_alt_source_flag               sample 
_entity_src_gen.pdbx_seq_type                      ? 
_entity_src_gen.pdbx_beg_seq_num                   ? 
_entity_src_gen.pdbx_end_seq_num                   ? 
_entity_src_gen.gene_src_common_name               ? 
_entity_src_gen.gene_src_genus                     ? 
_entity_src_gen.pdbx_gene_src_gene                 ? 
_entity_src_gen.gene_src_species                   ? 
_entity_src_gen.gene_src_strain                    ? 
_entity_src_gen.gene_src_tissue                    ? 
_entity_src_gen.gene_src_tissue_fraction           ? 
_entity_src_gen.gene_src_details                   ? 
_entity_src_gen.pdbx_gene_src_fragment             ? 
_entity_src_gen.pdbx_gene_src_scientific_name      'Designed synthetic gene' 
_entity_src_gen.pdbx_gene_src_ncbi_taxonomy_id     ? 
_entity_src_gen.pdbx_gene_src_variant              ? 
_entity_src_gen.pdbx_gene_src_cell_line            ? 
_entity_src_gen.pdbx_gene_src_atcc                 ? 
_entity_src_gen.pdbx_gene_src_organ                ? 
_entity_src_gen.pdbx_gene_src_organelle            ? 
_entity_src_gen.pdbx_gene_src_cell                 ? 
_entity_src_gen.pdbx_gene_src_cellular_location    ? 
_entity_src_gen.host_org_common_name               ? 
_entity_src_gen.pdbx_host_org_scientific_name      'Escherichia coli' 
_entity_src_gen.pdbx_host_org_ncbi_taxonomy_id     562 
_entity_src_gen.host_org_genus                     Escherichia 
_entity_src_gen.pdbx_host_org_gene                 ? 
_entity_src_gen.pdbx_host_org_organ                ? 
_entity_src_gen.host_org_species                   ? 
_entity_src_gen.pdbx_host_org_tissue               ? 
_entity_src_gen.pdbx_host_org_tissue_fraction      ? 
_entity_src_gen.pdbx_host_org_strain               'XL1 blue' 
_entity_src_gen.pdbx_host_org_variant              ? 
_entity_src_gen.pdbx_host_org_cell_line            ? 
_entity_src_gen.pdbx_host_org_atcc                 ? 
_entity_src_gen.pdbx_host_org_culture_collection   ? 
_entity_src_gen.pdbx_host_org_cell                 ? 
_entity_src_gen.pdbx_host_org_organelle            ? 
_entity_src_gen.pdbx_host_org_cellular_location    ? 
_entity_src_gen.pdbx_host_org_vector_type          plasmid 
_entity_src_gen.pdbx_host_org_vector               ? 
_entity_src_gen.host_org_details                   ? 
_entity_src_gen.expression_system_id               ? 
_entity_src_gen.plasmid_name                       'pQE30 derivative' 
_entity_src_gen.plasmid_details                    ? 
_entity_src_gen.pdbx_description                   ? 
# 
loop_
_chem_comp.id 
_chem_comp.type 
_chem_comp.mon_nstd_flag 
_chem_comp.name 
_chem_comp.pdbx_synonyms 
_chem_comp.formula 
_chem_comp.formula_weight 
ALA 'L-peptide linking' y ALANINE                                  ?             'C3 H7 N O2'     89.093  
ARG 'L-peptide linking' y ARGININE                                 ?             'C6 H15 N4 O2 1' 175.209 
ASN 'L-peptide linking' y ASPARAGINE                               ?             'C4 H8 N2 O3'    132.118 
ASP 'L-peptide linking' y 'ASPARTIC ACID'                          ?             'C4 H7 N O4'     133.103 
GLN 'L-peptide linking' y GLUTAMINE                                ?             'C5 H10 N2 O3'   146.144 
GLU 'L-peptide linking' y 'GLUTAMIC ACID'                          ?             'C5 H9 N O4'     147.129 
GLY 'peptide linking'   y GLYCINE                                  ?             'C2 H5 N O2'     75.067  
HIS 'L-peptide linking' y HISTIDINE                                ?             'C6 H10 N3 O2 1' 156.162 
HOH non-polymer         . WATER                                    ?             'H2 O'           18.015  
ILE 'L-peptide linking' y ISOLEUCINE                               ?             'C6 H13 N O2'    131.173 
LEU 'L-peptide linking' y LEUCINE                                  ?             'C6 H13 N O2'    131.173 
LYS 'L-peptide linking' y LYSINE                                   ?             'C6 H15 N2 O2 1' 147.195 
MET 'L-peptide linking' y METHIONINE                               ?             'C5 H11 N O2 S'  149.211 
PHE 'L-peptide linking' y PHENYLALANINE                            ?             'C9 H11 N O2'    165.189 
PRO 'L-peptide linking' y PROLINE                                  ?             'C5 H9 N O2'     115.130 
SER 'L-peptide linking' y SERINE                                   ?             'C3 H7 N O3'     105.093 
SO4 non-polymer         . 'SULFATE ION'                            ?             'O4 S -2'        96.063  
THR 'L-peptide linking' y THREONINE                                ?             'C4 H9 N O3'     119.119 
TRS non-polymer         . 2-AMINO-2-HYDROXYMETHYL-PROPANE-1,3-DIOL 'TRIS BUFFER' 'C4 H12 N O3 1'  122.143 
TYR 'L-peptide linking' y TYROSINE                                 ?             'C9 H11 N O3'    181.189 
VAL 'L-peptide linking' y VALINE                                   ?             'C5 H11 N O2'    117.146 
# 
loop_
_pdbx_poly_seq_scheme.asym_id 
_pdbx_poly_seq_scheme.entity_id 
_pdbx_poly_seq_scheme.seq_id 
_pdbx_poly_seq_scheme.mon_id 
_pdbx_poly_seq_scheme.ndb_seq_num 
_pdbx_poly_seq_scheme.pdb_seq_num 
_pdbx_poly_seq_scheme.auth_seq_num 
_pdbx_poly_seq_scheme.pdb_mon_id 
_pdbx_poly_seq_scheme.auth_mon_id 
_pdbx_poly_seq_scheme.pdb_strand_id 
_pdbx_poly_seq_scheme.pdb_ins_code 
_pdbx_poly_seq_scheme.hetero 
A 1 1   MET 1   1   ?   ?   ?   A . n 
A 1 2   ARG 2   2   ?   ?   ?   A . n 
A 1 3   GLY 3   3   ?   ?   ?   A . n 
A 1 4   SER 4   4   ?   ?   ?   A . n 
A 1 5   HIS 5   5   ?   ?   ?   A . n 
A 1 6   HIS 6   6   ?   ?   ?   A . n 
A 1 7   HIS 7   7   ?   ?   ?   A . n 
A 1 8   HIS 8   8   ?   ?   ?   A . n 
A 1 9   HIS 9   9   ?   ?   ?   A . n 
A 1 10  HIS 10  10  ?   ?   ?   A . n 
A 1 11  GLY 11  11  11  GLY GLY A . n 
A 1 12  SER 12  12  12  SER SER A . n 
A 1 13  ASP 13  13  13  ASP ASP A . n 
A 1 14  LEU 14  14  14  LEU LEU A . n 
A 1 15  GLY 15  15  15  GLY GLY A . n 
A 1 16  LYS 16  16  16  LYS LYS A . n 
A 1 17  LYS 17  17  17  LYS LYS A . n 
A 1 18  LEU 18  18  18  LEU LEU A . n 
A 1 19  LEU 19  19  19  LEU LEU A . n 
A 1 20  GLU 20  20  20  GLU GLU A . n 
A 1 21  ALA 21  21  21  ALA ALA A . n 
A 1 22  ALA 22  22  22  ALA ALA A . n 
A 1 23  ARG 23  23  23  ARG ARG A . n 
A 1 24  ALA 24  24  24  ALA ALA A . n 
A 1 25  GLY 25  25  25  GLY GLY A . n 
A 1 26  GLN 26  26  26  GLN GLN A . n 
A 1 27  ASP 27  27  27  ASP ASP A . n 
A 1 28  ASP 28  28  28  ASP ASP A . n 
A 1 29  GLU 29  29  29  GLU GLU A . n 
A 1 30  VAL 30  30  30  VAL VAL A . n 
A 1 31  ARG 31  31  31  ARG ARG A . n 
A 1 32  ILE 32  32  32  ILE ILE A . n 
A 1 33  LEU 33  33  33  LEU LEU A . n 
A 1 34  MET 34  34  34  MET MET A . n 
A 1 35  ALA 35  35  35  ALA ALA A . n 
A 1 36  ASN 36  36  36  ASN ASN A . n 
A 1 37  GLY 37  37  37  GLY GLY A . n 
A 1 38  ALA 38  38  38  ALA ALA A . n 
A 1 39  ASP 39  39  39  ASP ASP A . n 
A 1 40  VAL 40  40  40  VAL VAL A . n 
A 1 41  ASN 41  41  41  ASN ASN A . n 
A 1 42  ALA 42  42  42  ALA ALA A . n 
A 1 43  THR 43  43  43  THR THR A . n 
A 1 44  ASP 44  44  44  ASP ASP A . n 
A 1 45  ASN 45  45  45  ASN ASN A . n 
A 1 46  ASP 46  46  46  ASP ASP A . n 
A 1 47  GLY 47  47  47  GLY GLY A . n 
A 1 48  TYR 48  48  48  TYR TYR A . n 
A 1 49  THR 49  49  49  THR THR A . n 
A 1 50  PRO 50  50  50  PRO PRO A . n 
A 1 51  LEU 51  51  51  LEU LEU A . n 
A 1 52  HIS 52  52  52  HIS HIS A . n 
A 1 53  LEU 53  53  53  LEU LEU A . n 
A 1 54  ALA 54  54  54  ALA ALA A . n 
A 1 55  ALA 55  55  55  ALA ALA A . n 
A 1 56  SER 56  56  56  SER SER A . n 
A 1 57  ASN 57  57  57  ASN ASN A . n 
A 1 58  GLY 58  58  58  GLY GLY A . n 
A 1 59  HIS 59  59  59  HIS HIS A . n 
A 1 60  LEU 60  60  60  LEU LEU A . n 
A 1 61  GLU 61  61  61  GLU GLU A . n 
A 1 62  ILE 62  62  62  ILE ILE A . n 
A 1 63  VAL 63  63  63  VAL VAL A . n 
A 1 64  GLU 64  64  64  GLU GLU A . n 
A 1 65  VAL 65  65  65  VAL VAL A . n 
A 1 66  LEU 66  66  66  LEU LEU A . n 
A 1 67  LEU 67  67  67  LEU LEU A . n 
A 1 68  LYS 68  68  68  LYS LYS A . n 
A 1 69  ASN 69  69  69  ASN ASN A . n 
A 1 70  GLY 70  70  70  GLY GLY A . n 
A 1 71  ALA 71  71  71  ALA ALA A . n 
A 1 72  ASP 72  72  72  ASP ASP A . n 
A 1 73  VAL 73  73  73  VAL VAL A . n 
A 1 74  ASN 74  74  74  ASN ASN A . n 
A 1 75  ALA 75  75  75  ALA ALA A . n 
A 1 76  SER 76  76  76  SER SER A . n 
A 1 77  ASP 77  77  77  ASP ASP A . n 
A 1 78  LEU 78  78  78  LEU LEU A . n 
A 1 79  THR 79  79  79  THR THR A . n 
A 1 80  GLY 80  80  80  GLY GLY A . n 
A 1 81  ILE 81  81  81  ILE ILE A . n 
A 1 82  THR 82  82  82  THR THR A . n 
A 1 83  PRO 83  83  83  PRO PRO A . n 
A 1 84  LEU 84  84  84  LEU LEU A . n 
A 1 85  HIS 85  85  85  HIS HIS A . n 
A 1 86  LEU 86  86  86  LEU LEU A . n 
A 1 87  ALA 87  87  87  ALA ALA A . n 
A 1 88  ALA 88  88  88  ALA ALA A . n 
A 1 89  ALA 89  89  89  ALA ALA A . n 
A 1 90  THR 90  90  90  THR THR A . n 
A 1 91  GLY 91  91  91  GLY GLY A . n 
A 1 92  HIS 92  92  92  HIS HIS A . n 
A 1 93  LEU 93  93  93  LEU LEU A . n 
A 1 94  GLU 94  94  94  GLU GLU A . n 
A 1 95  ILE 95  95  95  ILE ILE A . n 
A 1 96  VAL 96  96  96  VAL VAL A . n 
A 1 97  GLU 97  97  97  GLU GLU A . n 
A 1 98  VAL 98  98  98  VAL VAL A . n 
A 1 99  LEU 99  99  99  LEU LEU A . n 
A 1 100 LEU 100 100 100 LEU LEU A . n 
A 1 101 LYS 101 101 101 LYS LYS A . n 
A 1 102 HIS 102 102 102 HIS HIS A . n 
A 1 103 GLY 103 103 103 GLY GLY A . n 
A 1 104 ALA 104 104 104 ALA ALA A . n 
A 1 105 ASP 105 105 105 ASP ASP A . n 
A 1 106 VAL 106 106 106 VAL VAL A . n 
A 1 107 ASN 107 107 107 ASN ASN A . n 
A 1 108 ALA 108 108 108 ALA ALA A . n 
A 1 109 TYR 109 109 109 TYR TYR A . n 
A 1 110 ASP 110 110 110 ASP ASP A . n 
A 1 111 ASN 111 111 111 ASN ASN A . n 
A 1 112 ASP 112 112 112 ASP ASP A . n 
A 1 113 GLY 113 113 113 GLY GLY A . n 
A 1 114 HIS 114 114 114 HIS HIS A . n 
A 1 115 THR 115 115 115 THR THR A . n 
A 1 116 PRO 116 116 116 PRO PRO A . n 
A 1 117 LEU 117 117 117 LEU LEU A . n 
A 1 118 HIS 118 118 118 HIS HIS A . n 
A 1 119 LEU 119 119 119 LEU LEU A . n 
A 1 120 ALA 120 120 120 ALA ALA A . n 
A 1 121 ALA 121 121 121 ALA ALA A . n 
A 1 122 LYS 122 122 122 LYS LYS A . n 
A 1 123 TYR 123 123 123 TYR TYR A . n 
A 1 124 GLY 124 124 124 GLY GLY A . n 
A 1 125 HIS 125 125 125 HIS HIS A . n 
A 1 126 LEU 126 126 126 LEU LEU A . n 
A 1 127 GLU 127 127 127 GLU GLU A . n 
A 1 128 ILE 128 128 128 ILE ILE A . n 
A 1 129 VAL 129 129 129 VAL VAL A . n 
A 1 130 GLU 130 130 130 GLU GLU A . n 
A 1 131 VAL 131 131 131 VAL VAL A . n 
A 1 132 LEU 132 132 132 LEU LEU A . n 
A 1 133 LEU 133 133 133 LEU LEU A . n 
A 1 134 LYS 134 134 134 LYS LYS A . n 
A 1 135 HIS 135 135 135 HIS HIS A . n 
A 1 136 GLY 136 136 136 GLY GLY A . n 
A 1 137 ALA 137 137 137 ALA ALA A . n 
A 1 138 ASP 138 138 138 ASP ASP A . n 
A 1 139 VAL 139 139 139 VAL VAL A . n 
A 1 140 ASN 140 140 140 ASN ASN A . n 
A 1 141 ALA 141 141 141 ALA ALA A . n 
A 1 142 GLN 142 142 142 GLN GLN A . n 
A 1 143 ASP 143 143 143 ASP ASP A . n 
A 1 144 LYS 144 144 144 LYS LYS A . n 
A 1 145 PHE 145 145 145 PHE PHE A . n 
A 1 146 GLY 146 146 146 GLY GLY A . n 
A 1 147 LYS 147 147 147 LYS LYS A . n 
A 1 148 THR 148 148 148 THR THR A . n 
A 1 149 ALA 149 149 149 ALA ALA A . n 
A 1 150 PHE 150 150 150 PHE PHE A . n 
A 1 151 ASP 151 151 151 ASP ASP A . n 
A 1 152 ILE 152 152 152 ILE ILE A . n 
A 1 153 SER 153 153 153 SER SER A . n 
A 1 154 ILE 154 154 154 ILE ILE A . n 
A 1 155 ASP 155 155 155 ASP ASP A . n 
A 1 156 ASN 156 156 156 ASN ASN A . n 
A 1 157 GLY 157 157 157 GLY GLY A . n 
A 1 158 ASN 158 158 158 ASN ASN A . n 
A 1 159 GLU 159 159 159 GLU GLU A . n 
A 1 160 ASP 160 160 160 ASP ASP A . n 
A 1 161 LEU 161 161 161 LEU LEU A . n 
A 1 162 ALA 162 162 162 ALA ALA A . n 
A 1 163 GLU 163 163 163 GLU GLU A . n 
A 1 164 ILE 164 164 164 ILE ILE A . n 
A 1 165 LEU 165 165 165 LEU LEU A . n 
A 1 166 GLN 166 166 166 GLN GLN A . n 
# 
loop_
_pdbx_nonpoly_scheme.asym_id 
_pdbx_nonpoly_scheme.entity_id 
_pdbx_nonpoly_scheme.mon_id 
_pdbx_nonpoly_scheme.ndb_seq_num 
_pdbx_nonpoly_scheme.pdb_seq_num 
_pdbx_nonpoly_scheme.auth_seq_num 
_pdbx_nonpoly_scheme.pdb_mon_id 
_pdbx_nonpoly_scheme.auth_mon_id 
_pdbx_nonpoly_scheme.pdb_strand_id 
_pdbx_nonpoly_scheme.pdb_ins_code 
B 2 SO4 1   201 1   SO4 SO4 A . 
C 2 SO4 1   202 1   SO4 SO4 A . 
D 3 TRS 1   200 1   TRS TRS A . 
E 4 HOH 1   203 1   HOH HOH A . 
E 4 HOH 2   204 2   HOH HOH A . 
E 4 HOH 3   205 3   HOH HOH A . 
E 4 HOH 4   206 4   HOH HOH A . 
E 4 HOH 5   207 5   HOH HOH A . 
E 4 HOH 6   208 6   HOH HOH A . 
E 4 HOH 7   209 7   HOH HOH A . 
E 4 HOH 8   210 8   HOH HOH A . 
E 4 HOH 9   211 9   HOH HOH A . 
E 4 HOH 10  212 10  HOH HOH A . 
E 4 HOH 11  213 11  HOH HOH A . 
E 4 HOH 12  214 12  HOH HOH A . 
E 4 HOH 13  215 13  HOH HOH A . 
E 4 HOH 14  216 14  HOH HOH A . 
E 4 HOH 15  217 15  HOH HOH A . 
E 4 HOH 16  218 16  HOH HOH A . 
E 4 HOH 17  219 17  HOH HOH A . 
E 4 HOH 18  220 18  HOH HOH A . 
E 4 HOH 19  221 19  HOH HOH A . 
E 4 HOH 20  222 20  HOH HOH A . 
E 4 HOH 21  223 21  HOH HOH A . 
E 4 HOH 22  224 22  HOH HOH A . 
E 4 HOH 23  225 23  HOH HOH A . 
E 4 HOH 24  226 24  HOH HOH A . 
E 4 HOH 25  227 25  HOH HOH A . 
E 4 HOH 26  228 26  HOH HOH A . 
E 4 HOH 27  229 27  HOH HOH A . 
E 4 HOH 28  230 28  HOH HOH A . 
E 4 HOH 29  231 29  HOH HOH A . 
E 4 HOH 30  232 30  HOH HOH A . 
E 4 HOH 31  233 31  HOH HOH A . 
E 4 HOH 32  234 32  HOH HOH A . 
E 4 HOH 33  235 33  HOH HOH A . 
E 4 HOH 34  236 34  HOH HOH A . 
E 4 HOH 35  237 35  HOH HOH A . 
E 4 HOH 36  238 36  HOH HOH A . 
E 4 HOH 37  239 37  HOH HOH A . 
E 4 HOH 38  240 38  HOH HOH A . 
E 4 HOH 39  241 40  HOH HOH A . 
E 4 HOH 40  242 41  HOH HOH A . 
E 4 HOH 41  243 43  HOH HOH A . 
E 4 HOH 42  244 44  HOH HOH A . 
E 4 HOH 43  245 45  HOH HOH A . 
E 4 HOH 44  246 46  HOH HOH A . 
E 4 HOH 45  247 47  HOH HOH A . 
E 4 HOH 46  248 48  HOH HOH A . 
E 4 HOH 47  249 49  HOH HOH A . 
E 4 HOH 48  250 50  HOH HOH A . 
E 4 HOH 49  251 51  HOH HOH A . 
E 4 HOH 50  252 52  HOH HOH A . 
E 4 HOH 51  253 53  HOH HOH A . 
E 4 HOH 52  254 54  HOH HOH A . 
E 4 HOH 53  255 57  HOH HOH A . 
E 4 HOH 54  256 58  HOH HOH A . 
E 4 HOH 55  257 59  HOH HOH A . 
E 4 HOH 56  258 60  HOH HOH A . 
E 4 HOH 57  259 61  HOH HOH A . 
E 4 HOH 58  260 62  HOH HOH A . 
E 4 HOH 59  261 63  HOH HOH A . 
E 4 HOH 60  262 64  HOH HOH A . 
E 4 HOH 61  263 65  HOH HOH A . 
E 4 HOH 62  264 66  HOH HOH A . 
E 4 HOH 63  265 67  HOH HOH A . 
E 4 HOH 64  266 68  HOH HOH A . 
E 4 HOH 65  267 69  HOH HOH A . 
E 4 HOH 66  268 70  HOH HOH A . 
E 4 HOH 67  269 71  HOH HOH A . 
E 4 HOH 68  270 72  HOH HOH A . 
E 4 HOH 69  271 73  HOH HOH A . 
E 4 HOH 70  272 74  HOH HOH A . 
E 4 HOH 71  273 75  HOH HOH A . 
E 4 HOH 72  274 76  HOH HOH A . 
E 4 HOH 73  275 77  HOH HOH A . 
E 4 HOH 74  276 78  HOH HOH A . 
E 4 HOH 75  277 79  HOH HOH A . 
E 4 HOH 76  278 80  HOH HOH A . 
E 4 HOH 77  279 81  HOH HOH A . 
E 4 HOH 78  280 82  HOH HOH A . 
E 4 HOH 79  281 83  HOH HOH A . 
E 4 HOH 80  282 84  HOH HOH A . 
E 4 HOH 81  283 85  HOH HOH A . 
E 4 HOH 82  284 86  HOH HOH A . 
E 4 HOH 83  285 87  HOH HOH A . 
E 4 HOH 84  286 88  HOH HOH A . 
E 4 HOH 85  287 89  HOH HOH A . 
E 4 HOH 86  288 90  HOH HOH A . 
E 4 HOH 87  289 91  HOH HOH A . 
E 4 HOH 88  290 92  HOH HOH A . 
E 4 HOH 89  291 93  HOH HOH A . 
E 4 HOH 90  292 94  HOH HOH A . 
E 4 HOH 91  293 95  HOH HOH A . 
E 4 HOH 92  294 96  HOH HOH A . 
E 4 HOH 93  295 97  HOH HOH A . 
E 4 HOH 94  296 98  HOH HOH A . 
E 4 HOH 95  297 99  HOH HOH A . 
E 4 HOH 96  298 100 HOH HOH A . 
E 4 HOH 97  299 101 HOH HOH A . 
E 4 HOH 98  300 102 HOH HOH A . 
E 4 HOH 99  301 103 HOH HOH A . 
E 4 HOH 100 302 104 HOH HOH A . 
E 4 HOH 101 303 105 HOH HOH A . 
E 4 HOH 102 304 106 HOH HOH A . 
E 4 HOH 103 305 107 HOH HOH A . 
E 4 HOH 104 306 108 HOH HOH A . 
E 4 HOH 105 307 109 HOH HOH A . 
E 4 HOH 106 308 110 HOH HOH A . 
E 4 HOH 107 309 111 HOH HOH A . 
E 4 HOH 108 310 112 HOH HOH A . 
E 4 HOH 109 311 113 HOH HOH A . 
E 4 HOH 110 312 114 HOH HOH A . 
E 4 HOH 111 313 115 HOH HOH A . 
E 4 HOH 112 314 116 HOH HOH A . 
E 4 HOH 113 315 117 HOH HOH A . 
E 4 HOH 114 316 118 HOH HOH A . 
E 4 HOH 115 317 119 HOH HOH A . 
E 4 HOH 116 318 122 HOH HOH A . 
E 4 HOH 117 319 123 HOH HOH A . 
E 4 HOH 118 320 124 HOH HOH A . 
E 4 HOH 119 321 125 HOH HOH A . 
E 4 HOH 120 322 127 HOH HOH A . 
E 4 HOH 121 323 128 HOH HOH A . 
E 4 HOH 122 324 129 HOH HOH A . 
E 4 HOH 123 325 130 HOH HOH A . 
E 4 HOH 124 326 131 HOH HOH A . 
E 4 HOH 125 327 132 HOH HOH A . 
E 4 HOH 126 328 133 HOH HOH A . 
E 4 HOH 127 329 134 HOH HOH A . 
E 4 HOH 128 330 135 HOH HOH A . 
E 4 HOH 129 331 136 HOH HOH A . 
E 4 HOH 130 332 137 HOH HOH A . 
E 4 HOH 131 333 138 HOH HOH A . 
E 4 HOH 132 334 139 HOH HOH A . 
E 4 HOH 133 335 140 HOH HOH A . 
E 4 HOH 134 336 141 HOH HOH A . 
E 4 HOH 135 337 142 HOH HOH A . 
E 4 HOH 136 338 143 HOH HOH A . 
E 4 HOH 137 339 144 HOH HOH A . 
E 4 HOH 138 340 145 HOH HOH A . 
E 4 HOH 139 341 146 HOH HOH A . 
E 4 HOH 140 342 147 HOH HOH A . 
E 4 HOH 141 343 148 HOH HOH A . 
E 4 HOH 142 344 149 HOH HOH A . 
E 4 HOH 143 345 150 HOH HOH A . 
E 4 HOH 144 346 151 HOH HOH A . 
E 4 HOH 145 347 152 HOH HOH A . 
E 4 HOH 146 348 153 HOH HOH A . 
E 4 HOH 147 349 154 HOH HOH A . 
E 4 HOH 148 350 155 HOH HOH A . 
E 4 HOH 149 351 156 HOH HOH A . 
E 4 HOH 150 352 157 HOH HOH A . 
E 4 HOH 151 353 158 HOH HOH A . 
E 4 HOH 152 354 159 HOH HOH A . 
E 4 HOH 153 355 160 HOH HOH A . 
E 4 HOH 154 356 161 HOH HOH A . 
E 4 HOH 155 357 162 HOH HOH A . 
E 4 HOH 156 358 163 HOH HOH A . 
E 4 HOH 157 359 164 HOH HOH A . 
E 4 HOH 158 360 165 HOH HOH A . 
E 4 HOH 159 361 166 HOH HOH A . 
E 4 HOH 160 362 167 HOH HOH A . 
E 4 HOH 161 363 168 HOH HOH A . 
E 4 HOH 162 364 169 HOH HOH A . 
E 4 HOH 163 365 170 HOH HOH A . 
E 4 HOH 164 366 171 HOH HOH A . 
E 4 HOH 165 367 172 HOH HOH A . 
E 4 HOH 166 368 173 HOH HOH A . 
E 4 HOH 167 369 174 HOH HOH A . 
E 4 HOH 168 370 175 HOH HOH A . 
E 4 HOH 169 371 176 HOH HOH A . 
E 4 HOH 170 372 177 HOH HOH A . 
E 4 HOH 171 373 178 HOH HOH A . 
E 4 HOH 172 374 179 HOH HOH A . 
E 4 HOH 173 375 180 HOH HOH A . 
E 4 HOH 174 376 182 HOH HOH A . 
E 4 HOH 175 377 183 HOH HOH A . 
E 4 HOH 176 378 184 HOH HOH A . 
E 4 HOH 177 379 185 HOH HOH A . 
E 4 HOH 178 380 186 HOH HOH A . 
# 
loop_
_pdbx_unobs_or_zero_occ_atoms.id 
_pdbx_unobs_or_zero_occ_atoms.PDB_model_num 
_pdbx_unobs_or_zero_occ_atoms.polymer_flag 
_pdbx_unobs_or_zero_occ_atoms.occupancy_flag 
_pdbx_unobs_or_zero_occ_atoms.auth_asym_id 
_pdbx_unobs_or_zero_occ_atoms.auth_comp_id 
_pdbx_unobs_or_zero_occ_atoms.auth_seq_id 
_pdbx_unobs_or_zero_occ_atoms.PDB_ins_code 
_pdbx_unobs_or_zero_occ_atoms.auth_atom_id 
_pdbx_unobs_or_zero_occ_atoms.label_alt_id 
_pdbx_unobs_or_zero_occ_atoms.label_asym_id 
_pdbx_unobs_or_zero_occ_atoms.label_comp_id 
_pdbx_unobs_or_zero_occ_atoms.label_seq_id 
_pdbx_unobs_or_zero_occ_atoms.label_atom_id 
1  1 Y 0 A SER 12  ? N   ? A SER 12  N   
2  1 Y 0 A SER 12  ? O   ? A SER 12  O   
3  1 Y 0 A SER 12  ? CB  ? A SER 12  CB  
4  1 Y 0 A SER 12  ? OG  ? A SER 12  OG  
5  1 Y 0 A ASP 13  ? N   ? A ASP 13  N   
6  1 Y 0 A ASP 13  ? OD1 ? A ASP 13  OD1 
7  1 Y 0 A LYS 16  ? CD  ? A LYS 16  CD  
8  1 Y 0 A LYS 16  ? CE  ? A LYS 16  CE  
9  1 Y 0 A LYS 16  ? NZ  ? A LYS 16  NZ  
10 1 Y 0 A GLU 20  ? CD  ? A GLU 20  CD  
11 1 Y 0 A GLU 20  ? OE1 ? A GLU 20  OE1 
12 1 Y 0 A GLU 20  ? OE2 ? A GLU 20  OE2 
13 1 Y 0 A ASN 45  ? OD1 ? A ASN 45  OD1 
14 1 Y 0 A ASN 45  ? ND2 ? A ASN 45  ND2 
15 1 Y 0 A LYS 68  ? CG  ? A LYS 68  CG  
16 1 Y 0 A LYS 68  ? CD  ? A LYS 68  CD  
17 1 Y 0 A LYS 68  ? CE  ? A LYS 68  CE  
18 1 Y 0 A LYS 68  ? NZ  ? A LYS 68  NZ  
19 1 Y 0 A LEU 126 ? CD2 ? A LEU 126 CD2 
20 1 Y 0 A LYS 134 ? CD  ? A LYS 134 CD  
21 1 Y 0 A LYS 134 ? CE  ? A LYS 134 CE  
22 1 Y 0 A LYS 134 ? NZ  ? A LYS 134 NZ  
23 1 Y 0 A THR 148 ? CG2 ? A THR 148 CG2 
24 1 Y 0 A GLU 163 ? CD  ? A GLU 163 CD  
25 1 Y 0 A GLU 163 ? OE1 ? A GLU 163 OE1 
26 1 Y 0 A GLU 163 ? OE2 ? A GLU 163 OE2 
# 
loop_
_software.name 
_software.classification 
_software.version 
_software.citation_id 
_software.pdbx_ordinal 
DENZO     'data reduction' .   ? 1 
SCALEPACK 'data scaling'   .   ? 2 
AMoRE     phasing          .   ? 3 
REFMAC    refinement       5.0 ? 4 
# 
_cell.entry_id           1MJ0 
_cell.length_a           73.864 
_cell.length_b           47.360 
_cell.length_c           47.003 
_cell.angle_alpha        90.00 
_cell.angle_beta         90.00 
_cell.angle_gamma        90.00 
_cell.Z_PDB              4 
_cell.pdbx_unique_axis   ? 
# 
_symmetry.entry_id                         1MJ0 
_symmetry.space_group_name_H-M             'P 21 21 2' 
_symmetry.pdbx_full_space_group_name_H-M   ? 
_symmetry.cell_setting                     ? 
_symmetry.Int_Tables_number                18 
# 
_exptl.entry_id          1MJ0 
_exptl.method            'X-RAY DIFFRACTION' 
_exptl.crystals_number   1 
# 
_exptl_crystal.id                    1 
_exptl_crystal.density_meas          ? 
_exptl_crystal.density_percent_sol   46.91 
_exptl_crystal.density_Matthews      2.32 
_exptl_crystal.description           ? 
# 
_exptl_crystal_grow.crystal_id      1 
_exptl_crystal_grow.method          'VAPOR DIFFUSION, HANGING DROP' 
_exptl_crystal_grow.temp            293 
_exptl_crystal_grow.temp_details    ? 
_exptl_crystal_grow.pH              4.8 
_exptl_crystal_grow.pdbx_details    'PEG 4000, Li2SO4, NH4OAc, pH 4.8, VAPOR DIFFUSION, HANGING DROP, temperature 293K' 
_exptl_crystal_grow.pdbx_pH_range   . 
# 
_diffrn.id                     1 
_diffrn.ambient_temp           100 
_diffrn.ambient_temp_details   ? 
_diffrn.crystal_id             1 
# 
_diffrn_detector.diffrn_id              1 
_diffrn_detector.detector               'IMAGE PLATE' 
_diffrn_detector.type                   MARRESEARCH 
_diffrn_detector.pdbx_collection_date   2001-09-25 
_diffrn_detector.details                ? 
# 
_diffrn_radiation.diffrn_id                        1 
_diffrn_radiation.wavelength_id                    1 
_diffrn_radiation.pdbx_monochromatic_or_laue_m_l   M 
_diffrn_radiation.monochromator                    'Mirror, Biophysics' 
_diffrn_radiation.pdbx_diffrn_protocol             'SINGLE WAVELENGTH' 
_diffrn_radiation.pdbx_scattering_type             x-ray 
# 
_diffrn_radiation_wavelength.id           1 
_diffrn_radiation_wavelength.wavelength   1.5418 
_diffrn_radiation_wavelength.wt           1.0 
# 
_diffrn_source.diffrn_id                   1 
_diffrn_source.source                      'ROTATING ANODE' 
_diffrn_source.type                        OTHER 
_diffrn_source.pdbx_synchrotron_site       ? 
_diffrn_source.pdbx_synchrotron_beamline   ? 
_diffrn_source.pdbx_wavelength             ? 
_diffrn_source.pdbx_wavelength_list        1.5418 
# 
_reflns.entry_id                     1MJ0 
_reflns.observed_criterion_sigma_F   0.0 
_reflns.observed_criterion_sigma_I   -3 
_reflns.d_resolution_high            2.02 
_reflns.d_resolution_low             20.0 
_reflns.number_all                   11291 
_reflns.number_obs                   11091 
_reflns.percent_possible_obs         99.5 
_reflns.pdbx_Rmerge_I_obs            ? 
_reflns.pdbx_Rsym_value              0.1 
_reflns.pdbx_netI_over_sigmaI        20.3 
_reflns.B_iso_Wilson_estimate        25.2 
_reflns.pdbx_redundancy              15.4 
_reflns.R_free_details               ? 
_reflns.limit_h_max                  ? 
_reflns.limit_h_min                  ? 
_reflns.limit_k_max                  ? 
_reflns.limit_k_min                  ? 
_reflns.limit_l_max                  ? 
_reflns.limit_l_min                  ? 
_reflns.observed_criterion_F_max     ? 
_reflns.observed_criterion_F_min     ? 
_reflns.pdbx_diffrn_id               1 
_reflns.pdbx_ordinal                 1 
# 
_reflns_shell.d_res_high             2.02 
_reflns_shell.d_res_low              2.09 
_reflns_shell.percent_possible_all   83.8 
_reflns_shell.Rmerge_I_obs           0.33 
_reflns_shell.pdbx_Rsym_value        0.33 
_reflns_shell.meanI_over_sigI_obs    48.8 
_reflns_shell.pdbx_redundancy        ? 
_reflns_shell.percent_possible_obs   ? 
_reflns_shell.number_unique_all      917 
_reflns_shell.pdbx_diffrn_id         ? 
_reflns_shell.pdbx_ordinal           1 
# 
_refine.entry_id                                 1MJ0 
_refine.ls_number_reflns_obs                     9924 
_refine.ls_number_reflns_all                     11091 
_refine.pdbx_ls_sigma_I                          2.0 
_refine.pdbx_ls_sigma_F                          0.0 
_refine.pdbx_data_cutoff_high_absF               ? 
_refine.pdbx_data_cutoff_low_absF                ? 
_refine.ls_d_res_low                             20.00 
_refine.ls_d_res_high                            2.031 
_refine.ls_percent_reflns_obs                    99.45 
_refine.ls_R_factor_obs                          0.18432 
_refine.ls_R_factor_all                          ? 
_refine.ls_R_factor_R_work                       0.17917 
_refine.ls_R_factor_R_free                       0.22971 
_refine.ls_R_factor_R_free_error                 ? 
_refine.ls_R_factor_R_free_error_details         ? 
_refine.ls_percent_reflns_R_free                 10.3 
_refine.ls_number_reflns_R_free                  1140 
_refine.ls_number_parameters                     ? 
_refine.ls_number_restraints                     ? 
_refine.occupancy_min                            ? 
_refine.occupancy_max                            ? 
_refine.correlation_coeff_Fo_to_Fc               0.945 
_refine.correlation_coeff_Fo_to_Fc_free          0.916 
_refine.B_iso_mean                               17.984 
_refine.aniso_B[1][1]                            1.30 
_refine.aniso_B[2][2]                            -0.51 
_refine.aniso_B[3][3]                            -0.79 
_refine.aniso_B[1][2]                            0.00 
_refine.aniso_B[1][3]                            0.00 
_refine.aniso_B[2][3]                            0.00 
_refine.solvent_model_details                    'BABINET MODEL WITH MASK' 
_refine.solvent_model_param_ksol                 ? 
_refine.solvent_model_param_bsol                 ? 
_refine.pdbx_solvent_vdw_probe_radii             1.4 
_refine.pdbx_solvent_ion_probe_radii             .8 
_refine.pdbx_solvent_shrinkage_radii             0.80 
_refine.pdbx_ls_cross_valid_method               THROUGHOUT 
_refine.details                                  ? 
_refine.pdbx_starting_model                      'PDB ENTRY 1AWC' 
_refine.pdbx_method_to_determine_struct          'MOLECULAR REPLACEMENT' 
_refine.pdbx_isotropic_thermal_model             ? 
_refine.pdbx_stereochemistry_target_values       'MAXIMUM LIKELIHOOD' 
_refine.pdbx_stereochem_target_val_spec_case     ? 
_refine.pdbx_R_Free_selection_details            RANDOM 
_refine.pdbx_overall_ESU_R_Free                  .18 
_refine.overall_SU_B                             7.445 
_refine.ls_redundancy_reflns_obs                 ? 
_refine.B_iso_min                                ? 
_refine.B_iso_max                                ? 
_refine.overall_SU_R_Cruickshank_DPI             ? 
_refine.overall_SU_R_free                        ? 
_refine.overall_SU_ML                            .211 
_refine.pdbx_overall_ESU_R                       .209 
_refine.pdbx_data_cutoff_high_rms_absF           ? 
_refine.pdbx_refine_id                           'X-RAY DIFFRACTION' 
_refine.pdbx_diffrn_id                           1 
_refine.pdbx_TLS_residual_ADP_flag               ? 
_refine.pdbx_overall_phase_error                 ? 
_refine.pdbx_overall_SU_R_free_Cruickshank_DPI   ? 
_refine.pdbx_overall_SU_R_Blow_DPI               ? 
_refine.pdbx_overall_SU_R_free_Blow_DPI          ? 
# 
_refine_hist.pdbx_refine_id                   'X-RAY DIFFRACTION' 
_refine_hist.cycle_id                         LAST 
_refine_hist.pdbx_number_atoms_protein        1194 
_refine_hist.pdbx_number_atoms_nucleic_acid   0 
_refine_hist.pdbx_number_atoms_ligand         18 
_refine_hist.number_atoms_solvent             178 
_refine_hist.number_atoms_total               1390 
_refine_hist.d_res_high                       2.031 
_refine_hist.d_res_low                        20.00 
# 
loop_
_refine_ls_restr.type 
_refine_ls_restr.dev_ideal 
_refine_ls_restr.dev_ideal_target 
_refine_ls_restr.weight 
_refine_ls_restr.number 
_refine_ls_restr.pdbx_refine_id 
_refine_ls_restr.pdbx_restraint_function 
r_bond_refined_d         0.022  0.021  ? 1200 'X-RAY DIFFRACTION' ? 
r_bond_other_d           ?      ?      ? ?    'X-RAY DIFFRACTION' ? 
r_angle_refined_deg      1.926  1.969  ? 1639 'X-RAY DIFFRACTION' ? 
r_angle_other_deg        ?      ?      ? ?    'X-RAY DIFFRACTION' ? 
r_dihedral_angle_1_deg   4.097  3.000  ? 162  'X-RAY DIFFRACTION' ? 
r_dihedral_angle_3_deg   14.959 15.000 ? 189  'X-RAY DIFFRACTION' ? 
r_chiral_restr           0.131  0.200  ? 189  'X-RAY DIFFRACTION' ? 
r_gen_planes_refined     0.009  0.020  ? 906  'X-RAY DIFFRACTION' ? 
r_gen_planes_other       ?      ?      ? ?    'X-RAY DIFFRACTION' ? 
r_nbd_refined            0.271  0.300  ? 668  'X-RAY DIFFRACTION' ? 
r_nbd_other              ?      ?      ? ?    'X-RAY DIFFRACTION' ? 
r_nbtor_other            ?      ?      ? ?    'X-RAY DIFFRACTION' ? 
r_xyhbond_nbd_refined    0.185  0.500  ? 121  'X-RAY DIFFRACTION' ? 
r_xyhbond_nbd_other      ?      ?      ? ?    'X-RAY DIFFRACTION' ? 
r_symmetry_vdw_refined   0.277  0.300  ? 43   'X-RAY DIFFRACTION' ? 
r_symmetry_vdw_other     ?      ?      ? ?    'X-RAY DIFFRACTION' ? 
r_symmetry_hbond_refined 0.155  0.500  ? 12   'X-RAY DIFFRACTION' ? 
r_symmetry_hbond_other   ?      ?      ? ?    'X-RAY DIFFRACTION' ? 
r_mcbond_it              1.243  1.500  ? 783  'X-RAY DIFFRACTION' ? 
r_mcangle_it             2.047  2.000  ? 1245 'X-RAY DIFFRACTION' ? 
r_scbond_it              3.565  3.000  ? 417  'X-RAY DIFFRACTION' ? 
r_scangle_it             5.372  4.500  ? 394  'X-RAY DIFFRACTION' ? 
r_rigid_bond_restr       ?      ?      ? ?    'X-RAY DIFFRACTION' ? 
r_sphericity_free        ?      ?      ? ?    'X-RAY DIFFRACTION' ? 
r_sphericity_bonded      ?      ?      ? ?    'X-RAY DIFFRACTION' ? 
# 
_refine_ls_shell.pdbx_total_number_of_bins_used   20 
_refine_ls_shell.d_res_high                       2.031 
_refine_ls_shell.d_res_low                        2.083 
_refine_ls_shell.number_reflns_R_work             685 
_refine_ls_shell.R_factor_R_work                  0.197 
_refine_ls_shell.percent_reflns_obs               ? 
_refine_ls_shell.R_factor_R_free                  0.294 
_refine_ls_shell.R_factor_R_free_error            ? 
_refine_ls_shell.percent_reflns_R_free            ? 
_refine_ls_shell.number_reflns_R_free             54 
_refine_ls_shell.number_reflns_obs                ? 
_refine_ls_shell.redundancy_reflns_obs            ? 
_refine_ls_shell.number_reflns_all                ? 
_refine_ls_shell.pdbx_refine_id                   'X-RAY DIFFRACTION' 
_refine_ls_shell.R_factor_all                     ? 
# 
_struct.entry_id                  1MJ0 
_struct.title                     'SANK E3_5: an artificial Ankyrin repeat protein' 
_struct.pdbx_model_details        ? 
_struct.pdbx_CASP_flag            ? 
_struct.pdbx_model_type_details   ? 
# 
_struct_keywords.entry_id        1MJ0 
_struct_keywords.pdbx_keywords   'DE NOVO PROTEIN' 
_struct_keywords.text            'Ankyrin repeat, protein engineering, consensus, DE NOVO PROTEIN' 
# 
loop_
_struct_asym.id 
_struct_asym.pdbx_blank_PDB_chainid_flag 
_struct_asym.pdbx_modified 
_struct_asym.entity_id 
_struct_asym.details 
A N N 1 ? 
B N N 2 ? 
C N N 2 ? 
D N N 3 ? 
E N N 4 ? 
# 
_struct_ref.id                         1 
_struct_ref.db_name                    GB 
_struct_ref.db_code                    AY195853 
_struct_ref.entity_id                  1 
_struct_ref.pdbx_seq_one_letter_code   
;MRGSHHHHHHGSDLGKKLLEAARAGQDDEVRILMANGADVNATDNDGYTPLHLAASNGHLEIVEVLLKNGADVNASDLTG
ITPLHLAAATGHLEIVEVLLKHGADVNAYDNDGHTPLHLAAKYGHLEIVEVLLKHGADVNAQDKFGKTAFDISIDNGNED
LAEILQ
;
_struct_ref.pdbx_align_begin           ? 
_struct_ref.pdbx_db_accession          28274847 
_struct_ref.pdbx_db_isoform            ? 
# 
_struct_ref_seq.align_id                      1 
_struct_ref_seq.ref_id                        1 
_struct_ref_seq.pdbx_PDB_id_code              1MJ0 
_struct_ref_seq.pdbx_strand_id                A 
_struct_ref_seq.seq_align_beg                 1 
_struct_ref_seq.pdbx_seq_align_beg_ins_code   ? 
_struct_ref_seq.seq_align_end                 166 
_struct_ref_seq.pdbx_seq_align_end_ins_code   ? 
_struct_ref_seq.pdbx_db_accession             28274847 
_struct_ref_seq.db_align_beg                  1 
_struct_ref_seq.pdbx_db_align_beg_ins_code    ? 
_struct_ref_seq.db_align_end                  166 
_struct_ref_seq.pdbx_db_align_end_ins_code    ? 
_struct_ref_seq.pdbx_auth_seq_align_beg       1 
_struct_ref_seq.pdbx_auth_seq_align_end       166 
# 
_pdbx_struct_assembly.id                   1 
_pdbx_struct_assembly.details              author_defined_assembly 
_pdbx_struct_assembly.method_details       ? 
_pdbx_struct_assembly.oligomeric_details   monomeric 
_pdbx_struct_assembly.oligomeric_count     1 
# 
_pdbx_struct_assembly_gen.assembly_id       1 
_pdbx_struct_assembly_gen.oper_expression   1 
_pdbx_struct_assembly_gen.asym_id_list      A,B,C,D,E 
# 
_pdbx_struct_oper_list.id                   1 
_pdbx_struct_oper_list.type                 'identity operation' 
_pdbx_struct_oper_list.name                 1_555 
_pdbx_struct_oper_list.symmetry_operation   x,y,z 
_pdbx_struct_oper_list.matrix[1][1]         1.0000000000 
_pdbx_struct_oper_list.matrix[1][2]         0.0000000000 
_pdbx_struct_oper_list.matrix[1][3]         0.0000000000 
_pdbx_struct_oper_list.vector[1]            0.0000000000 
_pdbx_struct_oper_list.matrix[2][1]         0.0000000000 
_pdbx_struct_oper_list.matrix[2][2]         1.0000000000 
_pdbx_struct_oper_list.matrix[2][3]         0.0000000000 
_pdbx_struct_oper_list.vector[2]            0.0000000000 
_pdbx_struct_oper_list.matrix[3][1]         0.0000000000 
_pdbx_struct_oper_list.matrix[3][2]         0.0000000000 
_pdbx_struct_oper_list.matrix[3][3]         1.0000000000 
_pdbx_struct_oper_list.vector[3]            0.0000000000 
# 
_struct_biol.id                    1 
_struct_biol.pdbx_parent_biol_id   ? 
_struct_biol.details               ? 
# 
loop_
_struct_conf.conf_type_id 
_struct_conf.id 
_struct_conf.pdbx_PDB_helix_id 
_struct_conf.beg_label_comp_id 
_struct_conf.beg_label_asym_id 
_struct_conf.beg_label_seq_id 
_struct_conf.pdbx_beg_PDB_ins_code 
_struct_conf.end_label_comp_id 
_struct_conf.end_label_asym_id 
_struct_conf.end_label_seq_id 
_struct_conf.pdbx_end_PDB_ins_code 
_struct_conf.beg_auth_comp_id 
_struct_conf.beg_auth_asym_id 
_struct_conf.beg_auth_seq_id 
_struct_conf.end_auth_comp_id 
_struct_conf.end_auth_asym_id 
_struct_conf.end_auth_seq_id 
_struct_conf.pdbx_PDB_helix_class 
_struct_conf.details 
_struct_conf.pdbx_PDB_helix_length 
HELX_P HELX_P1  1  SER A 12  ? GLY A 25  ? SER A 12  GLY A 25  1 ? 14 
HELX_P HELX_P2  2  GLN A 26  ? ASN A 36  ? GLN A 26  ASN A 36  1 ? 11 
HELX_P HELX_P3  3  THR A 49  ? ASN A 57  ? THR A 49  ASN A 57  1 ? 9  
HELX_P HELX_P4  4  HIS A 59  ? ASN A 69  ? HIS A 59  ASN A 69  1 ? 11 
HELX_P HELX_P5  5  THR A 82  ? THR A 90  ? THR A 82  THR A 90  1 ? 9  
HELX_P HELX_P6  6  HIS A 92  ? HIS A 102 ? HIS A 92  HIS A 102 1 ? 11 
HELX_P HELX_P7  7  THR A 115 ? TYR A 123 ? THR A 115 TYR A 123 1 ? 9  
HELX_P HELX_P8  8  HIS A 125 ? HIS A 135 ? HIS A 125 HIS A 135 1 ? 11 
HELX_P HELX_P9  9  THR A 148 ? ASN A 156 ? THR A 148 ASN A 156 1 ? 9  
HELX_P HELX_P10 10 ASN A 158 ? LEU A 165 ? ASN A 158 LEU A 165 1 ? 8  
# 
_struct_conf_type.id          HELX_P 
_struct_conf_type.criteria    ? 
_struct_conf_type.reference   ? 
# 
loop_
_struct_site.id 
_struct_site.pdbx_evidence_code 
_struct_site.pdbx_auth_asym_id 
_struct_site.pdbx_auth_comp_id 
_struct_site.pdbx_auth_seq_id 
_struct_site.pdbx_auth_ins_code 
_struct_site.pdbx_num_residues 
_struct_site.details 
AC1 Software A SO4 201 ? 6 'BINDING SITE FOR RESIDUE SO4 A 201' 
AC2 Software A SO4 202 ? 8 'BINDING SITE FOR RESIDUE SO4 A 202' 
AC3 Software A TRS 200 ? 9 'BINDING SITE FOR RESIDUE TRS A 200' 
# 
loop_
_struct_site_gen.id 
_struct_site_gen.site_id 
_struct_site_gen.pdbx_num_res 
_struct_site_gen.label_comp_id 
_struct_site_gen.label_asym_id 
_struct_site_gen.label_seq_id 
_struct_site_gen.pdbx_auth_ins_code 
_struct_site_gen.auth_comp_id 
_struct_site_gen.auth_asym_id 
_struct_site_gen.auth_seq_id 
_struct_site_gen.label_atom_id 
_struct_site_gen.label_alt_id 
_struct_site_gen.symmetry 
_struct_site_gen.details 
1  AC1 6 GLY A 58  ? GLY A 58  . ? 1_555 ? 
2  AC1 6 LEU A 60  ? LEU A 60  . ? 1_555 ? 
3  AC1 6 GLU A 61  ? GLU A 61  . ? 1_555 ? 
4  AC1 6 HOH E .   ? HOH A 223 . ? 1_555 ? 
5  AC1 6 HOH E .   ? HOH A 299 . ? 1_555 ? 
6  AC1 6 HOH E .   ? HOH A 327 . ? 1_555 ? 
7  AC2 8 ARG A 23  ? ARG A 23  . ? 1_555 ? 
8  AC2 8 ARG A 31  ? ARG A 31  . ? 3_545 ? 
9  AC2 8 ASN A 57  ? ASN A 57  . ? 1_555 ? 
10 AC2 8 VAL A 65  ? VAL A 65  . ? 3_545 ? 
11 AC2 8 ASN A 69  ? ASN A 69  . ? 3_545 ? 
12 AC2 8 HOH E .   ? HOH A 253 . ? 3_545 ? 
13 AC2 8 HOH E .   ? HOH A 280 . ? 1_555 ? 
14 AC2 8 HOH E .   ? HOH A 352 . ? 1_555 ? 
15 AC3 9 GLY A 91  ? GLY A 91  . ? 1_555 ? 
16 AC3 9 HIS A 92  ? HIS A 92  . ? 1_555 ? 
17 AC3 9 LEU A 93  ? LEU A 93  . ? 1_555 ? 
18 AC3 9 GLU A 94  ? GLU A 94  . ? 1_555 ? 
19 AC3 9 ILE A 95  ? ILE A 95  . ? 1_555 ? 
20 AC3 9 ILE A 154 ? ILE A 154 . ? 3_556 ? 
21 AC3 9 HOH E .   ? HOH A 243 . ? 1_555 ? 
22 AC3 9 HOH E .   ? HOH A 307 . ? 3_556 ? 
23 AC3 9 HOH E .   ? HOH A 337 . ? 1_555 ? 
# 
_pdbx_entry_details.entry_id                   1MJ0 
_pdbx_entry_details.compound_details           ? 
_pdbx_entry_details.source_details             ? 
_pdbx_entry_details.nonpolymer_details         ? 
_pdbx_entry_details.sequence_details           ? 
_pdbx_entry_details.has_ligand_of_interest     ? 
_pdbx_entry_details.has_protein_modification   N 
# 
loop_
_pdbx_validate_close_contact.id 
_pdbx_validate_close_contact.PDB_model_num 
_pdbx_validate_close_contact.auth_atom_id_1 
_pdbx_validate_close_contact.auth_asym_id_1 
_pdbx_validate_close_contact.auth_comp_id_1 
_pdbx_validate_close_contact.auth_seq_id_1 
_pdbx_validate_close_contact.PDB_ins_code_1 
_pdbx_validate_close_contact.label_alt_id_1 
_pdbx_validate_close_contact.auth_atom_id_2 
_pdbx_validate_close_contact.auth_asym_id_2 
_pdbx_validate_close_contact.auth_comp_id_2 
_pdbx_validate_close_contact.auth_seq_id_2 
_pdbx_validate_close_contact.PDB_ins_code_2 
_pdbx_validate_close_contact.label_alt_id_2 
_pdbx_validate_close_contact.dist 
1 1 N   A ASP 13  ? ? N A LEU 14  ? ? 1.51 
2 1 CA  A GLY 11  ? ? N A SER 12  ? ? 1.71 
3 1 N   A GLU 94  ? ? N A TRS 200 ? ? 2.04 
4 1 OH  A TYR 109 ? B O A GLN 142 ? ? 2.13 
5 1 OE2 A GLU 29  ? ? O A HOH 252 ? ? 2.19 
# 
loop_
_pdbx_validate_rmsd_bond.id 
_pdbx_validate_rmsd_bond.PDB_model_num 
_pdbx_validate_rmsd_bond.auth_atom_id_1 
_pdbx_validate_rmsd_bond.auth_asym_id_1 
_pdbx_validate_rmsd_bond.auth_comp_id_1 
_pdbx_validate_rmsd_bond.auth_seq_id_1 
_pdbx_validate_rmsd_bond.PDB_ins_code_1 
_pdbx_validate_rmsd_bond.label_alt_id_1 
_pdbx_validate_rmsd_bond.auth_atom_id_2 
_pdbx_validate_rmsd_bond.auth_asym_id_2 
_pdbx_validate_rmsd_bond.auth_comp_id_2 
_pdbx_validate_rmsd_bond.auth_seq_id_2 
_pdbx_validate_rmsd_bond.PDB_ins_code_2 
_pdbx_validate_rmsd_bond.label_alt_id_2 
_pdbx_validate_rmsd_bond.bond_value 
_pdbx_validate_rmsd_bond.bond_target_value 
_pdbx_validate_rmsd_bond.bond_deviation 
_pdbx_validate_rmsd_bond.bond_standard_deviation 
_pdbx_validate_rmsd_bond.linker_flag 
1 1 C  A GLY 11  ? ? N  A SER 12  ? ? 1.038 1.336 -0.298 0.023 Y 
2 1 N  A SER 12  ? ? CA A SER 12  ? ? 1.624 1.459 0.165  0.020 N 
3 1 CA A SER 12  ? ? CB A SER 12  ? ? 1.361 1.525 -0.164 0.015 N 
4 1 C  A SER 12  ? ? N  A ASP 13  ? ? 1.518 1.336 0.182  0.023 Y 
5 1 N  A ASP 13  ? ? CA A ASP 13  ? ? 1.850 1.459 0.391  0.020 N 
6 1 CG A GLU 20  ? ? CD A GLU 20  ? ? 1.411 1.515 -0.104 0.015 N 
7 1 CG A GLU 163 ? ? CD A GLU 163 ? ? 1.633 1.515 0.118  0.015 N 
# 
loop_
_pdbx_validate_rmsd_angle.id 
_pdbx_validate_rmsd_angle.PDB_model_num 
_pdbx_validate_rmsd_angle.auth_atom_id_1 
_pdbx_validate_rmsd_angle.auth_asym_id_1 
_pdbx_validate_rmsd_angle.auth_comp_id_1 
_pdbx_validate_rmsd_angle.auth_seq_id_1 
_pdbx_validate_rmsd_angle.PDB_ins_code_1 
_pdbx_validate_rmsd_angle.label_alt_id_1 
_pdbx_validate_rmsd_angle.auth_atom_id_2 
_pdbx_validate_rmsd_angle.auth_asym_id_2 
_pdbx_validate_rmsd_angle.auth_comp_id_2 
_pdbx_validate_rmsd_angle.auth_seq_id_2 
_pdbx_validate_rmsd_angle.PDB_ins_code_2 
_pdbx_validate_rmsd_angle.label_alt_id_2 
_pdbx_validate_rmsd_angle.auth_atom_id_3 
_pdbx_validate_rmsd_angle.auth_asym_id_3 
_pdbx_validate_rmsd_angle.auth_comp_id_3 
_pdbx_validate_rmsd_angle.auth_seq_id_3 
_pdbx_validate_rmsd_angle.PDB_ins_code_3 
_pdbx_validate_rmsd_angle.label_alt_id_3 
_pdbx_validate_rmsd_angle.angle_value 
_pdbx_validate_rmsd_angle.angle_target_value 
_pdbx_validate_rmsd_angle.angle_deviation 
_pdbx_validate_rmsd_angle.angle_standard_deviation 
_pdbx_validate_rmsd_angle.linker_flag 
1  1 CA A GLY 11  ? ? C  A GLY 11  ? ? N   A SER 12  ? ? 81.63  117.20 -35.57 2.20 Y 
2  1 O  A GLY 11  ? ? C  A GLY 11  ? ? N   A SER 12  ? ? 137.39 122.70 14.69  1.60 Y 
3  1 CB A SER 12  ? ? CA A SER 12  ? ? C   A SER 12  ? ? 158.25 110.10 48.15  1.90 N 
4  1 N  A SER 12  ? ? CA A SER 12  ? ? C   A SER 12  ? ? 83.18  111.00 -27.82 2.70 N 
5  1 CA A SER 12  ? ? C  A SER 12  ? ? O   A SER 12  ? ? 135.21 120.10 15.11  2.10 N 
6  1 O  A SER 12  ? ? C  A SER 12  ? ? N   A ASP 13  ? ? 80.57  122.70 -42.13 1.60 Y 
7  1 C  A SER 12  ? ? N  A ASP 13  ? ? CA  A ASP 13  ? ? 95.67  121.70 -26.03 2.50 Y 
8  1 N  A ASP 13  ? ? CA A ASP 13  ? ? CB  A ASP 13  ? ? 123.81 110.60 13.21  1.80 N 
9  1 CB A ASP 13  ? ? CG A ASP 13  ? ? OD1 A ASP 13  ? ? 125.33 118.30 7.03   0.90 N 
10 1 N  A ASP 13  ? ? CA A ASP 13  ? ? C   A ASP 13  ? ? 50.73  111.00 -60.27 2.70 N 
11 1 CB A ASP 160 ? A CG A ASP 160 ? A OD2 A ASP 160 ? A 124.25 118.30 5.95   0.90 N 
12 1 CB A ASP 160 ? B CG A ASP 160 ? B OD2 A ASP 160 ? B 126.24 118.30 7.94   0.90 N 
13 1 N  A GLN 166 ? ? CA A GLN 166 ? ? C   A GLN 166 ? ? 127.38 111.00 16.38  2.70 N 
# 
loop_
_pdbx_validate_torsion.id 
_pdbx_validate_torsion.PDB_model_num 
_pdbx_validate_torsion.auth_comp_id 
_pdbx_validate_torsion.auth_asym_id 
_pdbx_validate_torsion.auth_seq_id 
_pdbx_validate_torsion.PDB_ins_code 
_pdbx_validate_torsion.label_alt_id 
_pdbx_validate_torsion.phi 
_pdbx_validate_torsion.psi 
1 1 SER A 12  ? ? 175.29  -151.36 
2 1 ASP A 13  ? ? -173.37 -54.71  
3 1 LYS A 144 ? B -67.37  2.42    
# 
_pdbx_validate_peptide_omega.id               1 
_pdbx_validate_peptide_omega.PDB_model_num    1 
_pdbx_validate_peptide_omega.auth_comp_id_1   GLY 
_pdbx_validate_peptide_omega.auth_asym_id_1   A 
_pdbx_validate_peptide_omega.auth_seq_id_1    11 
_pdbx_validate_peptide_omega.PDB_ins_code_1   ? 
_pdbx_validate_peptide_omega.label_alt_id_1   ? 
_pdbx_validate_peptide_omega.auth_comp_id_2   SER 
_pdbx_validate_peptide_omega.auth_asym_id_2   A 
_pdbx_validate_peptide_omega.auth_seq_id_2    12 
_pdbx_validate_peptide_omega.PDB_ins_code_2   ? 
_pdbx_validate_peptide_omega.label_alt_id_2   ? 
_pdbx_validate_peptide_omega.omega            -105.45 
# 
loop_
_pdbx_validate_main_chain_plane.id 
_pdbx_validate_main_chain_plane.PDB_model_num 
_pdbx_validate_main_chain_plane.auth_comp_id 
_pdbx_validate_main_chain_plane.auth_asym_id 
_pdbx_validate_main_chain_plane.auth_seq_id 
_pdbx_validate_main_chain_plane.PDB_ins_code 
_pdbx_validate_main_chain_plane.label_alt_id 
_pdbx_validate_main_chain_plane.improper_torsion_angle 
1 1 GLY A 11 ? ? 18.87  
2 1 SER A 12 ? ? -29.52 
# 
_pdbx_validate_polymer_linkage.id               1 
_pdbx_validate_polymer_linkage.PDB_model_num    1 
_pdbx_validate_polymer_linkage.auth_atom_id_1   C 
_pdbx_validate_polymer_linkage.auth_asym_id_1   A 
_pdbx_validate_polymer_linkage.auth_comp_id_1   GLY 
_pdbx_validate_polymer_linkage.auth_seq_id_1    11 
_pdbx_validate_polymer_linkage.PDB_ins_code_1   ? 
_pdbx_validate_polymer_linkage.label_alt_id_1   ? 
_pdbx_validate_polymer_linkage.auth_atom_id_2   N 
_pdbx_validate_polymer_linkage.auth_asym_id_2   A 
_pdbx_validate_polymer_linkage.auth_comp_id_2   SER 
_pdbx_validate_polymer_linkage.auth_seq_id_2    12 
_pdbx_validate_polymer_linkage.PDB_ins_code_2   ? 
_pdbx_validate_polymer_linkage.label_alt_id_2   ? 
_pdbx_validate_polymer_linkage.dist             1.04 
# 
loop_
_pdbx_struct_special_symmetry.id 
_pdbx_struct_special_symmetry.PDB_model_num 
_pdbx_struct_special_symmetry.auth_asym_id 
_pdbx_struct_special_symmetry.auth_comp_id 
_pdbx_struct_special_symmetry.auth_seq_id 
_pdbx_struct_special_symmetry.PDB_ins_code 
_pdbx_struct_special_symmetry.label_asym_id 
_pdbx_struct_special_symmetry.label_comp_id 
_pdbx_struct_special_symmetry.label_seq_id 
1 1 A HOH 323 ? E HOH . 
2 1 A HOH 324 ? E HOH . 
# 
_pdbx_distant_solvent_atoms.id                                1 
_pdbx_distant_solvent_atoms.PDB_model_num                     1 
_pdbx_distant_solvent_atoms.auth_atom_id                      O 
_pdbx_distant_solvent_atoms.label_alt_id                      ? 
_pdbx_distant_solvent_atoms.auth_asym_id                      A 
_pdbx_distant_solvent_atoms.auth_comp_id                      HOH 
_pdbx_distant_solvent_atoms.auth_seq_id                       363 
_pdbx_distant_solvent_atoms.PDB_ins_code                      ? 
_pdbx_distant_solvent_atoms.neighbor_macromolecule_distance   . 
_pdbx_distant_solvent_atoms.neighbor_ligand_distance          6.08 
# 
loop_
_pdbx_unobs_or_zero_occ_residues.id 
_pdbx_unobs_or_zero_occ_residues.PDB_model_num 
_pdbx_unobs_or_zero_occ_residues.polymer_flag 
_pdbx_unobs_or_zero_occ_residues.occupancy_flag 
_pdbx_unobs_or_zero_occ_residues.auth_asym_id 
_pdbx_unobs_or_zero_occ_residues.auth_comp_id 
_pdbx_unobs_or_zero_occ_residues.auth_seq_id 
_pdbx_unobs_or_zero_occ_residues.PDB_ins_code 
_pdbx_unobs_or_zero_occ_residues.label_asym_id 
_pdbx_unobs_or_zero_occ_residues.label_comp_id 
_pdbx_unobs_or_zero_occ_residues.label_seq_id 
1  1 Y 1 A MET 1  ? A MET 1  
2  1 Y 1 A ARG 2  ? A ARG 2  
3  1 Y 1 A GLY 3  ? A GLY 3  
4  1 Y 1 A SER 4  ? A SER 4  
5  1 Y 1 A HIS 5  ? A HIS 5  
6  1 Y 1 A HIS 6  ? A HIS 6  
7  1 Y 1 A HIS 7  ? A HIS 7  
8  1 Y 1 A HIS 8  ? A HIS 8  
9  1 Y 1 A HIS 9  ? A HIS 9  
10 1 Y 1 A HIS 10 ? A HIS 10 
# 
loop_
_chem_comp_atom.comp_id 
_chem_comp_atom.atom_id 
_chem_comp_atom.type_symbol 
_chem_comp_atom.pdbx_aromatic_flag 
_chem_comp_atom.pdbx_stereo_config 
_chem_comp_atom.pdbx_ordinal 
ALA N    N N N 1   
ALA CA   C N S 2   
ALA C    C N N 3   
ALA O    O N N 4   
ALA CB   C N N 5   
ALA OXT  O N N 6   
ALA H    H N N 7   
ALA H2   H N N 8   
ALA HA   H N N 9   
ALA HB1  H N N 10  
ALA HB2  H N N 11  
ALA HB3  H N N 12  
ALA HXT  H N N 13  
ARG N    N N N 14  
ARG CA   C N S 15  
ARG C    C N N 16  
ARG O    O N N 17  
ARG CB   C N N 18  
ARG CG   C N N 19  
ARG CD   C N N 20  
ARG NE   N N N 21  
ARG CZ   C N N 22  
ARG NH1  N N N 23  
ARG NH2  N N N 24  
ARG OXT  O N N 25  
ARG H    H N N 26  
ARG H2   H N N 27  
ARG HA   H N N 28  
ARG HB2  H N N 29  
ARG HB3  H N N 30  
ARG HG2  H N N 31  
ARG HG3  H N N 32  
ARG HD2  H N N 33  
ARG HD3  H N N 34  
ARG HE   H N N 35  
ARG HH11 H N N 36  
ARG HH12 H N N 37  
ARG HH21 H N N 38  
ARG HH22 H N N 39  
ARG HXT  H N N 40  
ASN N    N N N 41  
ASN CA   C N S 42  
ASN C    C N N 43  
ASN O    O N N 44  
ASN CB   C N N 45  
ASN CG   C N N 46  
ASN OD1  O N N 47  
ASN ND2  N N N 48  
ASN OXT  O N N 49  
ASN H    H N N 50  
ASN H2   H N N 51  
ASN HA   H N N 52  
ASN HB2  H N N 53  
ASN HB3  H N N 54  
ASN HD21 H N N 55  
ASN HD22 H N N 56  
ASN HXT  H N N 57  
ASP N    N N N 58  
ASP CA   C N S 59  
ASP C    C N N 60  
ASP O    O N N 61  
ASP CB   C N N 62  
ASP CG   C N N 63  
ASP OD1  O N N 64  
ASP OD2  O N N 65  
ASP OXT  O N N 66  
ASP H    H N N 67  
ASP H2   H N N 68  
ASP HA   H N N 69  
ASP HB2  H N N 70  
ASP HB3  H N N 71  
ASP HD2  H N N 72  
ASP HXT  H N N 73  
GLN N    N N N 74  
GLN CA   C N S 75  
GLN C    C N N 76  
GLN O    O N N 77  
GLN CB   C N N 78  
GLN CG   C N N 79  
GLN CD   C N N 80  
GLN OE1  O N N 81  
GLN NE2  N N N 82  
GLN OXT  O N N 83  
GLN H    H N N 84  
GLN H2   H N N 85  
GLN HA   H N N 86  
GLN HB2  H N N 87  
GLN HB3  H N N 88  
GLN HG2  H N N 89  
GLN HG3  H N N 90  
GLN HE21 H N N 91  
GLN HE22 H N N 92  
GLN HXT  H N N 93  
GLU N    N N N 94  
GLU CA   C N S 95  
GLU C    C N N 96  
GLU O    O N N 97  
GLU CB   C N N 98  
GLU CG   C N N 99  
GLU CD   C N N 100 
GLU OE1  O N N 101 
GLU OE2  O N N 102 
GLU OXT  O N N 103 
GLU H    H N N 104 
GLU H2   H N N 105 
GLU HA   H N N 106 
GLU HB2  H N N 107 
GLU HB3  H N N 108 
GLU HG2  H N N 109 
GLU HG3  H N N 110 
GLU HE2  H N N 111 
GLU HXT  H N N 112 
GLY N    N N N 113 
GLY CA   C N N 114 
GLY C    C N N 115 
GLY O    O N N 116 
GLY OXT  O N N 117 
GLY H    H N N 118 
GLY H2   H N N 119 
GLY HA2  H N N 120 
GLY HA3  H N N 121 
GLY HXT  H N N 122 
HIS N    N N N 123 
HIS CA   C N S 124 
HIS C    C N N 125 
HIS O    O N N 126 
HIS CB   C N N 127 
HIS CG   C Y N 128 
HIS ND1  N Y N 129 
HIS CD2  C Y N 130 
HIS CE1  C Y N 131 
HIS NE2  N Y N 132 
HIS OXT  O N N 133 
HIS H    H N N 134 
HIS H2   H N N 135 
HIS HA   H N N 136 
HIS HB2  H N N 137 
HIS HB3  H N N 138 
HIS HD1  H N N 139 
HIS HD2  H N N 140 
HIS HE1  H N N 141 
HIS HE2  H N N 142 
HIS HXT  H N N 143 
HOH O    O N N 144 
HOH H1   H N N 145 
HOH H2   H N N 146 
ILE N    N N N 147 
ILE CA   C N S 148 
ILE C    C N N 149 
ILE O    O N N 150 
ILE CB   C N S 151 
ILE CG1  C N N 152 
ILE CG2  C N N 153 
ILE CD1  C N N 154 
ILE OXT  O N N 155 
ILE H    H N N 156 
ILE H2   H N N 157 
ILE HA   H N N 158 
ILE HB   H N N 159 
ILE HG12 H N N 160 
ILE HG13 H N N 161 
ILE HG21 H N N 162 
ILE HG22 H N N 163 
ILE HG23 H N N 164 
ILE HD11 H N N 165 
ILE HD12 H N N 166 
ILE HD13 H N N 167 
ILE HXT  H N N 168 
LEU N    N N N 169 
LEU CA   C N S 170 
LEU C    C N N 171 
LEU O    O N N 172 
LEU CB   C N N 173 
LEU CG   C N N 174 
LEU CD1  C N N 175 
LEU CD2  C N N 176 
LEU OXT  O N N 177 
LEU H    H N N 178 
LEU H2   H N N 179 
LEU HA   H N N 180 
LEU HB2  H N N 181 
LEU HB3  H N N 182 
LEU HG   H N N 183 
LEU HD11 H N N 184 
LEU HD12 H N N 185 
LEU HD13 H N N 186 
LEU HD21 H N N 187 
LEU HD22 H N N 188 
LEU HD23 H N N 189 
LEU HXT  H N N 190 
LYS N    N N N 191 
LYS CA   C N S 192 
LYS C    C N N 193 
LYS O    O N N 194 
LYS CB   C N N 195 
LYS CG   C N N 196 
LYS CD   C N N 197 
LYS CE   C N N 198 
LYS NZ   N N N 199 
LYS OXT  O N N 200 
LYS H    H N N 201 
LYS H2   H N N 202 
LYS HA   H N N 203 
LYS HB2  H N N 204 
LYS HB3  H N N 205 
LYS HG2  H N N 206 
LYS HG3  H N N 207 
LYS HD2  H N N 208 
LYS HD3  H N N 209 
LYS HE2  H N N 210 
LYS HE3  H N N 211 
LYS HZ1  H N N 212 
LYS HZ2  H N N 213 
LYS HZ3  H N N 214 
LYS HXT  H N N 215 
MET N    N N N 216 
MET CA   C N S 217 
MET C    C N N 218 
MET O    O N N 219 
MET CB   C N N 220 
MET CG   C N N 221 
MET SD   S N N 222 
MET CE   C N N 223 
MET OXT  O N N 224 
MET H    H N N 225 
MET H2   H N N 226 
MET HA   H N N 227 
MET HB2  H N N 228 
MET HB3  H N N 229 
MET HG2  H N N 230 
MET HG3  H N N 231 
MET HE1  H N N 232 
MET HE2  H N N 233 
MET HE3  H N N 234 
MET HXT  H N N 235 
PHE N    N N N 236 
PHE CA   C N S 237 
PHE C    C N N 238 
PHE O    O N N 239 
PHE CB   C N N 240 
PHE CG   C Y N 241 
PHE CD1  C Y N 242 
PHE CD2  C Y N 243 
PHE CE1  C Y N 244 
PHE CE2  C Y N 245 
PHE CZ   C Y N 246 
PHE OXT  O N N 247 
PHE H    H N N 248 
PHE H2   H N N 249 
PHE HA   H N N 250 
PHE HB2  H N N 251 
PHE HB3  H N N 252 
PHE HD1  H N N 253 
PHE HD2  H N N 254 
PHE HE1  H N N 255 
PHE HE2  H N N 256 
PHE HZ   H N N 257 
PHE HXT  H N N 258 
PRO N    N N N 259 
PRO CA   C N S 260 
PRO C    C N N 261 
PRO O    O N N 262 
PRO CB   C N N 263 
PRO CG   C N N 264 
PRO CD   C N N 265 
PRO OXT  O N N 266 
PRO H    H N N 267 
PRO HA   H N N 268 
PRO HB2  H N N 269 
PRO HB3  H N N 270 
PRO HG2  H N N 271 
PRO HG3  H N N 272 
PRO HD2  H N N 273 
PRO HD3  H N N 274 
PRO HXT  H N N 275 
SER N    N N N 276 
SER CA   C N S 277 
SER C    C N N 278 
SER O    O N N 279 
SER CB   C N N 280 
SER OG   O N N 281 
SER OXT  O N N 282 
SER H    H N N 283 
SER H2   H N N 284 
SER HA   H N N 285 
SER HB2  H N N 286 
SER HB3  H N N 287 
SER HG   H N N 288 
SER HXT  H N N 289 
SO4 S    S N N 290 
SO4 O1   O N N 291 
SO4 O2   O N N 292 
SO4 O3   O N N 293 
SO4 O4   O N N 294 
THR N    N N N 295 
THR CA   C N S 296 
THR C    C N N 297 
THR O    O N N 298 
THR CB   C N R 299 
THR OG1  O N N 300 
THR CG2  C N N 301 
THR OXT  O N N 302 
THR H    H N N 303 
THR H2   H N N 304 
THR HA   H N N 305 
THR HB   H N N 306 
THR HG1  H N N 307 
THR HG21 H N N 308 
THR HG22 H N N 309 
THR HG23 H N N 310 
THR HXT  H N N 311 
TRS C    C N N 312 
TRS C1   C N N 313 
TRS C2   C N N 314 
TRS C3   C N N 315 
TRS N    N N N 316 
TRS O1   O N N 317 
TRS O2   O N N 318 
TRS O3   O N N 319 
TRS H11  H N N 320 
TRS H12  H N N 321 
TRS H21  H N N 322 
TRS H22  H N N 323 
TRS H31  H N N 324 
TRS H32  H N N 325 
TRS HN1  H N N 326 
TRS HN2  H N N 327 
TRS HN3  H N N 328 
TRS HO1  H N N 329 
TRS HO2  H N N 330 
TRS HO3  H N N 331 
TYR N    N N N 332 
TYR CA   C N S 333 
TYR C    C N N 334 
TYR O    O N N 335 
TYR CB   C N N 336 
TYR CG   C Y N 337 
TYR CD1  C Y N 338 
TYR CD2  C Y N 339 
TYR CE1  C Y N 340 
TYR CE2  C Y N 341 
TYR CZ   C Y N 342 
TYR OH   O N N 343 
TYR OXT  O N N 344 
TYR H    H N N 345 
TYR H2   H N N 346 
TYR HA   H N N 347 
TYR HB2  H N N 348 
TYR HB3  H N N 349 
TYR HD1  H N N 350 
TYR HD2  H N N 351 
TYR HE1  H N N 352 
TYR HE2  H N N 353 
TYR HH   H N N 354 
TYR HXT  H N N 355 
VAL N    N N N 356 
VAL CA   C N S 357 
VAL C    C N N 358 
VAL O    O N N 359 
VAL CB   C N N 360 
VAL CG1  C N N 361 
VAL CG2  C N N 362 
VAL OXT  O N N 363 
VAL H    H N N 364 
VAL H2   H N N 365 
VAL HA   H N N 366 
VAL HB   H N N 367 
VAL HG11 H N N 368 
VAL HG12 H N N 369 
VAL HG13 H N N 370 
VAL HG21 H N N 371 
VAL HG22 H N N 372 
VAL HG23 H N N 373 
VAL HXT  H N N 374 
# 
loop_
_chem_comp_bond.comp_id 
_chem_comp_bond.atom_id_1 
_chem_comp_bond.atom_id_2 
_chem_comp_bond.value_order 
_chem_comp_bond.pdbx_aromatic_flag 
_chem_comp_bond.pdbx_stereo_config 
_chem_comp_bond.pdbx_ordinal 
ALA N   CA   sing N N 1   
ALA N   H    sing N N 2   
ALA N   H2   sing N N 3   
ALA CA  C    sing N N 4   
ALA CA  CB   sing N N 5   
ALA CA  HA   sing N N 6   
ALA C   O    doub N N 7   
ALA C   OXT  sing N N 8   
ALA CB  HB1  sing N N 9   
ALA CB  HB2  sing N N 10  
ALA CB  HB3  sing N N 11  
ALA OXT HXT  sing N N 12  
ARG N   CA   sing N N 13  
ARG N   H    sing N N 14  
ARG N   H2   sing N N 15  
ARG CA  C    sing N N 16  
ARG CA  CB   sing N N 17  
ARG CA  HA   sing N N 18  
ARG C   O    doub N N 19  
ARG C   OXT  sing N N 20  
ARG CB  CG   sing N N 21  
ARG CB  HB2  sing N N 22  
ARG CB  HB3  sing N N 23  
ARG CG  CD   sing N N 24  
ARG CG  HG2  sing N N 25  
ARG CG  HG3  sing N N 26  
ARG CD  NE   sing N N 27  
ARG CD  HD2  sing N N 28  
ARG CD  HD3  sing N N 29  
ARG NE  CZ   sing N N 30  
ARG NE  HE   sing N N 31  
ARG CZ  NH1  sing N N 32  
ARG CZ  NH2  doub N N 33  
ARG NH1 HH11 sing N N 34  
ARG NH1 HH12 sing N N 35  
ARG NH2 HH21 sing N N 36  
ARG NH2 HH22 sing N N 37  
ARG OXT HXT  sing N N 38  
ASN N   CA   sing N N 39  
ASN N   H    sing N N 40  
ASN N   H2   sing N N 41  
ASN CA  C    sing N N 42  
ASN CA  CB   sing N N 43  
ASN CA  HA   sing N N 44  
ASN C   O    doub N N 45  
ASN C   OXT  sing N N 46  
ASN CB  CG   sing N N 47  
ASN CB  HB2  sing N N 48  
ASN CB  HB3  sing N N 49  
ASN CG  OD1  doub N N 50  
ASN CG  ND2  sing N N 51  
ASN ND2 HD21 sing N N 52  
ASN ND2 HD22 sing N N 53  
ASN OXT HXT  sing N N 54  
ASP N   CA   sing N N 55  
ASP N   H    sing N N 56  
ASP N   H2   sing N N 57  
ASP CA  C    sing N N 58  
ASP CA  CB   sing N N 59  
ASP CA  HA   sing N N 60  
ASP C   O    doub N N 61  
ASP C   OXT  sing N N 62  
ASP CB  CG   sing N N 63  
ASP CB  HB2  sing N N 64  
ASP CB  HB3  sing N N 65  
ASP CG  OD1  doub N N 66  
ASP CG  OD2  sing N N 67  
ASP OD2 HD2  sing N N 68  
ASP OXT HXT  sing N N 69  
GLN N   CA   sing N N 70  
GLN N   H    sing N N 71  
GLN N   H2   sing N N 72  
GLN CA  C    sing N N 73  
GLN CA  CB   sing N N 74  
GLN CA  HA   sing N N 75  
GLN C   O    doub N N 76  
GLN C   OXT  sing N N 77  
GLN CB  CG   sing N N 78  
GLN CB  HB2  sing N N 79  
GLN CB  HB3  sing N N 80  
GLN CG  CD   sing N N 81  
GLN CG  HG2  sing N N 82  
GLN CG  HG3  sing N N 83  
GLN CD  OE1  doub N N 84  
GLN CD  NE2  sing N N 85  
GLN NE2 HE21 sing N N 86  
GLN NE2 HE22 sing N N 87  
GLN OXT HXT  sing N N 88  
GLU N   CA   sing N N 89  
GLU N   H    sing N N 90  
GLU N   H2   sing N N 91  
GLU CA  C    sing N N 92  
GLU CA  CB   sing N N 93  
GLU CA  HA   sing N N 94  
GLU C   O    doub N N 95  
GLU C   OXT  sing N N 96  
GLU CB  CG   sing N N 97  
GLU CB  HB2  sing N N 98  
GLU CB  HB3  sing N N 99  
GLU CG  CD   sing N N 100 
GLU CG  HG2  sing N N 101 
GLU CG  HG3  sing N N 102 
GLU CD  OE1  doub N N 103 
GLU CD  OE2  sing N N 104 
GLU OE2 HE2  sing N N 105 
GLU OXT HXT  sing N N 106 
GLY N   CA   sing N N 107 
GLY N   H    sing N N 108 
GLY N   H2   sing N N 109 
GLY CA  C    sing N N 110 
GLY CA  HA2  sing N N 111 
GLY CA  HA3  sing N N 112 
GLY C   O    doub N N 113 
GLY C   OXT  sing N N 114 
GLY OXT HXT  sing N N 115 
HIS N   CA   sing N N 116 
HIS N   H    sing N N 117 
HIS N   H2   sing N N 118 
HIS CA  C    sing N N 119 
HIS CA  CB   sing N N 120 
HIS CA  HA   sing N N 121 
HIS C   O    doub N N 122 
HIS C   OXT  sing N N 123 
HIS CB  CG   sing N N 124 
HIS CB  HB2  sing N N 125 
HIS CB  HB3  sing N N 126 
HIS CG  ND1  sing Y N 127 
HIS CG  CD2  doub Y N 128 
HIS ND1 CE1  doub Y N 129 
HIS ND1 HD1  sing N N 130 
HIS CD2 NE2  sing Y N 131 
HIS CD2 HD2  sing N N 132 
HIS CE1 NE2  sing Y N 133 
HIS CE1 HE1  sing N N 134 
HIS NE2 HE2  sing N N 135 
HIS OXT HXT  sing N N 136 
HOH O   H1   sing N N 137 
HOH O   H2   sing N N 138 
ILE N   CA   sing N N 139 
ILE N   H    sing N N 140 
ILE N   H2   sing N N 141 
ILE CA  C    sing N N 142 
ILE CA  CB   sing N N 143 
ILE CA  HA   sing N N 144 
ILE C   O    doub N N 145 
ILE C   OXT  sing N N 146 
ILE CB  CG1  sing N N 147 
ILE CB  CG2  sing N N 148 
ILE CB  HB   sing N N 149 
ILE CG1 CD1  sing N N 150 
ILE CG1 HG12 sing N N 151 
ILE CG1 HG13 sing N N 152 
ILE CG2 HG21 sing N N 153 
ILE CG2 HG22 sing N N 154 
ILE CG2 HG23 sing N N 155 
ILE CD1 HD11 sing N N 156 
ILE CD1 HD12 sing N N 157 
ILE CD1 HD13 sing N N 158 
ILE OXT HXT  sing N N 159 
LEU N   CA   sing N N 160 
LEU N   H    sing N N 161 
LEU N   H2   sing N N 162 
LEU CA  C    sing N N 163 
LEU CA  CB   sing N N 164 
LEU CA  HA   sing N N 165 
LEU C   O    doub N N 166 
LEU C   OXT  sing N N 167 
LEU CB  CG   sing N N 168 
LEU CB  HB2  sing N N 169 
LEU CB  HB3  sing N N 170 
LEU CG  CD1  sing N N 171 
LEU CG  CD2  sing N N 172 
LEU CG  HG   sing N N 173 
LEU CD1 HD11 sing N N 174 
LEU CD1 HD12 sing N N 175 
LEU CD1 HD13 sing N N 176 
LEU CD2 HD21 sing N N 177 
LEU CD2 HD22 sing N N 178 
LEU CD2 HD23 sing N N 179 
LEU OXT HXT  sing N N 180 
LYS N   CA   sing N N 181 
LYS N   H    sing N N 182 
LYS N   H2   sing N N 183 
LYS CA  C    sing N N 184 
LYS CA  CB   sing N N 185 
LYS CA  HA   sing N N 186 
LYS C   O    doub N N 187 
LYS C   OXT  sing N N 188 
LYS CB  CG   sing N N 189 
LYS CB  HB2  sing N N 190 
LYS CB  HB3  sing N N 191 
LYS CG  CD   sing N N 192 
LYS CG  HG2  sing N N 193 
LYS CG  HG3  sing N N 194 
LYS CD  CE   sing N N 195 
LYS CD  HD2  sing N N 196 
LYS CD  HD3  sing N N 197 
LYS CE  NZ   sing N N 198 
LYS CE  HE2  sing N N 199 
LYS CE  HE3  sing N N 200 
LYS NZ  HZ1  sing N N 201 
LYS NZ  HZ2  sing N N 202 
LYS NZ  HZ3  sing N N 203 
LYS OXT HXT  sing N N 204 
MET N   CA   sing N N 205 
MET N   H    sing N N 206 
MET N   H2   sing N N 207 
MET CA  C    sing N N 208 
MET CA  CB   sing N N 209 
MET CA  HA   sing N N 210 
MET C   O    doub N N 211 
MET C   OXT  sing N N 212 
MET CB  CG   sing N N 213 
MET CB  HB2  sing N N 214 
MET CB  HB3  sing N N 215 
MET CG  SD   sing N N 216 
MET CG  HG2  sing N N 217 
MET CG  HG3  sing N N 218 
MET SD  CE   sing N N 219 
MET CE  HE1  sing N N 220 
MET CE  HE2  sing N N 221 
MET CE  HE3  sing N N 222 
MET OXT HXT  sing N N 223 
PHE N   CA   sing N N 224 
PHE N   H    sing N N 225 
PHE N   H2   sing N N 226 
PHE CA  C    sing N N 227 
PHE CA  CB   sing N N 228 
PHE CA  HA   sing N N 229 
PHE C   O    doub N N 230 
PHE C   OXT  sing N N 231 
PHE CB  CG   sing N N 232 
PHE CB  HB2  sing N N 233 
PHE CB  HB3  sing N N 234 
PHE CG  CD1  doub Y N 235 
PHE CG  CD2  sing Y N 236 
PHE CD1 CE1  sing Y N 237 
PHE CD1 HD1  sing N N 238 
PHE CD2 CE2  doub Y N 239 
PHE CD2 HD2  sing N N 240 
PHE CE1 CZ   doub Y N 241 
PHE CE1 HE1  sing N N 242 
PHE CE2 CZ   sing Y N 243 
PHE CE2 HE2  sing N N 244 
PHE CZ  HZ   sing N N 245 
PHE OXT HXT  sing N N 246 
PRO N   CA   sing N N 247 
PRO N   CD   sing N N 248 
PRO N   H    sing N N 249 
PRO CA  C    sing N N 250 
PRO CA  CB   sing N N 251 
PRO CA  HA   sing N N 252 
PRO C   O    doub N N 253 
PRO C   OXT  sing N N 254 
PRO CB  CG   sing N N 255 
PRO CB  HB2  sing N N 256 
PRO CB  HB3  sing N N 257 
PRO CG  CD   sing N N 258 
PRO CG  HG2  sing N N 259 
PRO CG  HG3  sing N N 260 
PRO CD  HD2  sing N N 261 
PRO CD  HD3  sing N N 262 
PRO OXT HXT  sing N N 263 
SER N   CA   sing N N 264 
SER N   H    sing N N 265 
SER N   H2   sing N N 266 
SER CA  C    sing N N 267 
SER CA  CB   sing N N 268 
SER CA  HA   sing N N 269 
SER C   O    doub N N 270 
SER C   OXT  sing N N 271 
SER CB  OG   sing N N 272 
SER CB  HB2  sing N N 273 
SER CB  HB3  sing N N 274 
SER OG  HG   sing N N 275 
SER OXT HXT  sing N N 276 
SO4 S   O1   doub N N 277 
SO4 S   O2   doub N N 278 
SO4 S   O3   sing N N 279 
SO4 S   O4   sing N N 280 
THR N   CA   sing N N 281 
THR N   H    sing N N 282 
THR N   H2   sing N N 283 
THR CA  C    sing N N 284 
THR CA  CB   sing N N 285 
THR CA  HA   sing N N 286 
THR C   O    doub N N 287 
THR C   OXT  sing N N 288 
THR CB  OG1  sing N N 289 
THR CB  CG2  sing N N 290 
THR CB  HB   sing N N 291 
THR OG1 HG1  sing N N 292 
THR CG2 HG21 sing N N 293 
THR CG2 HG22 sing N N 294 
THR CG2 HG23 sing N N 295 
THR OXT HXT  sing N N 296 
TRS C   C1   sing N N 297 
TRS C   C2   sing N N 298 
TRS C   C3   sing N N 299 
TRS C   N    sing N N 300 
TRS C1  O1   sing N N 301 
TRS C1  H11  sing N N 302 
TRS C1  H12  sing N N 303 
TRS C2  O2   sing N N 304 
TRS C2  H21  sing N N 305 
TRS C2  H22  sing N N 306 
TRS C3  O3   sing N N 307 
TRS C3  H31  sing N N 308 
TRS C3  H32  sing N N 309 
TRS N   HN1  sing N N 310 
TRS N   HN2  sing N N 311 
TRS N   HN3  sing N N 312 
TRS O1  HO1  sing N N 313 
TRS O2  HO2  sing N N 314 
TRS O3  HO3  sing N N 315 
TYR N   CA   sing N N 316 
TYR N   H    sing N N 317 
TYR N   H2   sing N N 318 
TYR CA  C    sing N N 319 
TYR CA  CB   sing N N 320 
TYR CA  HA   sing N N 321 
TYR C   O    doub N N 322 
TYR C   OXT  sing N N 323 
TYR CB  CG   sing N N 324 
TYR CB  HB2  sing N N 325 
TYR CB  HB3  sing N N 326 
TYR CG  CD1  doub Y N 327 
TYR CG  CD2  sing Y N 328 
TYR CD1 CE1  sing Y N 329 
TYR CD1 HD1  sing N N 330 
TYR CD2 CE2  doub Y N 331 
TYR CD2 HD2  sing N N 332 
TYR CE1 CZ   doub Y N 333 
TYR CE1 HE1  sing N N 334 
TYR CE2 CZ   sing Y N 335 
TYR CE2 HE2  sing N N 336 
TYR CZ  OH   sing N N 337 
TYR OH  HH   sing N N 338 
TYR OXT HXT  sing N N 339 
VAL N   CA   sing N N 340 
VAL N   H    sing N N 341 
VAL N   H2   sing N N 342 
VAL CA  C    sing N N 343 
VAL CA  CB   sing N N 344 
VAL CA  HA   sing N N 345 
VAL C   O    doub N N 346 
VAL C   OXT  sing N N 347 
VAL CB  CG1  sing N N 348 
VAL CB  CG2  sing N N 349 
VAL CB  HB   sing N N 350 
VAL CG1 HG11 sing N N 351 
VAL CG1 HG12 sing N N 352 
VAL CG1 HG13 sing N N 353 
VAL CG2 HG21 sing N N 354 
VAL CG2 HG22 sing N N 355 
VAL CG2 HG23 sing N N 356 
VAL OXT HXT  sing N N 357 
# 
_pdbx_initial_refinement_model.id               1 
_pdbx_initial_refinement_model.entity_id_list   ? 
_pdbx_initial_refinement_model.type             'experimental model' 
_pdbx_initial_refinement_model.source_name      PDB 
_pdbx_initial_refinement_model.accession_code   1AWC 
_pdbx_initial_refinement_model.details          'PDB ENTRY 1AWC' 
# 
_atom_sites.entry_id                    1MJ0 
_atom_sites.fract_transf_matrix[1][1]   -0.01178286 
_atom_sites.fract_transf_matrix[1][2]   -0.00401258 
_atom_sites.fract_transf_matrix[1][3]   -0.00532361 
_atom_sites.fract_transf_matrix[2][1]   -0.00200276 
_atom_sites.fract_transf_matrix[2][2]   -0.01441533 
_atom_sites.fract_transf_matrix[2][3]   0.01529806 
_atom_sites.fract_transf_matrix[3][1]   -0.01028017 
_atom_sites.fract_transf_matrix[3][2]   0.01420915 
_atom_sites.fract_transf_matrix[3][3]   0.01204342 
_atom_sites.fract_transf_vector[1]      0.166901 
_atom_sites.fract_transf_vector[2]      0.257635 
_atom_sites.fract_transf_vector[3]      0.211343 
# 
loop_
_atom_type.symbol 
C 
N 
O 
S 
# 
loop_
_atom_site.group_PDB 
_atom_site.id 
_atom_site.type_symbol 
_atom_site.label_atom_id 
_atom_site.label_alt_id 
_atom_site.label_comp_id 
_atom_site.label_asym_id 
_atom_site.label_entity_id 
_atom_site.label_seq_id 
_atom_site.pdbx_PDB_ins_code 
_atom_site.Cartn_x 
_atom_site.Cartn_y 
_atom_site.Cartn_z 
_atom_site.occupancy 
_atom_site.B_iso_or_equiv 
_atom_site.pdbx_formal_charge 
_atom_site.auth_seq_id 
_atom_site.auth_comp_id 
_atom_site.auth_asym_id 
_atom_site.auth_atom_id 
_atom_site.pdbx_PDB_model_num 
ATOM   1    N N   . GLY A 1 11  ? 14.097  -15.601 -10.441 1.00 47.95 ? 11  GLY A N   1 
ATOM   2    C CA  . GLY A 1 11  ? 13.808  -15.532 -8.996  1.00 48.35 ? 11  GLY A CA  1 
ATOM   3    C C   . GLY A 1 11  ? 14.828  -16.341 -8.221  1.00 48.03 ? 11  GLY A C   1 
ATOM   4    O O   . GLY A 1 11  ? 15.397  -15.859 -7.248  1.00 48.51 ? 11  GLY A O   1 
ATOM   5    N N   . SER A 1 12  ? 14.144  -17.099 -8.408  0.00 28.79 ? 12  SER A N   1 
ATOM   6    C CA  . SER A 1 12  ? 13.036  -17.906 -7.538  1.00 36.26 ? 12  SER A CA  1 
ATOM   7    C C   . SER A 1 12  ? 12.708  -18.539 -8.881  1.00 35.90 ? 12  SER A C   1 
ATOM   8    O O   . SER A 1 12  ? 12.450  -18.144 -9.925  0.00 28.67 ? 12  SER A O   1 
ATOM   9    C CB  . SER A 1 12  ? 12.819  -17.281 -6.349  0.00 28.80 ? 12  SER A CB  1 
ATOM   10   O OG  . SER A 1 12  ? 12.863  -18.319 -5.460  0.00 28.79 ? 12  SER A OG  1 
ATOM   11   N N   . ASP A 1 13  ? 11.252  -18.964 -8.955  0.00 28.29 ? 13  ASP A N   1 
ATOM   12   C CA  . ASP A 1 13  ? 11.348  -19.645 -10.672 1.00 28.23 ? 13  ASP A CA  1 
ATOM   13   C C   . ASP A 1 13  ? 10.149  -19.457 -9.790  1.00 25.93 ? 13  ASP A C   1 
ATOM   14   O O   . ASP A 1 13  ? 9.154   -18.850 -10.216 1.00 25.89 ? 13  ASP A O   1 
ATOM   15   C CB  . ASP A 1 13  ? 11.435  -21.135 -10.991 1.00 30.48 ? 13  ASP A CB  1 
ATOM   16   C CG  . ASP A 1 13  ? 10.334  -21.594 -11.856 1.00 30.14 ? 13  ASP A CG  1 
ATOM   17   O OD1 . ASP A 1 13  ? 10.186  -22.714 -12.251 0.00 31.23 ? 13  ASP A OD1 1 
ATOM   18   O OD2 . ASP A 1 13  ? 9.699   -20.760 -12.509 1.00 42.78 ? 13  ASP A OD2 1 
ATOM   19   N N   . LEU A 1 14  ? 10.248  -20.035 -8.597  1.00 23.34 ? 14  LEU A N   1 
ATOM   20   C CA  . LEU A 1 14  ? 9.107   -20.045 -7.708  1.00 21.65 ? 14  LEU A CA  1 
ATOM   21   C C   . LEU A 1 14  ? 8.827   -18.622 -7.298  1.00 19.73 ? 14  LEU A C   1 
ATOM   22   O O   . LEU A 1 14  ? 7.692   -18.268 -7.074  1.00 17.45 ? 14  LEU A O   1 
ATOM   23   C CB  . LEU A 1 14  ? 9.304   -20.990 -6.533  1.00 21.93 ? 14  LEU A CB  1 
ATOM   24   C CG  . LEU A 1 14  ? 8.827   -22.448 -6.634  1.00 22.47 ? 14  LEU A CG  1 
ATOM   25   C CD1 . LEU A 1 14  ? 9.196   -23.061 -7.897  1.00 25.85 ? 14  LEU A CD1 1 
ATOM   26   C CD2 . LEU A 1 14  ? 9.256   -23.368 -5.436  1.00 27.75 ? 14  LEU A CD2 1 
ATOM   27   N N   . GLY A 1 15  ? 9.888   -17.823 -7.250  1.00 18.52 ? 15  GLY A N   1 
ATOM   28   C CA  . GLY A 1 15  ? 9.749   -16.403 -6.974  1.00 16.85 ? 15  GLY A CA  1 
ATOM   29   C C   . GLY A 1 15  ? 8.740   -15.730 -7.902  1.00 15.91 ? 15  GLY A C   1 
ATOM   30   O O   . GLY A 1 15  ? 7.817   -15.012 -7.523  1.00 14.97 ? 15  GLY A O   1 
ATOM   31   N N   . LYS A 1 16  ? 8.927   -16.002 -9.171  1.00 15.40 ? 16  LYS A N   1 
ATOM   32   C CA  . LYS A 1 16  ? 8.146   -15.387 -10.184 1.00 15.43 ? 16  LYS A CA  1 
ATOM   33   C C   . LYS A 1 16  ? 6.715   -15.951 -10.063 1.00 15.29 ? 16  LYS A C   1 
ATOM   34   O O   . LYS A 1 16  ? 5.699   -15.245 -10.193 1.00 12.65 ? 16  LYS A O   1 
ATOM   35   C CB  . LYS A 1 16  ? 8.794   -15.777 -11.505 1.00 16.00 ? 16  LYS A CB  1 
ATOM   36   C CG  . LYS A 1 16  ? 8.220   -15.117 -12.734 1.00 19.35 ? 16  LYS A CG  1 
ATOM   37   C CD  . LYS A 1 16  ? 9.133   -13.921 -13.234 0.00 18.09 ? 16  LYS A CD  1 
ATOM   38   C CE  . LYS A 1 16  ? 10.199  -14.443 -14.186 0.00 18.39 ? 16  LYS A CE  1 
ATOM   39   N NZ  . LYS A 1 16  ? 11.010  -13.340 -14.772 0.00 18.31 ? 16  LYS A NZ  1 
ATOM   40   N N   . LYS A 1 17  ? 6.639   -17.255 -9.819  1.00 12.29 ? 17  LYS A N   1 
ATOM   41   C CA  . LYS A 1 17  ? 5.328   -17.832 -9.769  1.00 12.68 ? 17  LYS A CA  1 
ATOM   42   C C   . LYS A 1 17  ? 4.551   -17.203 -8.572  1.00 10.38 ? 17  LYS A C   1 
ATOM   43   O O   . LYS A 1 17  ? 3.341   -16.988 -8.659  1.00 10.41 ? 17  LYS A O   1 
ATOM   44   C CB  . LYS A 1 17  ? 5.487   -19.331 -9.660  1.00 12.86 ? 17  LYS A CB  1 
ATOM   45   C CG  . LYS A 1 17  ? 5.840   -19.983 -11.020 1.00 17.83 ? 17  LYS A CG  1 
ATOM   46   C CD  . LYS A 1 17  ? 6.334   -21.382 -10.894 1.00 25.21 ? 17  LYS A CD  1 
ATOM   47   C CE  . LYS A 1 17  ? 6.801   -21.950 -12.281 1.00 28.44 ? 17  LYS A CE  1 
ATOM   48   N NZ  . LYS A 1 17  ? 7.680   -23.166 -12.159 1.00 30.91 ? 17  LYS A NZ  1 
ATOM   49   N N   . LEU A 1 18  ? 5.234   -16.951 -7.483  1.00 8.74  ? 18  LEU A N   1 
ATOM   50   C CA  . LEU A 1 18  ? 4.554   -16.413 -6.286  1.00 9.48  ? 18  LEU A CA  1 
ATOM   51   C C   . LEU A 1 18  ? 4.075   -14.970 -6.531  1.00 11.77 ? 18  LEU A C   1 
ATOM   52   O O   . LEU A 1 18  ? 3.009   -14.557 -6.103  1.00 11.29 ? 18  LEU A O   1 
ATOM   53   C CB  . LEU A 1 18  ? 5.475   -16.465 -5.107  1.00 9.79  ? 18  LEU A CB  1 
ATOM   54   C CG  . LEU A 1 18  ? 5.001   -15.899 -3.762  1.00 12.37 ? 18  LEU A CG  1 
ATOM   55   C CD1 . LEU A 1 18  ? 3.769   -16.668 -3.334  1.00 9.78  ? 18  LEU A CD1 1 
ATOM   56   C CD2 . LEU A 1 18  ? 6.125   -16.053 -2.733  1.00 13.12 ? 18  LEU A CD2 1 
ATOM   57   N N   . LEU A 1 19  ? 4.862   -14.222 -7.294  1.00 11.54 ? 19  LEU A N   1 
ATOM   58   C CA  . LEU A 1 19  ? 4.395   -12.868 -7.640  1.00 12.79 ? 19  LEU A CA  1 
ATOM   59   C C   . LEU A 1 19  ? 3.063   -12.985 -8.425  1.00 12.18 ? 19  LEU A C   1 
ATOM   60   O O   . LEU A 1 19  ? 2.123   -12.246 -8.201  1.00 9.35  ? 19  LEU A O   1 
ATOM   61   C CB  . LEU A 1 19  ? 5.442   -12.178 -8.498  1.00 11.48 ? 19  LEU A CB  1 
ATOM   62   C CG  . LEU A 1 19  ? 6.626   -11.581 -7.748  1.00 10.35 ? 19  LEU A CG  1 
ATOM   63   C CD1 . LEU A 1 19  ? 7.798   -11.383 -8.682  1.00 13.75 ? 19  LEU A CD1 1 
ATOM   64   C CD2 . LEU A 1 19  ? 6.180   -10.214 -7.133  1.00 8.64  ? 19  LEU A CD2 1 
ATOM   65   N N   . GLU A 1 20  ? 3.034   -13.911 -9.376  1.00 11.77 ? 20  GLU A N   1 
ATOM   66   C CA  . GLU A 1 20  ? 1.841   -14.095 -10.190 1.00 12.07 ? 20  GLU A CA  1 
ATOM   67   C C   . GLU A 1 20  ? 0.656   -14.594 -9.373  1.00 11.91 ? 20  GLU A C   1 
ATOM   68   O O   . GLU A 1 20  ? -0.472  -14.146 -9.547  1.00 11.93 ? 20  GLU A O   1 
ATOM   69   C CB  . GLU A 1 20  ? 2.079   -15.037 -11.405 1.00 12.57 ? 20  GLU A CB  1 
ATOM   70   C CG  . GLU A 1 20  ? 3.039   -14.455 -12.473 1.00 16.60 ? 20  GLU A CG  1 
ATOM   71   C CD  . GLU A 1 20  ? 2.639   -13.290 -13.161 0.00 22.07 ? 20  GLU A CD  1 
ATOM   72   O OE1 . GLU A 1 20  ? 3.474   -12.676 -13.857 0.00 22.96 ? 20  GLU A OE1 1 
ATOM   73   O OE2 . GLU A 1 20  ? 1.432   -12.943 -13.177 0.00 32.01 ? 20  GLU A OE2 1 
ATOM   74   N N   . ALA A 1 21  ? 0.885   -15.564 -8.517  1.00 9.99  ? 21  ALA A N   1 
ATOM   75   C CA  . ALA A 1 21  ? -0.217  -16.038 -7.688  1.00 10.21 ? 21  ALA A CA  1 
ATOM   76   C C   . ALA A 1 21  ? -0.775  -14.938 -6.737  1.00 10.48 ? 21  ALA A C   1 
ATOM   77   O O   . ALA A 1 21  ? -1.960  -14.863 -6.491  1.00 11.09 ? 21  ALA A O   1 
ATOM   78   C CB  . ALA A 1 21  ? 0.242   -17.270 -6.890  1.00 9.35  ? 21  ALA A CB  1 
ATOM   79   N N   . ALA A 1 22  ? 0.106   -14.155 -6.155  1.00 9.60  ? 22  ALA A N   1 
ATOM   80   C CA  . ALA A 1 22  ? -0.295  -13.113 -5.187  1.00 10.26 ? 22  ALA A CA  1 
ATOM   81   C C   . ALA A 1 22  ? -1.063  -12.060 -5.958  1.00 10.66 ? 22  ALA A C   1 
ATOM   82   O O   . ALA A 1 22  ? -2.094  -11.582 -5.526  1.00 11.07 ? 22  ALA A O   1 
ATOM   83   C CB  . ALA A 1 22  ? 0.965   -12.466 -4.580  1.00 8.57  ? 22  ALA A CB  1 
ATOM   84   N N   . ARG A 1 23  ? -0.566  -11.740 -7.144  1.00 9.76  ? 23  ARG A N   1 
ATOM   85   C CA  . ARG A 1 23  ? -1.285  -10.772 -7.939  1.00 12.25 ? 23  ARG A CA  1 
ATOM   86   C C   . ARG A 1 23  ? -2.676  -11.246 -8.320  1.00 11.27 ? 23  ARG A C   1 
ATOM   87   O O   . ARG A 1 23  ? -3.619  -10.509 -8.287  1.00 11.16 ? 23  ARG A O   1 
ATOM   88   C CB  . ARG A 1 23  ? -0.481  -10.577 -9.225  1.00 12.05 ? 23  ARG A CB  1 
ATOM   89   C CG  . ARG A 1 23  ? -1.130  -9.618  -10.219 1.00 15.95 ? 23  ARG A CG  1 
ATOM   90   C CD  . ARG A 1 23  ? -0.300  -9.525  -11.522 1.00 21.48 ? 23  ARG A CD  1 
ATOM   91   N NE  . ARG A 1 23  ? -0.860  -8.636  -12.527 1.00 30.27 ? 23  ARG A NE  1 
ATOM   92   C CZ  . ARG A 1 23  ? -0.172  -8.186  -13.581 1.00 32.00 ? 23  ARG A CZ  1 
ATOM   93   N NH1 . ARG A 1 23  ? 1.103   -8.533  -13.792 1.00 32.80 ? 23  ARG A NH1 1 
ATOM   94   N NH2 . ARG A 1 23  ? -0.793  -7.404  -14.433 1.00 33.49 ? 23  ARG A NH2 1 
ATOM   95   N N   . ALA A 1 24  ? -2.766  -12.510 -8.717  1.00 12.98 ? 24  ALA A N   1 
ATOM   96   C CA  . ALA A 1 24  ? -3.998  -13.148 -9.185  1.00 13.56 ? 24  ALA A CA  1 
ATOM   97   C C   . ALA A 1 24  ? -4.959  -13.511 -8.059  1.00 14.24 ? 24  ALA A C   1 
ATOM   98   O O   . ALA A 1 24  ? -6.154  -13.736 -8.299  1.00 15.18 ? 24  ALA A O   1 
ATOM   99   C CB  . ALA A 1 24  ? -3.662  -14.442 -10.011 1.00 13.41 ? 24  ALA A CB  1 
ATOM   100  N N   . GLY A 1 25  ? -4.444  -13.548 -6.849  1.00 11.79 ? 25  GLY A N   1 
ATOM   101  C CA  . GLY A 1 25  ? -5.253  -13.851 -5.720  1.00 10.95 ? 25  GLY A CA  1 
ATOM   102  C C   . GLY A 1 25  ? -5.535  -15.354 -5.583  1.00 12.36 ? 25  GLY A C   1 
ATOM   103  O O   . GLY A 1 25  ? -6.621  -15.744 -5.123  1.00 10.19 ? 25  GLY A O   1 
ATOM   104  N N   . GLN A 1 26  ? -4.558  -16.181 -5.936  1.00 11.07 ? 26  GLN A N   1 
ATOM   105  C CA  . GLN A 1 26  ? -4.756  -17.619 -5.844  1.00 12.48 ? 26  GLN A CA  1 
ATOM   106  C C   . GLN A 1 26  ? -4.171  -18.052 -4.503  1.00 12.60 ? 26  GLN A C   1 
ATOM   107  O O   . GLN A 1 26  ? -2.964  -18.323 -4.396  1.00 11.01 ? 26  GLN A O   1 
ATOM   108  C CB  . GLN A 1 26  ? -4.068  -18.271 -6.987  1.00 12.03 ? 26  GLN A CB  1 
ATOM   109  C CG  . GLN A 1 26  ? -4.629  -17.840 -8.332  1.00 17.44 ? 26  GLN A CG  1 
ATOM   110  C CD  . GLN A 1 26  ? -3.769  -18.409 -9.470  1.00 25.72 ? 26  GLN A CD  1 
ATOM   111  O OE1 . GLN A 1 26  ? -2.530  -18.222 -9.505  1.00 27.75 ? 26  GLN A OE1 1 
ATOM   112  N NE2 . GLN A 1 26  ? -4.411  -19.140 -10.384 1.00 31.84 ? 26  GLN A NE2 1 
ATOM   113  N N   . ASP A 1 27  ? -5.056  -18.095 -3.495  1.00 10.85 ? 27  ASP A N   1 
ATOM   114  C CA  . ASP A 1 27  ? -4.660  -18.376 -2.147  1.00 10.06 ? 27  ASP A CA  1 
ATOM   115  C C   . ASP A 1 27  ? -3.944  -19.733 -2.004  1.00 9.90  ? 27  ASP A C   1 
ATOM   116  O O   . ASP A 1 27  ? -2.974  -19.802 -1.261  1.00 10.03 ? 27  ASP A O   1 
ATOM   117  C CB  . ASP A 1 27  ? -5.888  -18.442 -1.280  1.00 9.28  ? 27  ASP A CB  1 
ATOM   118  C CG  . ASP A 1 27  ? -6.538  -17.074 -1.085  1.00 11.79 ? 27  ASP A CG  1 
ATOM   119  O OD1 . ASP A 1 27  ? -6.110  -16.072 -1.697  1.00 11.64 ? 27  ASP A OD1 1 
ATOM   120  O OD2 . ASP A 1 27  ? -7.515  -16.885 -0.346  1.00 14.12 ? 27  ASP A OD2 1 
ATOM   121  N N   . ASP A 1 28  ? -4.571  -20.775 -2.522  1.00 9.83  ? 28  ASP A N   1 
ATOM   122  C CA  . ASP A 1 28  ? -3.969  -22.118 -2.428  1.00 10.84 ? 28  ASP A CA  1 
ATOM   123  C C   . ASP A 1 28  ? -2.608  -22.183 -3.120  1.00 11.68 ? 28  ASP A C   1 
ATOM   124  O O   . ASP A 1 28  ? -1.708  -22.812 -2.623  1.00 11.38 ? 28  ASP A O   1 
ATOM   125  C CB  . ASP A 1 28  ? -4.860  -23.209 -2.982  1.00 10.69 ? 28  ASP A CB  1 
ATOM   126  C CG  . ASP A 1 28  ? -6.019  -23.504 -2.090  1.00 14.58 ? 28  ASP A CG  1 
ATOM   127  O OD1 . ASP A 1 28  ? -6.394  -22.631 -1.217  1.00 13.29 ? 28  ASP A OD1 1 
ATOM   128  O OD2 . ASP A 1 28  ? -6.646  -24.575 -2.244  1.00 15.06 ? 28  ASP A OD2 1 
ATOM   129  N N   . GLU A 1 29  ? -2.490  -21.523 -4.273  1.00 11.75 ? 29  GLU A N   1 
ATOM   130  C CA  . GLU A 1 29  ? -1.254  -21.463 -4.982  1.00 13.30 ? 29  GLU A CA  1 
ATOM   131  C C   . GLU A 1 29  ? -0.175  -20.756 -4.176  1.00 11.04 ? 29  GLU A C   1 
ATOM   132  O O   . GLU A 1 29  ? 0.966   -21.253 -4.108  1.00 10.03 ? 29  GLU A O   1 
ATOM   133  C CB  . GLU A 1 29  ? -1.470  -20.811 -6.313  1.00 15.43 ? 29  GLU A CB  1 
ATOM   134  C CG  . GLU A 1 29  ? -0.684  -21.376 -7.430  1.00 23.09 ? 29  GLU A CG  1 
ATOM   135  C CD  . GLU A 1 29  ? -0.835  -22.854 -7.521  1.00 30.03 ? 29  GLU A CD  1 
ATOM   136  O OE1 . GLU A 1 29  ? -1.853  -23.445 -7.087  1.00 35.59 ? 29  GLU A OE1 1 
ATOM   137  O OE2 . GLU A 1 29  ? 0.130   -23.410 -8.008  1.00 32.56 ? 29  GLU A OE2 1 
ATOM   138  N N   . VAL A 1 30  ? -0.522  -19.628 -3.585  1.00 9.64  ? 30  VAL A N   1 
ATOM   139  C CA  . VAL A 1 30  ? 0.428   -18.921 -2.732  1.00 10.20 ? 30  VAL A CA  1 
ATOM   140  C C   . VAL A 1 30  ? 0.920   -19.844 -1.577  1.00 10.90 ? 30  VAL A C   1 
ATOM   141  O O   . VAL A 1 30  ? 2.106   -19.861 -1.248  1.00 11.86 ? 30  VAL A O   1 
ATOM   142  C CB  . VAL A 1 30  ? -0.240  -17.679 -2.167  1.00 9.66  ? 30  VAL A CB  1 
ATOM   143  C CG1 . VAL A 1 30  ? 0.591   -17.123 -1.004  1.00 9.11  ? 30  VAL A CG1 1 
ATOM   144  C CG2 . VAL A 1 30  ? -0.410  -16.586 -3.308  1.00 7.78  ? 30  VAL A CG2 1 
ATOM   145  N N   . ARG A 1 31  ? -0.010  -20.553 -0.926  1.00 9.97  ? 31  ARG A N   1 
ATOM   146  C CA  . ARG A 1 31  ? 0.324   -21.437 0.182   1.00 9.50  ? 31  ARG A CA  1 
ATOM   147  C C   . ARG A 1 31  ? 1.210   -22.597 -0.314  1.00 9.90  ? 31  ARG A C   1 
ATOM   148  O O   . ARG A 1 31  ? 2.208   -22.896 0.275   1.00 8.76  ? 31  ARG A O   1 
ATOM   149  C CB  . ARG A 1 31  ? -0.909  -22.008 0.837   1.00 8.51  ? 31  ARG A CB  1 
ATOM   150  C CG  . ARG A 1 31  ? -0.591  -23.118 1.875   1.00 10.93 ? 31  ARG A CG  1 
ATOM   151  C CD  . ARG A 1 31  ? -1.775  -23.472 2.729   1.00 15.74 ? 31  ARG A CD  1 
ATOM   152  N NE  . ARG A 1 31  ? -2.240  -22.344 3.532   1.00 16.39 ? 31  ARG A NE  1 
ATOM   153  C CZ  . ARG A 1 31  ? -1.690  -21.994 4.680   1.00 19.52 ? 31  ARG A CZ  1 
ATOM   154  N NH1 . ARG A 1 31  ? -0.714  -22.716 5.232   1.00 20.17 ? 31  ARG A NH1 1 
ATOM   155  N NH2 . ARG A 1 31  ? -2.141  -20.958 5.338   1.00 23.58 ? 31  ARG A NH2 1 
ATOM   156  N N   . ILE A 1 32  ? 0.868   -23.206 -1.432  1.00 9.35  ? 32  ILE A N   1 
ATOM   157  C CA  . ILE A 1 32  ? 1.734   -24.303 -1.949  1.00 9.86  ? 32  ILE A CA  1 
ATOM   158  C C   . ILE A 1 32  ? 3.136   -23.786 -2.373  1.00 10.61 ? 32  ILE A C   1 
ATOM   159  O O   . ILE A 1 32  ? 4.170   -24.420 -2.076  1.00 7.45  ? 32  ILE A O   1 
ATOM   160  C CB  . ILE A 1 32  ? 1.058   -24.941 -3.143  1.00 9.79  ? 32  ILE A CB  1 
ATOM   161  C CG1 . ILE A 1 32  ? -0.149  -25.689 -2.655  1.00 8.51  ? 32  ILE A CG1 1 
ATOM   162  C CG2 . ILE A 1 32  ? 2.029   -25.821 -4.001  1.00 10.34 ? 32  ILE A CG2 1 
ATOM   163  C CD1 . ILE A 1 32  ? -1.162  -26.016 -3.824  1.00 9.55  ? 32  ILE A CD1 1 
ATOM   164  N N   . LEU A 1 33  ? 3.182   -22.621 -3.017  1.00 9.45  ? 33  LEU A N   1 
ATOM   165  C CA  . LEU A 1 33  ? 4.473   -22.097 -3.507  1.00 12.54 ? 33  LEU A CA  1 
ATOM   166  C C   . LEU A 1 33  ? 5.371   -21.774 -2.329  1.00 12.49 ? 33  LEU A C   1 
ATOM   167  O O   . LEU A 1 33  ? 6.562   -22.036 -2.373  1.00 13.76 ? 33  LEU A O   1 
ATOM   168  C CB  . LEU A 1 33  ? 4.299   -20.820 -4.346  1.00 11.28 ? 33  LEU A CB  1 
ATOM   169  C CG  . LEU A 1 33  ? 3.745   -21.092 -5.744  1.00 15.29 ? 33  LEU A CG  1 
ATOM   170  C CD1 . LEU A 1 33  ? 3.043   -19.925 -6.402  1.00 15.73 ? 33  LEU A CD1 1 
ATOM   171  C CD2 . LEU A 1 33  ? 4.757   -21.770 -6.645  1.00 14.64 ? 33  LEU A CD2 1 
ATOM   172  N N   . MET A 1 34  ? 4.807   -21.163 -1.278  1.00 11.49 ? 34  MET A N   1 
ATOM   173  C CA  . MET A 1 34  ? 5.612   -20.842 -0.110  1.00 13.60 ? 34  MET A CA  1 
ATOM   174  C C   . MET A 1 34  ? 6.126   -22.066 0.597   1.00 14.12 ? 34  MET A C   1 
ATOM   175  O O   . MET A 1 34  ? 7.195   -22.043 1.125   1.00 13.06 ? 34  MET A O   1 
ATOM   176  C CB  . MET A 1 34  ? 4.801   -20.032 0.875   1.00 13.08 ? 34  MET A CB  1 
ATOM   177  C CG  . MET A 1 34  ? 4.444   -18.663 0.293   1.00 14.98 ? 34  MET A CG  1 
ATOM   178  S SD  A MET A 1 34  ? 4.143   -17.405 1.618   0.50 18.85 ? 34  MET A SD  1 
ATOM   179  S SD  B MET A 1 34  ? 3.048   -17.807 1.168   0.50 16.42 ? 34  MET A SD  1 
ATOM   180  C CE  A MET A 1 34  ? 2.770   -18.129 2.298   0.50 18.94 ? 34  MET A CE  1 
ATOM   181  C CE  B MET A 1 34  ? 3.982   -17.194 2.351   0.50 18.25 ? 34  MET A CE  1 
ATOM   182  N N   . ALA A 1 35  ? 5.329   -23.115 0.624   1.00 13.30 ? 35  ALA A N   1 
ATOM   183  C CA  . ALA A 1 35  ? 5.723   -24.340 1.302   1.00 13.95 ? 35  ALA A CA  1 
ATOM   184  C C   . ALA A 1 35  ? 6.814   -25.007 0.524   1.00 14.50 ? 35  ALA A C   1 
ATOM   185  O O   . ALA A 1 35  ? 7.567   -25.824 1.030   1.00 17.04 ? 35  ALA A O   1 
ATOM   186  C CB  . ALA A 1 35  ? 4.512   -25.266 1.434   1.00 14.33 ? 35  ALA A CB  1 
ATOM   187  N N   . ASN A 1 36  ? 6.941   -24.692 -0.732  1.00 14.73 ? 36  ASN A N   1 
ATOM   188  C CA  . ASN A 1 36  ? 8.007   -25.311 -1.484  1.00 14.99 ? 36  ASN A CA  1 
ATOM   189  C C   . ASN A 1 36  ? 9.198   -24.347 -1.648  1.00 16.29 ? 36  ASN A C   1 
ATOM   190  O O   . ASN A 1 36  ? 10.018  -24.541 -2.578  1.00 16.36 ? 36  ASN A O   1 
ATOM   191  C CB  . ASN A 1 36  ? 7.533   -25.738 -2.853  1.00 13.42 ? 36  ASN A CB  1 
ATOM   192  C CG  . ASN A 1 36  ? 6.693   -27.002 -2.788  1.00 14.04 ? 36  ASN A CG  1 
ATOM   193  O OD1 . ASN A 1 36  ? 5.458   -26.965 -2.689  1.00 14.12 ? 36  ASN A OD1 1 
ATOM   194  N ND2 . ASN A 1 36  ? 7.351   -28.114 -2.839  1.00 7.06  ? 36  ASN A ND2 1 
ATOM   195  N N   . GLY A 1 37  ? 9.258   -23.311 -0.819  1.00 14.46 ? 37  GLY A N   1 
ATOM   196  C CA  . GLY A 1 37  ? 10.473  -22.489 -0.755  1.00 15.77 ? 37  GLY A CA  1 
ATOM   197  C C   . GLY A 1 37  ? 10.436  -21.153 -1.499  1.00 16.64 ? 37  GLY A C   1 
ATOM   198  O O   . GLY A 1 37  ? 11.443  -20.448 -1.519  1.00 15.39 ? 37  GLY A O   1 
ATOM   199  N N   . ALA A 1 38  ? 9.291   -20.781 -2.075  1.00 14.92 ? 38  ALA A N   1 
ATOM   200  C CA  . ALA A 1 38  ? 9.186   -19.549 -2.874  1.00 13.87 ? 38  ALA A CA  1 
ATOM   201  C C   . ALA A 1 38  ? 9.659   -18.395 -2.020  1.00 13.40 ? 38  ALA A C   1 
ATOM   202  O O   . ALA A 1 38  ? 9.301   -18.316 -0.849  1.00 13.17 ? 38  ALA A O   1 
ATOM   203  C CB  . ALA A 1 38  ? 7.742   -19.350 -3.294  1.00 12.95 ? 38  ALA A CB  1 
ATOM   204  N N   . ASP A 1 39  ? 10.453  -17.513 -2.617  1.00 12.70 ? 39  ASP A N   1 
ATOM   205  C CA  . ASP A 1 39  ? 10.958  -16.316 -1.943  1.00 14.24 ? 39  ASP A CA  1 
ATOM   206  C C   . ASP A 1 39  ? 9.864   -15.278 -1.715  1.00 13.72 ? 39  ASP A C   1 
ATOM   207  O O   . ASP A 1 39  ? 9.339   -14.656 -2.678  1.00 11.80 ? 39  ASP A O   1 
ATOM   208  C CB  . ASP A 1 39  ? 12.054  -15.720 -2.807  1.00 15.26 ? 39  ASP A CB  1 
ATOM   209  C CG  . ASP A 1 39  ? 12.735  -14.490 -2.151  1.00 18.98 ? 39  ASP A CG  1 
ATOM   210  O OD1 . ASP A 1 39  ? 12.430  -14.061 -1.016  1.00 19.32 ? 39  ASP A OD1 1 
ATOM   211  O OD2 . ASP A 1 39  ? 13.581  -13.888 -2.786  1.00 23.09 ? 39  ASP A OD2 1 
ATOM   212  N N   . VAL A 1 40  ? 9.477   -15.094 -0.459  1.00 12.69 ? 40  VAL A N   1 
ATOM   213  C CA  . VAL A 1 40  ? 8.387   -14.184 -0.161  1.00 14.83 ? 40  VAL A CA  1 
ATOM   214  C C   . VAL A 1 40  ? 8.647   -12.699 -0.560  1.00 15.02 ? 40  VAL A C   1 
ATOM   215  O O   . VAL A 1 40  ? 7.739   -11.884 -0.704  1.00 15.31 ? 40  VAL A O   1 
ATOM   216  C CB  . VAL A 1 40  ? 8.017   -14.336 1.335   1.00 16.70 ? 40  VAL A CB  1 
ATOM   217  C CG1 . VAL A 1 40  ? 9.175   -13.796 2.197   1.00 19.84 ? 40  VAL A CG1 1 
ATOM   218  C CG2 . VAL A 1 40  ? 6.786   -13.565 1.666   1.00 21.61 ? 40  VAL A CG2 1 
ATOM   219  N N   . ASN A 1 41  ? 9.898   -12.362 -0.749  1.00 14.21 ? 41  ASN A N   1 
ATOM   220  C CA  . ASN A 1 41  ? 10.308  -11.025 -1.138  1.00 15.11 ? 41  ASN A CA  1 
ATOM   221  C C   . ASN A 1 41  ? 10.864  -10.994 -2.604  1.00 14.53 ? 41  ASN A C   1 
ATOM   222  O O   . ASN A 1 41  ? 11.704  -10.171 -2.961  1.00 13.96 ? 41  ASN A O   1 
ATOM   223  C CB  . ASN A 1 41  ? 11.331  -10.491 -0.151  1.00 13.21 ? 41  ASN A CB  1 
ATOM   224  C CG  . ASN A 1 41  ? 10.704  -10.217 1.251   1.00 18.19 ? 41  ASN A CG  1 
ATOM   225  O OD1 . ASN A 1 41  ? 11.226  -10.651 2.291   1.00 20.17 ? 41  ASN A OD1 1 
ATOM   226  N ND2 . ASN A 1 41  ? 9.590   -9.539  1.256   1.00 11.22 ? 41  ASN A ND2 1 
ATOM   227  N N   . ALA A 1 42  ? 10.377  -11.891 -3.440  1.00 13.22 ? 42  ALA A N   1 
ATOM   228  C CA  . ALA A 1 42  ? 10.752  -11.857 -4.859  1.00 14.57 ? 42  ALA A CA  1 
ATOM   229  C C   . ALA A 1 42  ? 10.327  -10.493 -5.432  1.00 15.18 ? 42  ALA A C   1 
ATOM   230  O O   . ALA A 1 42  ? 9.373   -9.901  -4.951  1.00 13.74 ? 42  ALA A O   1 
ATOM   231  C CB  . ALA A 1 42  ? 10.043  -13.000 -5.648  1.00 14.43 ? 42  ALA A CB  1 
ATOM   232  N N   . THR A 1 43  ? 11.062  -9.979  -6.417  1.00 14.85 ? 43  THR A N   1 
ATOM   233  C CA  . THR A 1 43  ? 10.726  -8.691  -6.986  1.00 16.78 ? 43  THR A CA  1 
ATOM   234  C C   . THR A 1 43  ? 10.745  -8.783  -8.492  1.00 17.34 ? 43  THR A C   1 
ATOM   235  O O   . THR A 1 43  ? 11.579  -9.486  -9.042  1.00 15.68 ? 43  THR A O   1 
ATOM   236  C CB  . THR A 1 43  ? 11.751  -7.615  -6.618  1.00 17.60 ? 43  THR A CB  1 
ATOM   237  O OG1 . THR A 1 43  ? 13.027  -8.027  -7.154  1.00 21.90 ? 43  THR A OG1 1 
ATOM   238  C CG2 . THR A 1 43  ? 11.930  -7.558  -5.172  1.00 17.16 ? 43  THR A CG2 1 
ATOM   239  N N   . ASP A 1 44  ? 9.789   -8.111  -9.148  1.00 17.43 ? 44  ASP A N   1 
ATOM   240  C CA  . ASP A 1 44  ? 9.757   -8.091  -10.584 1.00 17.47 ? 44  ASP A CA  1 
ATOM   241  C C   . ASP A 1 44  ? 10.462  -6.815  -11.149 1.00 18.89 ? 44  ASP A C   1 
ATOM   242  O O   . ASP A 1 44  ? 11.121  -6.057  -10.399 1.00 18.19 ? 44  ASP A O   1 
ATOM   243  C CB  . ASP A 1 44  ? 8.323   -8.216  -11.074 1.00 18.34 ? 44  ASP A CB  1 
ATOM   244  C CG  . ASP A 1 44  ? 7.465   -6.999  -10.723 1.00 16.47 ? 44  ASP A CG  1 
ATOM   245  O OD1 . ASP A 1 44  ? 8.006   -5.904  -10.346 1.00 11.90 ? 44  ASP A OD1 1 
ATOM   246  O OD2 . ASP A 1 44  ? 6.241   -7.099  -10.860 1.00 14.07 ? 44  ASP A OD2 1 
ATOM   247  N N   . ASN A 1 45  ? 10.287  -6.589  -12.445 1.00 18.27 ? 45  ASN A N   1 
ATOM   248  C CA  . ASN A 1 45  ? 10.922  -5.471  -13.140 1.00 19.25 ? 45  ASN A CA  1 
ATOM   249  C C   . ASN A 1 45  ? 10.412  -4.073  -12.713 1.00 17.71 ? 45  ASN A C   1 
ATOM   250  O O   . ASN A 1 45  ? 11.080  -3.117  -12.983 1.00 19.02 ? 45  ASN A O   1 
ATOM   251  C CB  . ASN A 1 45  ? 10.751  -5.638  -14.649 1.00 19.46 ? 45  ASN A CB  1 
ATOM   252  C CG  . ASN A 1 45  ? 11.485  -4.573  -15.448 1.00 22.69 ? 45  ASN A CG  1 
ATOM   253  O OD1 . ASN A 1 45  ? 10.930  -3.486  -15.799 0.00 19.40 ? 45  ASN A OD1 1 
ATOM   254  N ND2 . ASN A 1 45  ? 12.779  -4.697  -15.728 0.00 19.40 ? 45  ASN A ND2 1 
ATOM   255  N N   . ASP A 1 46  ? 9.274   -3.983  -12.026 1.00 15.99 ? 46  ASP A N   1 
ATOM   256  C CA  . ASP A 1 46  ? 8.781   -2.733  -11.492 1.00 15.75 ? 46  ASP A CA  1 
ATOM   257  C C   . ASP A 1 46  ? 9.232   -2.544  -10.063 1.00 16.14 ? 46  ASP A C   1 
ATOM   258  O O   . ASP A 1 46  ? 8.953   -1.486  -9.438  1.00 15.45 ? 46  ASP A O   1 
ATOM   259  C CB  . ASP A 1 46  ? 7.275   -2.707  -11.523 1.00 17.24 ? 46  ASP A CB  1 
ATOM   260  C CG  . ASP A 1 46  ? 6.736   -2.236  -12.859 1.00 21.17 ? 46  ASP A CG  1 
ATOM   261  O OD1 . ASP A 1 46  ? 7.135   -1.187  -13.336 1.00 18.29 ? 46  ASP A OD1 1 
ATOM   262  O OD2 . ASP A 1 46  ? 5.921   -2.877  -13.525 1.00 27.63 ? 46  ASP A OD2 1 
ATOM   263  N N   . GLY A 1 47  ? 9.966   -3.541  -9.532  1.00 12.94 ? 47  GLY A N   1 
ATOM   264  C CA  . GLY A 1 47  ? 10.333  -3.539  -8.147  1.00 11.12 ? 47  GLY A CA  1 
ATOM   265  C C   . GLY A 1 47  ? 9.134   -3.977  -7.249  1.00 12.58 ? 47  GLY A C   1 
ATOM   266  O O   . GLY A 1 47  ? 9.177   -3.808  -6.030  1.00 10.90 ? 47  GLY A O   1 
ATOM   267  N N   . TYR A 1 48  ? 8.042   -4.488  -7.842  1.00 10.69 ? 48  TYR A N   1 
ATOM   268  C CA  . TYR A 1 48  ? 6.970   -4.972  -7.007  1.00 9.58  ? 48  TYR A CA  1 
ATOM   269  C C   . TYR A 1 48  ? 7.342   -6.298  -6.272  1.00 11.45 ? 48  TYR A C   1 
ATOM   270  O O   . TYR A 1 48  ? 8.003   -7.208  -6.891  1.00 10.50 ? 48  TYR A O   1 
ATOM   271  C CB  . TYR A 1 48  ? 5.729   -5.271  -7.820  1.00 11.04 ? 48  TYR A CB  1 
ATOM   272  C CG  . TYR A 1 48  ? 5.131   -4.129  -8.622  1.00 11.49 ? 48  TYR A CG  1 
ATOM   273  C CD1 . TYR A 1 48  ? 4.554   -4.343  -9.900  1.00 12.74 ? 48  TYR A CD1 1 
ATOM   274  C CD2 . TYR A 1 48  ? 5.070   -2.857  -8.084  1.00 7.46  ? 48  TYR A CD2 1 
ATOM   275  C CE1 . TYR A 1 48  ? 4.016   -3.329  -10.589 1.00 12.84 ? 48  TYR A CE1 1 
ATOM   276  C CE2 . TYR A 1 48  ? 4.462   -1.834  -8.780  1.00 11.68 ? 48  TYR A CE2 1 
ATOM   277  C CZ  . TYR A 1 48  ? 3.966   -2.051  -10.020 1.00 11.79 ? 48  TYR A CZ  1 
ATOM   278  O OH  . TYR A 1 48  ? 3.400   -0.972  -10.667 1.00 13.18 ? 48  TYR A OH  1 
ATOM   279  N N   . THR A 1 49  ? 6.873   -6.452  -5.022  1.00 8.60  ? 49  THR A N   1 
ATOM   280  C CA  . THR A 1 49  ? 6.927   -7.765  -4.346  1.00 9.99  ? 49  THR A CA  1 
ATOM   281  C C   . THR A 1 49  ? 5.548   -8.400  -4.351  1.00 10.11 ? 49  THR A C   1 
ATOM   282  O O   . THR A 1 49  ? 4.589   -7.741  -4.706  1.00 8.60  ? 49  THR A O   1 
ATOM   283  C CB  . THR A 1 49  ? 7.302   -7.615  -2.914  1.00 9.85  ? 49  THR A CB  1 
ATOM   284  O OG1 . THR A 1 49  ? 6.454   -6.646  -2.288  1.00 8.44  ? 49  THR A OG1 1 
ATOM   285  C CG2 . THR A 1 49  ? 8.749   -7.037  -2.795  1.00 13.08 ? 49  THR A CG2 1 
ATOM   286  N N   . PRO A 1 50  ? 5.436   -9.673  -3.975  1.00 7.52  ? 50  PRO A N   1 
ATOM   287  C CA  . PRO A 1 50  ? 4.116   -10.293 -3.965  1.00 8.47  ? 50  PRO A CA  1 
ATOM   288  C C   . PRO A 1 50  ? 3.204   -9.437  -3.080  1.00 8.39  ? 50  PRO A C   1 
ATOM   289  O O   . PRO A 1 50  ? 2.086   -9.306  -3.380  1.00 7.77  ? 50  PRO A O   1 
ATOM   290  C CB  . PRO A 1 50  ? 4.378   -11.663 -3.270  1.00 7.57  ? 50  PRO A CB  1 
ATOM   291  C CG  . PRO A 1 50  ? 5.847   -11.966 -3.838  1.00 7.10  ? 50  PRO A CG  1 
ATOM   292  C CD  . PRO A 1 50  ? 6.504   -10.591 -3.625  1.00 6.68  ? 50  PRO A CD  1 
ATOM   293  N N   . LEU A 1 51  ? 3.702   -8.865  -2.000  1.00 6.73  ? 51  LEU A N   1 
ATOM   294  C CA  . LEU A 1 51  ? 2.893   -8.033  -1.090  1.00 8.04  ? 51  LEU A CA  1 
ATOM   295  C C   . LEU A 1 51  ? 2.365   -6.787  -1.813  1.00 7.38  ? 51  LEU A C   1 
ATOM   296  O O   . LEU A 1 51  ? 1.232   -6.426  -1.612  1.00 6.69  ? 51  LEU A O   1 
ATOM   297  C CB  . LEU A 1 51  ? 3.726   -7.590  0.132   1.00 7.32  ? 51  LEU A CB  1 
ATOM   298  C CG  . LEU A 1 51  ? 2.999   -6.916  1.267   1.00 11.24 ? 51  LEU A CG  1 
ATOM   299  C CD1 . LEU A 1 51  ? 1.796   -7.716  1.802   1.00 11.02 ? 51  LEU A CD1 1 
ATOM   300  C CD2 . LEU A 1 51  ? 3.914   -6.638  2.443   1.00 14.31 ? 51  LEU A CD2 1 
ATOM   301  N N   . HIS A 1 52  ? 3.178   -6.147  -2.651  1.00 8.53  ? 52  HIS A N   1 
ATOM   302  C CA  . HIS A 1 52  ? 2.679   -5.004  -3.417  1.00 8.96  ? 52  HIS A CA  1 
ATOM   303  C C   . HIS A 1 52  ? 1.484   -5.448  -4.269  1.00 9.88  ? 52  HIS A C   1 
ATOM   304  O O   . HIS A 1 52  ? 0.485   -4.791  -4.285  1.00 10.83 ? 52  HIS A O   1 
ATOM   305  C CB  . HIS A 1 52  ? 3.708   -4.451  -4.387  1.00 8.70  ? 52  HIS A CB  1 
ATOM   306  C CG  . HIS A 1 52  ? 4.776   -3.608  -3.769  1.00 11.81 ? 52  HIS A CG  1 
ATOM   307  N ND1 . HIS A 1 52  ? 5.974   -4.140  -3.342  1.00 8.62  ? 52  HIS A ND1 1 
ATOM   308  C CD2 . HIS A 1 52  ? 4.883   -2.248  -3.633  1.00 10.27 ? 52  HIS A CD2 1 
ATOM   309  C CE1 . HIS A 1 52  ? 6.777   -3.148  -2.997  1.00 13.92 ? 52  HIS A CE1 1 
ATOM   310  N NE2 . HIS A 1 52  ? 6.138   -1.996  -3.142  1.00 10.63 ? 52  HIS A NE2 1 
ATOM   311  N N   . LEU A 1 53  ? 1.630   -6.506  -5.042  1.00 9.00  ? 53  LEU A N   1 
ATOM   312  C CA  . LEU A 1 53  ? 0.614   -6.889  -5.937  1.00 9.35  ? 53  LEU A CA  1 
ATOM   313  C C   . LEU A 1 53  ? -0.645  -7.333  -5.181  1.00 9.15  ? 53  LEU A C   1 
ATOM   314  O O   . LEU A 1 53  ? -1.771  -7.005  -5.565  1.00 10.49 ? 53  LEU A O   1 
ATOM   315  C CB  . LEU A 1 53  ? 1.134   -7.984  -6.896  1.00 8.63  ? 53  LEU A CB  1 
ATOM   316  C CG  . LEU A 1 53  ? 2.272   -7.406  -7.808  1.00 14.73 ? 53  LEU A CG  1 
ATOM   317  C CD1 . LEU A 1 53  ? 2.954   -8.554  -8.494  1.00 9.30  ? 53  LEU A CD1 1 
ATOM   318  C CD2 . LEU A 1 53  ? 1.647   -6.528  -8.878  1.00 8.11  ? 53  LEU A CD2 1 
ATOM   319  N N   . ALA A 1 54  ? -0.477  -8.099  -4.145  1.00 9.24  ? 54  ALA A N   1 
ATOM   320  C CA  . ALA A 1 54  ? -1.643  -8.592  -3.392  1.00 11.26 ? 54  ALA A CA  1 
ATOM   321  C C   . ALA A 1 54  ? -2.376  -7.423  -2.721  1.00 11.29 ? 54  ALA A C   1 
ATOM   322  O O   . ALA A 1 54  ? -3.583  -7.332  -2.731  1.00 11.64 ? 54  ALA A O   1 
ATOM   323  C CB  . ALA A 1 54  ? -1.213  -9.596  -2.361  1.00 9.92  ? 54  ALA A CB  1 
ATOM   324  N N   . ALA A 1 55  ? -1.622  -6.493  -2.203  1.00 9.49  ? 55  ALA A N   1 
ATOM   325  C CA  . ALA A 1 55  ? -2.249  -5.335  -1.582  1.00 9.54  ? 55  ALA A CA  1 
ATOM   326  C C   . ALA A 1 55  ? -2.957  -4.480  -2.633  1.00 9.84  ? 55  ALA A C   1 
ATOM   327  O O   . ALA A 1 55  ? -4.070  -4.025  -2.410  1.00 7.71  ? 55  ALA A O   1 
ATOM   328  C CB  . ALA A 1 55  ? -1.206  -4.478  -0.879  1.00 7.73  ? 55  ALA A CB  1 
ATOM   329  N N   . SER A 1 56  ? -2.313  -4.267  -3.775  1.00 9.39  ? 56  SER A N   1 
ATOM   330  C CA  . SER A 1 56  ? -2.942  -3.434  -4.810  1.00 11.28 ? 56  SER A CA  1 
ATOM   331  C C   . SER A 1 56  ? -4.252  -4.023  -5.352  1.00 11.07 ? 56  SER A C   1 
ATOM   332  O O   . SER A 1 56  ? -5.189  -3.308  -5.642  1.00 11.29 ? 56  SER A O   1 
ATOM   333  C CB  . SER A 1 56  ? -1.973  -3.263  -5.973  1.00 9.85  ? 56  SER A CB  1 
ATOM   334  O OG  . SER A 1 56  ? -2.407  -2.213  -6.778  1.00 11.31 ? 56  SER A OG  1 
ATOM   335  N N   . ASN A 1 57  ? -4.267  -5.335  -5.542  1.00 10.69 ? 57  ASN A N   1 
ATOM   336  C CA  . ASN A 1 57  ? -5.437  -6.013  -6.060  1.00 10.98 ? 57  ASN A CA  1 
ATOM   337  C C   . ASN A 1 57  ? -6.424  -6.472  -5.012  1.00 10.86 ? 57  ASN A C   1 
ATOM   338  O O   . ASN A 1 57  ? -7.334  -7.200  -5.319  1.00 10.79 ? 57  ASN A O   1 
ATOM   339  C CB  . ASN A 1 57  ? -5.069  -7.193  -6.933  1.00 7.64  ? 57  ASN A CB  1 
ATOM   340  C CG  . ASN A 1 57  ? -4.504  -6.762  -8.298  1.00 15.29 ? 57  ASN A CG  1 
ATOM   341  O OD1 . ASN A 1 57  ? -4.582  -5.591  -8.677  1.00 14.11 ? 57  ASN A OD1 1 
ATOM   342  N ND2 . ASN A 1 57  ? -3.869  -7.698  -8.992  1.00 13.33 ? 57  ASN A ND2 1 
ATOM   343  N N   . GLY A 1 58  ? -6.271  -6.070  -3.759  1.00 12.18 ? 58  GLY A N   1 
ATOM   344  C CA  . GLY A 1 58  ? -7.283  -6.422  -2.763  1.00 10.57 ? 58  GLY A CA  1 
ATOM   345  C C   . GLY A 1 58  ? -7.335  -7.872  -2.223  1.00 11.24 ? 58  GLY A C   1 
ATOM   346  O O   . GLY A 1 58  ? -8.345  -8.303  -1.756  1.00 11.00 ? 58  GLY A O   1 
ATOM   347  N N   . HIS A 1 59  ? -6.238  -8.613  -2.275  1.00 9.59  ? 59  HIS A N   1 
ATOM   348  C CA  . HIS A 1 59  ? -6.243  -10.012 -1.824  1.00 9.22  ? 59  HIS A CA  1 
ATOM   349  C C   . HIS A 1 59  ? -5.816  -10.081 -0.371  1.00 8.79  ? 59  HIS A C   1 
ATOM   350  O O   . HIS A 1 59  ? -4.620  -10.201 -0.048  1.00 9.47  ? 59  HIS A O   1 
ATOM   351  C CB  . HIS A 1 59  ? -5.315  -10.830 -2.738  1.00 8.24  ? 59  HIS A CB  1 
ATOM   352  C CG  . HIS A 1 59  ? -5.733  -10.788 -4.187  1.00 7.43  ? 59  HIS A CG  1 
ATOM   353  N ND1 . HIS A 1 59  ? -7.042  -10.901 -4.590  1.00 10.06 ? 59  HIS A ND1 1 
ATOM   354  C CD2 . HIS A 1 59  ? -5.020  -10.524 -5.313  1.00 8.65  ? 59  HIS A CD2 1 
ATOM   355  C CE1 . HIS A 1 59  ? -7.107  -10.790 -5.913  1.00 11.30 ? 59  HIS A CE1 1 
ATOM   356  N NE2 . HIS A 1 59  ? -5.884  -10.586 -6.377  1.00 5.18  ? 59  HIS A NE2 1 
ATOM   357  N N   . LEU A 1 60  ? -6.793  -10.002 0.517   1.00 9.53  ? 60  LEU A N   1 
ATOM   358  C CA  . LEU A 1 60  ? -6.472  -9.879  1.924   1.00 11.07 ? 60  LEU A CA  1 
ATOM   359  C C   . LEU A 1 60  ? -5.734  -11.088 2.541   1.00 9.90  ? 60  LEU A C   1 
ATOM   360  O O   . LEU A 1 60  ? -4.735  -10.920 3.245   1.00 8.38  ? 60  LEU A O   1 
ATOM   361  C CB  . LEU A 1 60  ? -7.745  -9.579  2.692   1.00 13.09 ? 60  LEU A CB  1 
ATOM   362  C CG  . LEU A 1 60  ? -7.659  -9.567  4.225   1.00 11.68 ? 60  LEU A CG  1 
ATOM   363  C CD1 . LEU A 1 60  ? -6.645  -8.539  4.705   1.00 11.05 ? 60  LEU A CD1 1 
ATOM   364  C CD2 . LEU A 1 60  ? -9.039  -9.304  4.886   1.00 16.05 ? 60  LEU A CD2 1 
ATOM   365  N N   . GLU A 1 61  ? -6.332  -12.256 2.400   1.00 11.24 ? 61  GLU A N   1 
ATOM   366  C CA  . GLU A 1 61  ? -5.754  -13.483 2.937   1.00 12.48 ? 61  GLU A CA  1 
ATOM   367  C C   . GLU A 1 61  ? -4.279  -13.625 2.493   1.00 11.19 ? 61  GLU A C   1 
ATOM   368  O O   . GLU A 1 61  ? -3.405  -13.956 3.301   1.00 11.13 ? 61  GLU A O   1 
ATOM   369  C CB  . GLU A 1 61  ? -6.604  -14.660 2.474   1.00 13.04 ? 61  GLU A CB  1 
ATOM   370  C CG  . GLU A 1 61  ? -6.276  -15.984 3.134   1.00 17.61 ? 61  GLU A CG  1 
ATOM   371  C CD  . GLU A 1 61  ? -4.965  -16.601 2.602   1.00 18.65 ? 61  GLU A CD  1 
ATOM   372  O OE1 . GLU A 1 61  ? -4.590  -16.433 1.422   1.00 12.80 ? 61  GLU A OE1 1 
ATOM   373  O OE2 . GLU A 1 61  ? -4.256  -17.200 3.412   1.00 21.81 ? 61  GLU A OE2 1 
ATOM   374  N N   . ILE A 1 62  ? -4.001  -13.284 1.234   1.00 9.39  ? 62  ILE A N   1 
ATOM   375  C CA  . ILE A 1 62  ? -2.626  -13.340 0.775   1.00 10.55 ? 62  ILE A CA  1 
ATOM   376  C C   . ILE A 1 62  ? -1.716  -12.319 1.448   1.00 11.07 ? 62  ILE A C   1 
ATOM   377  O O   . ILE A 1 62  ? -0.604  -12.618 1.840   1.00 12.64 ? 62  ILE A O   1 
ATOM   378  C CB  . ILE A 1 62  ? -2.482  -13.292 -0.797  1.00 11.04 ? 62  ILE A CB  1 
ATOM   379  C CG1 . ILE A 1 62  ? -3.180  -14.536 -1.448  1.00 10.71 ? 62  ILE A CG1 1 
ATOM   380  C CG2 . ILE A 1 62  ? -0.957  -13.070 -1.180  1.00 9.11  ? 62  ILE A CG2 1 
ATOM   381  C CD1 . ILE A 1 62  ? -3.555  -14.493 -2.986  1.00 9.36  ? 62  ILE A CD1 1 
ATOM   382  N N   . VAL A 1 63  ? -2.213  -11.092 1.562   1.00 12.21 ? 63  VAL A N   1 
ATOM   383  C CA  . VAL A 1 63  ? -1.471  -10.094 2.249   1.00 10.68 ? 63  VAL A CA  1 
ATOM   384  C C   . VAL A 1 63  ? -1.106  -10.567 3.650   1.00 11.28 ? 63  VAL A C   1 
ATOM   385  O O   . VAL A 1 63  ? 0.045   -10.405 4.064   1.00 9.49  ? 63  VAL A O   1 
ATOM   386  C CB  . VAL A 1 63  ? -2.293  -8.813  2.353   1.00 11.21 ? 63  VAL A CB  1 
ATOM   387  C CG1 . VAL A 1 63  ? -1.662  -7.877  3.409   1.00 11.22 ? 63  VAL A CG1 1 
ATOM   388  C CG2 . VAL A 1 63  ? -2.354  -8.067  0.942   1.00 8.73  ? 63  VAL A CG2 1 
ATOM   389  N N   . GLU A 1 64  ? -2.064  -11.199 4.333   1.00 11.02 ? 64  GLU A N   1 
ATOM   390  C CA  . GLU A 1 64  ? -1.863  -11.744 5.672   1.00 12.84 ? 64  GLU A CA  1 
ATOM   391  C C   . GLU A 1 64  ? -0.853  -12.839 5.738   1.00 11.99 ? 64  GLU A C   1 
ATOM   392  O O   . GLU A 1 64  ? 0.017   -12.778 6.555   1.00 10.76 ? 64  GLU A O   1 
ATOM   393  C CB  . GLU A 1 64  ? -3.202  -12.206 6.257   1.00 12.11 ? 64  GLU A CB  1 
ATOM   394  C CG  . GLU A 1 64  ? -4.090  -11.019 6.561   1.00 18.74 ? 64  GLU A CG  1 
ATOM   395  C CD  . GLU A 1 64  ? -5.460  -11.418 7.071   1.00 29.08 ? 64  GLU A CD  1 
ATOM   396  O OE1 . GLU A 1 64  ? -5.936  -12.495 6.681   1.00 29.20 ? 64  GLU A OE1 1 
ATOM   397  O OE2 . GLU A 1 64  ? -6.049  -10.647 7.865   1.00 34.18 ? 64  GLU A OE2 1 
ATOM   398  N N   . VAL A 1 65  ? -0.971  -13.849 4.887   1.00 12.72 ? 65  VAL A N   1 
ATOM   399  C CA  . VAL A 1 65  ? -0.013  -14.963 4.980   1.00 13.23 ? 65  VAL A CA  1 
ATOM   400  C C   . VAL A 1 65  ? 1.405   -14.538 4.527   1.00 13.36 ? 65  VAL A C   1 
ATOM   401  O O   . VAL A 1 65  ? 2.475   -15.033 5.057   1.00 11.12 ? 65  VAL A O   1 
ATOM   402  C CB  . VAL A 1 65  ? -0.492  -16.132 4.160   1.00 15.54 ? 65  VAL A CB  1 
ATOM   403  C CG1 . VAL A 1 65  ? -0.419  -15.789 2.721   1.00 13.84 ? 65  VAL A CG1 1 
ATOM   404  C CG2 . VAL A 1 65  ? 0.293   -17.364 4.515   1.00 18.40 ? 65  VAL A CG2 1 
ATOM   405  N N   . LEU A 1 66  ? 1.478   -13.549 3.633   1.00 12.30 ? 66  LEU A N   1 
ATOM   406  C CA  . LEU A 1 66  ? 2.823   -13.064 3.228   1.00 10.91 ? 66  LEU A CA  1 
ATOM   407  C C   . LEU A 1 66  ? 3.551   -12.415 4.405   1.00 12.30 ? 66  LEU A C   1 
ATOM   408  O O   . LEU A 1 66  ? 4.742   -12.677 4.630   1.00 12.49 ? 66  LEU A O   1 
ATOM   409  C CB  . LEU A 1 66  ? 2.808   -12.091 2.047   1.00 11.57 ? 66  LEU A CB  1 
ATOM   410  C CG  . LEU A 1 66  ? 2.533   -12.732 0.660   1.00 13.68 ? 66  LEU A CG  1 
ATOM   411  C CD1 . LEU A 1 66  ? 2.143   -11.684 -0.390  1.00 10.40 ? 66  LEU A CD1 1 
ATOM   412  C CD2 . LEU A 1 66  ? 3.722   -13.537 0.167   1.00 12.14 ? 66  LEU A CD2 1 
ATOM   413  N N   . LEU A 1 67  ? 2.802   -11.564 5.163   1.00 11.03 ? 67  LEU A N   1 
ATOM   414  C CA  . LEU A 1 67  ? 3.311   -10.904 6.356   1.00 14.01 ? 67  LEU A CA  1 
ATOM   415  C C   . LEU A 1 67  ? 3.719   -11.906 7.431   1.00 14.67 ? 67  LEU A C   1 
ATOM   416  O O   . LEU A 1 67  ? 4.782   -11.782 8.043   1.00 15.03 ? 67  LEU A O   1 
ATOM   417  C CB  . LEU A 1 67  ? 2.258   -9.966  6.925   1.00 12.62 ? 67  LEU A CB  1 
ATOM   418  C CG  . LEU A 1 67  ? 2.131   -8.721  6.015   1.00 14.83 ? 67  LEU A CG  1 
ATOM   419  C CD1 . LEU A 1 67  ? 0.860   -7.923  6.380   1.00 12.45 ? 67  LEU A CD1 1 
ATOM   420  C CD2 . LEU A 1 67  ? 3.370   -7.777  6.044   1.00 10.77 ? 67  LEU A CD2 1 
ATOM   421  N N   . LYS A 1 68  ? 2.864   -12.879 7.668   1.00 15.74 ? 68  LYS A N   1 
ATOM   422  C CA  . LYS A 1 68  ? 3.177   -13.869 8.688   1.00 17.63 ? 68  LYS A CA  1 
ATOM   423  C C   . LYS A 1 68  ? 4.438   -14.691 8.324   1.00 18.81 ? 68  LYS A C   1 
ATOM   424  O O   . LYS A 1 68  ? 5.041   -15.357 9.192   1.00 20.46 ? 68  LYS A O   1 
ATOM   425  C CB  . LYS A 1 68  ? 1.995   -14.812 8.863   1.00 19.35 ? 68  LYS A CB  1 
ATOM   426  C CG  . LYS A 1 68  ? 0.761   -14.020 9.531   0.00 25.95 ? 68  LYS A CG  1 
ATOM   427  C CD  . LYS A 1 68  ? -0.333  -14.980 9.975   0.00 29.36 ? 68  LYS A CD  1 
ATOM   428  C CE  . LYS A 1 68  ? -1.403  -14.283 10.827  0.00 40.87 ? 68  LYS A CE  1 
ATOM   429  N NZ  . LYS A 1 68  ? -2.573  -13.896 9.982   0.00 37.94 ? 68  LYS A NZ  1 
ATOM   430  N N   . ASN A 1 69  ? 4.850   -14.636 7.069   1.00 17.86 ? 69  ASN A N   1 
ATOM   431  C CA  . ASN A 1 69  ? 5.945   -15.470 6.624   1.00 17.89 ? 69  ASN A CA  1 
ATOM   432  C C   . ASN A 1 69  ? 7.124   -14.669 6.145   1.00 17.11 ? 69  ASN A C   1 
ATOM   433  O O   . ASN A 1 69  ? 7.863   -15.082 5.287   1.00 16.40 ? 69  ASN A O   1 
ATOM   434  C CB  . ASN A 1 69  ? 5.547   -16.464 5.587   1.00 17.87 ? 69  ASN A CB  1 
ATOM   435  C CG  . ASN A 1 69  ? 4.771   -17.597 6.185   1.00 23.42 ? 69  ASN A CG  1 
ATOM   436  O OD1 . ASN A 1 69  ? 5.338   -18.423 6.928   1.00 23.19 ? 69  ASN A OD1 1 
ATOM   437  N ND2 . ASN A 1 69  ? 3.435   -17.611 5.946   1.00 19.39 ? 69  ASN A ND2 1 
ATOM   438  N N   . GLY A 1 70  ? 7.222   -13.464 6.658   1.00 17.53 ? 70  GLY A N   1 
ATOM   439  C CA  . GLY A 1 70  ? 8.472   -12.694 6.481   1.00 17.12 ? 70  GLY A CA  1 
ATOM   440  C C   . GLY A 1 70  ? 8.506   -11.593 5.410   1.00 16.31 ? 70  GLY A C   1 
ATOM   441  O O   . GLY A 1 70  ? 9.541   -10.966 5.189   1.00 15.64 ? 70  GLY A O   1 
ATOM   442  N N   . ALA A 1 71  ? 7.389   -11.348 4.732   1.00 15.29 ? 71  ALA A N   1 
ATOM   443  C CA  . ALA A 1 71  ? 7.368   -10.312 3.695   1.00 15.47 ? 71  ALA A CA  1 
ATOM   444  C C   . ALA A 1 71  ? 7.763   -8.960  4.271   1.00 15.12 ? 71  ALA A C   1 
ATOM   445  O O   . ALA A 1 71  ? 7.368   -8.627  5.347   1.00 13.80 ? 71  ALA A O   1 
ATOM   446  C CB  . ALA A 1 71  ? 6.052   -10.204 3.105   1.00 15.99 ? 71  ALA A CB  1 
ATOM   447  N N   . ASP A 1 72  ? 8.583   -8.204  3.562   1.00 14.84 ? 72  ASP A N   1 
ATOM   448  C CA  . ASP A 1 72  ? 8.947   -6.857  4.023   1.00 14.98 ? 72  ASP A CA  1 
ATOM   449  C C   . ASP A 1 72  ? 7.761   -5.908  3.812   1.00 13.77 ? 72  ASP A C   1 
ATOM   450  O O   . ASP A 1 72  ? 7.411   -5.554  2.681   1.00 12.27 ? 72  ASP A O   1 
ATOM   451  C CB  . ASP A 1 72  ? 10.086  -6.354  3.167   1.00 15.32 ? 72  ASP A CB  1 
ATOM   452  C CG  . ASP A 1 72  ? 10.629  -5.005  3.670   1.00 20.87 ? 72  ASP A CG  1 
ATOM   453  O OD1 . ASP A 1 72  ? 9.983   -4.306  4.526   1.00 21.74 ? 72  ASP A OD1 1 
ATOM   454  O OD2 . ASP A 1 72  ? 11.703  -4.580  3.240   1.00 21.06 ? 72  ASP A OD2 1 
ATOM   455  N N   . VAL A 1 73  ? 7.170   -5.506  4.913   1.00 13.64 ? 73  VAL A N   1 
ATOM   456  C CA  . VAL A 1 73  ? 5.964   -4.666  4.885   1.00 14.96 ? 73  VAL A CA  1 
ATOM   457  C C   . VAL A 1 73  ? 6.276   -3.283  4.239   1.00 12.65 ? 73  VAL A C   1 
ATOM   458  O O   . VAL A 1 73  ? 5.404   -2.611  3.754   1.00 12.97 ? 73  VAL A O   1 
ATOM   459  C CB  . VAL A 1 73  ? 5.390   -4.499  6.308   1.00 14.94 ? 73  VAL A CB  1 
ATOM   460  C CG1 . VAL A 1 73  ? 6.354   -3.678  7.161   1.00 16.36 ? 73  VAL A CG1 1 
ATOM   461  C CG2 . VAL A 1 73  ? 3.983   -3.936  6.292   1.00 15.14 ? 73  VAL A CG2 1 
ATOM   462  N N   . ASN A 1 74  ? 7.515   -2.881  4.268   1.00 11.72 ? 74  ASN A N   1 
ATOM   463  C CA  . ASN A 1 74  ? 7.900   -1.597  3.743   1.00 11.94 ? 74  ASN A CA  1 
ATOM   464  C C   . ASN A 1 74  ? 8.718   -1.610  2.453   1.00 11.47 ? 74  ASN A C   1 
ATOM   465  O O   . ASN A 1 74  ? 9.458   -0.676  2.131   1.00 10.42 ? 74  ASN A O   1 
ATOM   466  C CB  . ASN A 1 74  ? 8.619   -0.785  4.846   1.00 13.00 ? 74  ASN A CB  1 
ATOM   467  C CG  . ASN A 1 74  ? 7.639   -0.319  5.881   1.00 15.57 ? 74  ASN A CG  1 
ATOM   468  O OD1 . ASN A 1 74  ? 6.517   0.049   5.530   1.00 14.38 ? 74  ASN A OD1 1 
ATOM   469  N ND2 . ASN A 1 74  ? 8.019   -0.357  7.135   1.00 14.13 ? 74  ASN A ND2 1 
ATOM   470  N N   . ALA A 1 75  ? 8.633   -2.690  1.719   1.00 11.46 ? 75  ALA A N   1 
ATOM   471  C CA  . ALA A 1 75  ? 9.447   -2.779  0.491   1.00 11.34 ? 75  ALA A CA  1 
ATOM   472  C C   . ALA A 1 75  ? 9.095   -1.618  -0.435  1.00 12.43 ? 75  ALA A C   1 
ATOM   473  O O   . ALA A 1 75  ? 7.928   -1.333  -0.651  1.00 11.26 ? 75  ALA A O   1 
ATOM   474  C CB  . ALA A 1 75  ? 9.098   -4.142  -0.217  1.00 10.53 ? 75  ALA A CB  1 
ATOM   475  N N   . SER A 1 76  ? 10.095  -0.953  -1.004  1.00 11.75 ? 76  SER A N   1 
ATOM   476  C CA  . SER A 1 76  ? 9.803   0.127   -1.911  1.00 13.56 ? 76  SER A CA  1 
ATOM   477  C C   . SER A 1 76  ? 9.993   -0.344  -3.316  1.00 13.60 ? 76  SER A C   1 
ATOM   478  O O   . SER A 1 76  ? 11.050  -0.955  -3.575  1.00 12.24 ? 76  SER A O   1 
ATOM   479  C CB  . SER A 1 76  ? 10.773  1.310   -1.709  1.00 12.99 ? 76  SER A CB  1 
ATOM   480  O OG  . SER A 1 76  ? 10.463  1.955   -0.461  1.00 23.46 ? 76  SER A OG  1 
ATOM   481  N N   . ASP A 1 77  ? 9.039   -0.067  -4.214  1.00 12.39 ? 77  ASP A N   1 
ATOM   482  C CA  . ASP A 1 77  ? 9.228   -0.388  -5.622  1.00 13.07 ? 77  ASP A CA  1 
ATOM   483  C C   . ASP A 1 77  ? 10.102  0.620   -6.352  1.00 14.60 ? 77  ASP A C   1 
ATOM   484  O O   . ASP A 1 77  ? 10.669  1.518   -5.715  1.00 15.28 ? 77  ASP A O   1 
ATOM   485  C CB  . ASP A 1 77  ? 7.908   -0.650  -6.364  1.00 13.85 ? 77  ASP A CB  1 
ATOM   486  C CG  . ASP A 1 77  ? 7.093   0.612   -6.625  1.00 12.93 ? 77  ASP A CG  1 
ATOM   487  O OD1 . ASP A 1 77  ? 7.575   1.737   -6.375  1.00 7.70  ? 77  ASP A OD1 1 
ATOM   488  O OD2 . ASP A 1 77  ? 5.918   0.482   -7.031  1.00 8.71  ? 77  ASP A OD2 1 
ATOM   489  N N   . LEU A 1 78  ? 10.245  0.505   -7.668  1.00 14.29 ? 78  LEU A N   1 
ATOM   490  C CA  . LEU A 1 78  ? 11.133  1.461   -8.355  1.00 15.94 ? 78  LEU A CA  1 
ATOM   491  C C   . LEU A 1 78  ? 10.714  2.934   -8.283  1.00 15.50 ? 78  LEU A C   1 
ATOM   492  O O   . LEU A 1 78  ? 11.542  3.801   -8.441  1.00 14.85 ? 78  LEU A O   1 
ATOM   493  C CB  . LEU A 1 78  ? 11.485  1.072   -9.807  1.00 16.07 ? 78  LEU A CB  1 
ATOM   494  C CG  . LEU A 1 78  ? 12.289  -0.205  -9.942  1.00 19.30 ? 78  LEU A CG  1 
ATOM   495  C CD1 . LEU A 1 78  ? 12.424  -0.624  -11.422 1.00 24.63 ? 78  LEU A CD1 1 
ATOM   496  C CD2 . LEU A 1 78  ? 13.655  -0.006  -9.331  1.00 20.70 ? 78  LEU A CD2 1 
ATOM   497  N N   . THR A 1 79  ? 9.419   3.213   -8.077  1.00 13.67 ? 79  THR A N   1 
ATOM   498  C CA  . THR A 1 79  ? 8.971   4.598   -7.997  1.00 14.68 ? 79  THR A CA  1 
ATOM   499  C C   . THR A 1 79  ? 8.920   5.102   -6.536  1.00 12.92 ? 79  THR A C   1 
ATOM   500  O O   . THR A 1 79  ? 8.413   6.189   -6.254  1.00 13.25 ? 79  THR A O   1 
ATOM   501  C CB  . THR A 1 79  ? 7.561   4.745   -8.630  1.00 16.84 ? 79  THR A CB  1 
ATOM   502  O OG1 . THR A 1 79  ? 6.588   4.171   -7.724  1.00 20.33 ? 79  THR A OG1 1 
ATOM   503  C CG2 . THR A 1 79  ? 7.513   3.878   -9.939  1.00 13.90 ? 79  THR A CG2 1 
ATOM   504  N N   . GLY A 1 80  ? 9.451   4.299   -5.619  1.00 12.35 ? 80  GLY A N   1 
ATOM   505  C CA  . GLY A 1 80  ? 9.415   4.598   -4.189  1.00 12.32 ? 80  GLY A CA  1 
ATOM   506  C C   . GLY A 1 80  ? 8.088   4.234   -3.499  1.00 10.39 ? 80  GLY A C   1 
ATOM   507  O O   . GLY A 1 80  ? 7.867   4.604   -2.338  1.00 11.40 ? 80  GLY A O   1 
ATOM   508  N N   . ILE A 1 81  ? 7.235   3.509   -4.187  1.00 9.33  ? 81  ILE A N   1 
ATOM   509  C CA  . ILE A 1 81  ? 5.934   3.106   -3.650  1.00 9.59  ? 81  ILE A CA  1 
ATOM   510  C C   . ILE A 1 81  ? 5.989   1.815   -2.839  1.00 8.80  ? 81  ILE A C   1 
ATOM   511  O O   . ILE A 1 81  ? 6.630   0.832   -3.259  1.00 7.29  ? 81  ILE A O   1 
ATOM   512  C CB  . ILE A 1 81  ? 4.923   3.038   -4.811  1.00 10.46 ? 81  ILE A CB  1 
ATOM   513  C CG1 . ILE A 1 81  ? 4.228   4.448   -4.901  1.00 12.74 ? 81  ILE A CG1 1 
ATOM   514  C CG2 . ILE A 1 81  ? 3.837   1.969   -4.547  1.00 9.72  ? 81  ILE A CG2 1 
ATOM   515  C CD1 . ILE A 1 81  ? 3.270   4.665   -6.014  1.00 16.31 ? 81  ILE A CD1 1 
ATOM   516  N N   . THR A 1 82  ? 5.333   1.842   -1.679  1.00 9.63  ? 82  THR A N   1 
ATOM   517  C CA  . THR A 1 82  ? 5.275   0.700   -0.764  1.00 10.33 ? 82  THR A CA  1 
ATOM   518  C C   . THR A 1 82  ? 3.909   0.057   -0.850  1.00 11.82 ? 82  THR A C   1 
ATOM   519  O O   . THR A 1 82  ? 3.025   0.597   -1.443  1.00 9.86  ? 82  THR A O   1 
ATOM   520  C CB  . THR A 1 82  ? 5.475   1.133   0.688   1.00 11.52 ? 82  THR A CB  1 
ATOM   521  O OG1 . THR A 1 82  ? 4.430   2.024   1.145   1.00 10.68 ? 82  THR A OG1 1 
ATOM   522  C CG2 . THR A 1 82  ? 6.805   1.971   0.871   1.00 11.08 ? 82  THR A CG2 1 
ATOM   523  N N   . PRO A 1 83  ? 3.755   -1.124  -0.289  1.00 10.50 ? 83  PRO A N   1 
ATOM   524  C CA  . PRO A 1 83  ? 2.439   -1.768  -0.276  1.00 10.90 ? 83  PRO A CA  1 
ATOM   525  C C   . PRO A 1 83  ? 1.371   -0.880  0.336   1.00 9.11  ? 83  PRO A C   1 
ATOM   526  O O   . PRO A 1 83  ? 0.260   -0.841  -0.163  1.00 10.53 ? 83  PRO A O   1 
ATOM   527  C CB  . PRO A 1 83  ? 2.696   -3.047  0.584   1.00 9.74  ? 83  PRO A CB  1 
ATOM   528  C CG  . PRO A 1 83  ? 4.030   -3.379  0.229   1.00 11.54 ? 83  PRO A CG  1 
ATOM   529  C CD  . PRO A 1 83  ? 4.798   -1.969  0.273   1.00 11.19 ? 83  PRO A CD  1 
ATOM   530  N N   . LEU A 1 84  ? 1.701   -0.171  1.402   1.00 9.58  ? 84  LEU A N   1 
ATOM   531  C CA  . LEU A 1 84  ? 0.758   0.743   2.021   1.00 8.82  ? 84  LEU A CA  1 
ATOM   532  C C   . LEU A 1 84  ? 0.333   1.834   1.035   1.00 8.82  ? 84  LEU A C   1 
ATOM   533  O O   . LEU A 1 84  ? -0.820  2.208   1.000   1.00 8.93  ? 84  LEU A O   1 
ATOM   534  C CB  . LEU A 1 84  ? 1.337   1.387   3.277   1.00 8.25  ? 84  LEU A CB  1 
ATOM   535  C CG  . LEU A 1 84  ? 0.326   2.321   4.025   1.00 10.02 ? 84  LEU A CG  1 
ATOM   536  C CD1 . LEU A 1 84  ? -0.971  1.596   4.424   1.00 9.79  ? 84  LEU A CD1 1 
ATOM   537  C CD2 . LEU A 1 84  ? 0.936   2.915   5.292   1.00 11.91 ? 84  LEU A CD2 1 
ATOM   538  N N   . HIS A 1 85  ? 1.262   2.335   0.239   1.00 8.43  ? 85  HIS A N   1 
ATOM   539  C CA  . HIS A 1 85  ? 0.866   3.366   -0.747  1.00 8.74  ? 85  HIS A CA  1 
ATOM   540  C C   . HIS A 1 85  ? -0.189  2.781   -1.700  1.00 8.14  ? 85  HIS A C   1 
ATOM   541  O O   . HIS A 1 85  ? -1.169  3.447   -2.021  1.00 7.70  ? 85  HIS A O   1 
ATOM   542  C CB  . HIS A 1 85  ? 2.046   3.785   -1.628  1.00 9.51  ? 85  HIS A CB  1 
ATOM   543  C CG  . HIS A 1 85  ? 2.938   4.866   -1.057  1.00 12.35 ? 85  HIS A CG  1 
ATOM   544  N ND1 . HIS A 1 85  ? 4.218   4.603   -0.617  1.00 8.85  ? 85  HIS A ND1 1 
ATOM   545  C CD2 . HIS A 1 85  ? 2.775   6.214   -0.944  1.00 11.51 ? 85  HIS A CD2 1 
ATOM   546  C CE1 . HIS A 1 85  ? 4.788   5.725   -0.215  1.00 10.11 ? 85  HIS A CE1 1 
ATOM   547  N NE2 . HIS A 1 85  ? 3.929   6.719   -0.388  1.00 11.13 ? 85  HIS A NE2 1 
ATOM   548  N N   . LEU A 1 86  ? 0.020   1.560   -2.160  1.00 6.85  ? 86  LEU A N   1 
ATOM   549  C CA  . LEU A 1 86  ? -0.898  0.972   -3.132  1.00 7.66  ? 86  LEU A CA  1 
ATOM   550  C C   . LEU A 1 86  ? -2.266  0.705   -2.540  1.00 8.43  ? 86  LEU A C   1 
ATOM   551  O O   . LEU A 1 86  ? -3.284  1.013   -3.172  1.00 9.11  ? 86  LEU A O   1 
ATOM   552  C CB  . LEU A 1 86  ? -0.334  -0.283  -3.754  1.00 7.83  ? 86  LEU A CB  1 
ATOM   553  C CG  . LEU A 1 86  ? 0.832   -0.003  -4.748  1.00 11.07 ? 86  LEU A CG  1 
ATOM   554  C CD1 . LEU A 1 86  ? 1.505   -1.327  -5.159  1.00 11.40 ? 86  LEU A CD1 1 
ATOM   555  C CD2 . LEU A 1 86  ? 0.368   0.767   -5.968  1.00 6.18  ? 86  LEU A CD2 1 
ATOM   556  N N   . ALA A 1 87  ? -2.297  0.197   -1.329  1.00 5.82  ? 87  ALA A N   1 
ATOM   557  C CA  . ALA A 1 87  ? -3.570  -0.150  -0.677  1.00 6.72  ? 87  ALA A CA  1 
ATOM   558  C C   . ALA A 1 87  ? -4.372  1.110   -0.360  1.00 7.89  ? 87  ALA A C   1 
ATOM   559  O O   . ALA A 1 87  ? -5.591  1.127   -0.498  1.00 7.90  ? 87  ALA A O   1 
ATOM   560  C CB  . ALA A 1 87  ? -3.333  -1.004  0.617   1.00 6.25  ? 87  ALA A CB  1 
ATOM   561  N N   . ALA A 1 88  ? -3.681  2.188   -0.011  1.00 5.75  ? 88  ALA A N   1 
ATOM   562  C CA  . ALA A 1 88  ? -4.348  3.448   0.285   1.00 7.47  ? 88  ALA A CA  1 
ATOM   563  C C   . ALA A 1 88  ? -4.864  4.074   -1.009  1.00 7.27  ? 88  ALA A C   1 
ATOM   564  O O   . ALA A 1 88  ? -5.976  4.530   -1.050  1.00 7.62  ? 88  ALA A O   1 
ATOM   565  C CB  . ALA A 1 88  ? -3.408  4.451   1.030   1.00 7.40  ? 88  ALA A CB  1 
ATOM   566  N N   . ALA A 1 89  ? -4.048  4.037   -2.050  1.00 7.07  ? 89  ALA A N   1 
ATOM   567  C CA  . ALA A 1 89  ? -4.492  4.571   -3.358  1.00 9.41  ? 89  ALA A CA  1 
ATOM   568  C C   . ALA A 1 89  ? -5.643  3.825   -3.993  1.00 9.80  ? 89  ALA A C   1 
ATOM   569  O O   . ALA A 1 89  ? -6.529  4.451   -4.570  1.00 11.36 ? 89  ALA A O   1 
ATOM   570  C CB  . ALA A 1 89  ? -3.342  4.715   -4.339  1.00 8.76  ? 89  ALA A CB  1 
ATOM   571  N N   . THR A 1 90  ? -5.594  2.495   -3.914  1.00 9.60  ? 90  THR A N   1 
ATOM   572  C CA  . THR A 1 90  ? -6.597  1.669   -4.533  1.00 10.74 ? 90  THR A CA  1 
ATOM   573  C C   . THR A 1 90  ? -7.828  1.462   -3.637  1.00 11.85 ? 90  THR A C   1 
ATOM   574  O O   . THR A 1 90  ? -8.738  0.780   -4.061  1.00 15.00 ? 90  THR A O   1 
ATOM   575  C CB  . THR A 1 90  ? -6.061  0.319   -4.925  1.00 10.86 ? 90  THR A CB  1 
ATOM   576  O OG1 . THR A 1 90  ? -5.467  -0.315  -3.770  1.00 10.10 ? 90  THR A OG1 1 
ATOM   577  C CG2 . THR A 1 90  ? -4.887  0.506   -5.934  1.00 9.10  ? 90  THR A CG2 1 
ATOM   578  N N   . GLY A 1 91  ? -7.846  2.016   -2.449  1.00 8.58  ? 91  GLY A N   1 
ATOM   579  C CA  . GLY A 1 91  ? -8.989  1.960   -1.607  1.00 10.61 ? 91  GLY A CA  1 
ATOM   580  C C   . GLY A 1 91  ? -9.245  0.646   -0.848  1.00 11.17 ? 91  GLY A C   1 
ATOM   581  O O   . GLY A 1 91  ? -10.381 0.364   -0.505  1.00 10.23 ? 91  GLY A O   1 
ATOM   582  N N   . HIS A 1 92  ? -8.214  -0.114  -0.546  1.00 9.65  ? 92  HIS A N   1 
ATOM   583  C CA  . HIS A 1 92  ? -8.442  -1.378  0.158   1.00 11.33 ? 92  HIS A CA  1 
ATOM   584  C C   . HIS A 1 92  ? -8.205  -1.139  1.612   1.00 10.68 ? 92  HIS A C   1 
ATOM   585  O O   . HIS A 1 92  ? -7.112  -1.293  2.115   1.00 10.17 ? 92  HIS A O   1 
ATOM   586  C CB  . HIS A 1 92  ? -7.558  -2.476  -0.414  1.00 11.70 ? 92  HIS A CB  1 
ATOM   587  C CG  . HIS A 1 92  ? -7.990  -2.911  -1.785  1.00 11.57 ? 92  HIS A CG  1 
ATOM   588  N ND1 . HIS A 1 92  ? -7.190  -2.744  -2.913  1.00 12.17 ? 92  HIS A ND1 1 
ATOM   589  C CD2 . HIS A 1 92  ? -9.152  -3.431  -2.220  1.00 8.46  ? 92  HIS A CD2 1 
ATOM   590  C CE1 . HIS A 1 92  ? -7.858  -3.126  -3.975  1.00 8.69  ? 92  HIS A CE1 1 
ATOM   591  N NE2 . HIS A 1 92  ? -9.041  -3.567  -3.586  1.00 14.51 ? 92  HIS A NE2 1 
ATOM   592  N N   . LEU A 1 93  ? -9.269  -0.737  2.255   1.00 10.96 ? 93  LEU A N   1 
ATOM   593  C CA  . LEU A 1 93  ? -9.222  -0.277  3.624   1.00 12.13 ? 93  LEU A CA  1 
ATOM   594  C C   . LEU A 1 93  ? -8.746  -1.338  4.628   1.00 10.54 ? 93  LEU A C   1 
ATOM   595  O O   . LEU A 1 93  ? -7.844  -1.107  5.459   1.00 11.45 ? 93  LEU A O   1 
ATOM   596  C CB  . LEU A 1 93  ? -10.627 0.231   3.969   1.00 12.46 ? 93  LEU A CB  1 
ATOM   597  C CG  . LEU A 1 93  ? -10.944 0.513   5.453   1.00 12.24 ? 93  LEU A CG  1 
ATOM   598  C CD1 . LEU A 1 93  ? -10.041 1.620   5.974   1.00 13.15 ? 93  LEU A CD1 1 
ATOM   599  C CD2 . LEU A 1 93  ? -12.415 0.911   5.564   1.00 14.28 ? 93  LEU A CD2 1 
ATOM   600  N N   . GLU A 1 94  ? -9.335  -2.515  4.547   1.00 11.28 ? 94  GLU A N   1 
ATOM   601  C CA  . GLU A 1 94  ? -8.922  -3.531  5.507   1.00 12.21 ? 94  GLU A CA  1 
ATOM   602  C C   . GLU A 1 94  ? -7.456  -3.863  5.354   1.00 11.36 ? 94  GLU A C   1 
ATOM   603  O O   . GLU A 1 94  ? -6.724  -4.047  6.314   1.00 11.07 ? 94  GLU A O   1 
ATOM   604  C CB  . GLU A 1 94  ? -9.771  -4.776  5.379   1.00 14.23 ? 94  GLU A CB  1 
ATOM   605  C CG  . GLU A 1 94  ? -9.762  -5.538  6.683   1.00 16.40 ? 94  GLU A CG  1 
ATOM   606  C CD  . GLU A 1 94  ? -10.680 -6.766  6.615   1.00 21.27 ? 94  GLU A CD  1 
ATOM   607  O OE1 . GLU A 1 94  ? -11.566 -6.871  5.697   1.00 20.46 ? 94  GLU A OE1 1 
ATOM   608  O OE2 . GLU A 1 94  ? -10.470 -7.633  7.502   1.00 20.11 ? 94  GLU A OE2 1 
ATOM   609  N N   . ILE A 1 95  ? -7.013  -3.929  4.096   1.00 10.97 ? 95  ILE A N   1 
ATOM   610  C CA  . ILE A 1 95  ? -5.615  -4.167  3.828   1.00 9.56  ? 95  ILE A CA  1 
ATOM   611  C C   . ILE A 1 95  ? -4.711  -3.072  4.401   1.00 10.20 ? 95  ILE A C   1 
ATOM   612  O O   . ILE A 1 95  ? -3.702  -3.340  5.017   1.00 10.51 ? 95  ILE A O   1 
ATOM   613  C CB  . ILE A 1 95  ? -5.389  -4.418  2.289   1.00 9.96  ? 95  ILE A CB  1 
ATOM   614  C CG1 . ILE A 1 95  ? -5.922  -5.805  1.954   1.00 11.44 ? 95  ILE A CG1 1 
ATOM   615  C CG2 . ILE A 1 95  ? -3.886  -4.300  1.951   1.00 9.70  ? 95  ILE A CG2 1 
ATOM   616  C CD1 . ILE A 1 95  ? -6.001  -6.157  0.479   1.00 13.29 ? 95  ILE A CD1 1 
ATOM   617  N N   . VAL A 1 96  ? -5.144  -1.827  4.272   1.00 11.06 ? 96  VAL A N   1 
ATOM   618  C CA  . VAL A 1 96  ? -4.424  -0.752  4.895   1.00 11.22 ? 96  VAL A CA  1 
ATOM   619  C C   . VAL A 1 96  ? -4.288  -1.032  6.390   1.00 11.21 ? 96  VAL A C   1 
ATOM   620  O O   . VAL A 1 96  ? -3.216  -0.824  6.992   1.00 10.71 ? 96  VAL A O   1 
ATOM   621  C CB  . VAL A 1 96  ? -5.159  0.570   4.688   1.00 12.25 ? 96  VAL A CB  1 
ATOM   622  C CG1 . VAL A 1 96  ? -4.680  1.561   5.715   1.00 12.61 ? 96  VAL A CG1 1 
ATOM   623  C CG2 . VAL A 1 96  ? -4.903  1.138   3.222   1.00 9.55  ? 96  VAL A CG2 1 
ATOM   624  N N   . GLU A 1 97  ? -5.362  -1.507  7.003   1.00 10.95 ? 97  GLU A N   1 
ATOM   625  C CA  . GLU A 1 97  ? -5.295  -1.706  8.428   1.00 11.40 ? 97  GLU A CA  1 
ATOM   626  C C   . GLU A 1 97  ? -4.344  -2.873  8.767   1.00 12.26 ? 97  GLU A C   1 
ATOM   627  O O   . GLU A 1 97  ? -3.591  -2.851  9.759   1.00 14.49 ? 97  GLU A O   1 
ATOM   628  C CB  . GLU A 1 97  ? -6.724  -1.948  8.964   1.00 12.07 ? 97  GLU A CB  1 
ATOM   629  C CG  . GLU A 1 97  ? -7.624  -0.738  8.718   1.00 12.65 ? 97  GLU A CG  1 
ATOM   630  C CD  . GLU A 1 97  ? -9.096  -0.950  8.899   1.00 18.23 ? 97  GLU A CD  1 
ATOM   631  O OE1 . GLU A 1 97  ? -9.808  0.054   8.849   1.00 16.67 ? 97  GLU A OE1 1 
ATOM   632  O OE2 . GLU A 1 97  ? -9.571  -2.106  9.039   1.00 18.99 ? 97  GLU A OE2 1 
ATOM   633  N N   . VAL A 1 98  ? -4.312  -3.884  7.922   1.00 10.96 ? 98  VAL A N   1 
ATOM   634  C CA  . VAL A 1 98  ? -3.435  -4.967  8.249   1.00 10.09 ? 98  VAL A CA  1 
ATOM   635  C C   . VAL A 1 98  ? -1.980  -4.590  8.099   1.00 11.06 ? 98  VAL A C   1 
ATOM   636  O O   . VAL A 1 98  ? -1.137  -4.984  8.915   1.00 9.96  ? 98  VAL A O   1 
ATOM   637  C CB  . VAL A 1 98  ? -3.837  -6.192  7.500   1.00 10.73 ? 98  VAL A CB  1 
ATOM   638  C CG1 . VAL A 1 98  ? -2.697  -7.155  7.485   1.00 13.11 ? 98  VAL A CG1 1 
ATOM   639  C CG2 . VAL A 1 98  ? -5.138  -6.701  8.191   1.00 10.98 ? 98  VAL A CG2 1 
ATOM   640  N N   . LEU A 1 99  ? -1.677  -3.849  7.037   1.00 8.91  ? 99  LEU A N   1 
ATOM   641  C CA  . LEU A 1 99  ? -0.323  -3.393  6.849   1.00 9.57  ? 99  LEU A CA  1 
ATOM   642  C C   . LEU A 1 99  ? 0.139   -2.572  8.033   1.00 8.87  ? 99  LEU A C   1 
ATOM   643  O O   . LEU A 1 99  ? 1.258   -2.776  8.529   1.00 8.21  ? 99  LEU A O   1 
ATOM   644  C CB  . LEU A 1 99  ? -0.190  -2.567  5.565   1.00 7.30  ? 99  LEU A CB  1 
ATOM   645  C CG  . LEU A 1 99  ? -0.434  -3.405  4.310   1.00 8.40  ? 99  LEU A CG  1 
ATOM   646  C CD1 . LEU A 1 99  ? -0.610  -2.522  3.094   1.00 10.97 ? 99  LEU A CD1 1 
ATOM   647  C CD2 . LEU A 1 99  ? 0.729   -4.390  4.079   1.00 7.14  ? 99  LEU A CD2 1 
ATOM   648  N N   . LEU A 1 100 ? -0.682  -1.610  8.441   1.00 9.18  ? 100 LEU A N   1 
ATOM   649  C CA  . LEU A 1 100 ? -0.309  -0.760  9.570   1.00 10.56 ? 100 LEU A CA  1 
ATOM   650  C C   . LEU A 1 100 ? -0.055  -1.602  10.846  1.00 12.69 ? 100 LEU A C   1 
ATOM   651  O O   . LEU A 1 100 ? 0.865   -1.342  11.596  1.00 11.44 ? 100 LEU A O   1 
ATOM   652  C CB  . LEU A 1 100 ? -1.380  0.269   9.869   1.00 11.01 ? 100 LEU A CB  1 
ATOM   653  C CG  . LEU A 1 100 ? -1.458  1.450   8.870   1.00 11.39 ? 100 LEU A CG  1 
ATOM   654  C CD1 . LEU A 1 100 ? -2.728  2.224   9.044   1.00 13.85 ? 100 LEU A CD1 1 
ATOM   655  C CD2 . LEU A 1 100 ? -0.253  2.373   8.956   1.00 9.74  ? 100 LEU A CD2 1 
ATOM   656  N N   . LYS A 1 101 ? -0.904  -2.588  11.075  1.00 13.46 ? 101 LYS A N   1 
ATOM   657  C CA  . LYS A 1 101 ? -0.760  -3.425  12.250  1.00 15.44 ? 101 LYS A CA  1 
ATOM   658  C C   . LYS A 1 101 ? 0.589   -4.174  12.222  1.00 16.00 ? 101 LYS A C   1 
ATOM   659  O O   . LYS A 1 101 ? 1.168   -4.493  13.278  1.00 14.45 ? 101 LYS A O   1 
ATOM   660  C CB  . LYS A 1 101 ? -1.914  -4.416  12.288  1.00 16.28 ? 101 LYS A CB  1 
ATOM   661  C CG  . LYS A 1 101 ? -1.791  -5.508  13.353  1.00 23.32 ? 101 LYS A CG  1 
ATOM   662  C CD  . LYS A 1 101 ? -2.943  -6.512  13.255  1.00 32.02 ? 101 LYS A CD  1 
ATOM   663  C CE  . LYS A 1 101 ? -2.761  -7.687  14.233  1.00 38.19 ? 101 LYS A CE  1 
ATOM   664  N NZ  . LYS A 1 101 ? -3.870  -8.636  14.042  1.00 42.75 ? 101 LYS A NZ  1 
ATOM   665  N N   . HIS A 1 102 ? 1.086   -4.444  11.015  1.00 14.85 ? 102 HIS A N   1 
ATOM   666  C CA  . HIS A 1 102 ? 2.341   -5.168  10.876  1.00 16.60 ? 102 HIS A CA  1 
ATOM   667  C C   . HIS A 1 102 ? 3.558   -4.298  10.569  1.00 14.24 ? 102 HIS A C   1 
ATOM   668  O O   . HIS A 1 102 ? 4.470   -4.733  9.910   1.00 13.39 ? 102 HIS A O   1 
ATOM   669  C CB  . HIS A 1 102 ? 2.179   -6.317  9.872   1.00 18.48 ? 102 HIS A CB  1 
ATOM   670  C CG  . HIS A 1 102 ? 1.174   -7.333  10.320  1.00 23.71 ? 102 HIS A CG  1 
ATOM   671  N ND1 . HIS A 1 102 ? 1.442   -8.239  11.332  1.00 32.00 ? 102 HIS A ND1 1 
ATOM   672  C CD2 . HIS A 1 102 ? -0.115  -7.544  9.957   1.00 24.69 ? 102 HIS A CD2 1 
ATOM   673  C CE1 . HIS A 1 102 ? 0.371   -8.991  11.541  1.00 32.32 ? 102 HIS A CE1 1 
ATOM   674  N NE2 . HIS A 1 102 ? -0.576  -8.609  10.700  1.00 29.21 ? 102 HIS A NE2 1 
ATOM   675  N N   . GLY A 1 103 ? 3.573   -3.066  11.049  1.00 14.06 ? 103 GLY A N   1 
ATOM   676  C CA  . GLY A 1 103 ? 4.727   -2.184  10.913  1.00 13.93 ? 103 GLY A CA  1 
ATOM   677  C C   . GLY A 1 103 ? 4.790   -1.280  9.664   1.00 13.73 ? 103 GLY A C   1 
ATOM   678  O O   . GLY A 1 103 ? 5.793   -0.640  9.438   1.00 14.17 ? 103 GLY A O   1 
ATOM   679  N N   . ALA A 1 104 ? 3.778   -1.255  8.815   1.00 14.28 ? 104 ALA A N   1 
ATOM   680  C CA  . ALA A 1 104 ? 3.859   -0.368  7.611   1.00 13.95 ? 104 ALA A CA  1 
ATOM   681  C C   . ALA A 1 104 ? 4.191   1.086   8.017   1.00 14.13 ? 104 ALA A C   1 
ATOM   682  O O   . ALA A 1 104 ? 3.665   1.582   8.989   1.00 12.15 ? 104 ALA A O   1 
ATOM   683  C CB  . ALA A 1 104 ? 2.531   -0.415  6.827   1.00 15.83 ? 104 ALA A CB  1 
ATOM   684  N N   . ASP A 1 105 ? 5.089   1.746   7.292   1.00 13.69 ? 105 ASP A N   1 
ATOM   685  C CA  . ASP A 1 105 ? 5.459   3.116   7.601   1.00 14.31 ? 105 ASP A CA  1 
ATOM   686  C C   . ASP A 1 105 ? 4.360   4.063   7.078   1.00 15.39 ? 105 ASP A C   1 
ATOM   687  O O   . ASP A 1 105 ? 4.295   4.369   5.898   1.00 13.90 ? 105 ASP A O   1 
ATOM   688  C CB  . ASP A 1 105 ? 6.736   3.375   6.880   1.00 14.99 ? 105 ASP A CB  1 
ATOM   689  C CG  . ASP A 1 105 ? 7.222   4.793   7.008   1.00 18.87 ? 105 ASP A CG  1 
ATOM   690  O OD1 . ASP A 1 105 ? 6.632   5.604   7.757   1.00 20.37 ? 105 ASP A OD1 1 
ATOM   691  O OD2 . ASP A 1 105 ? 8.233   5.156   6.387   1.00 20.05 ? 105 ASP A OD2 1 
ATOM   692  N N   . VAL A 1 106 ? 3.549   4.557   8.003   1.00 14.61 ? 106 VAL A N   1 
ATOM   693  C CA  . VAL A 1 106 ? 2.394   5.381   7.685   1.00 17.07 ? 106 VAL A CA  1 
ATOM   694  C C   . VAL A 1 106 ? 2.783   6.648   6.908   1.00 16.83 ? 106 VAL A C   1 
ATOM   695  O O   . VAL A 1 106 ? 1.971   7.191   6.190   1.00 18.18 ? 106 VAL A O   1 
ATOM   696  C CB  . VAL A 1 106 ? 1.634   5.773   8.982   1.00 16.22 ? 106 VAL A CB  1 
ATOM   697  C CG1 . VAL A 1 106 ? 2.486   6.797   9.808   1.00 14.74 ? 106 VAL A CG1 1 
ATOM   698  C CG2 . VAL A 1 106 ? 0.262   6.335   8.624   1.00 16.38 ? 106 VAL A CG2 1 
ATOM   699  N N   . ASN A 1 107 ? 4.031   7.103   7.057   1.00 17.63 ? 107 ASN A N   1 
ATOM   700  C CA  . ASN A 1 107 ? 4.471   8.305   6.386   1.00 18.30 ? 107 ASN A CA  1 
ATOM   701  C C   . ASN A 1 107 ? 5.499   8.086   5.271   1.00 18.37 ? 107 ASN A C   1 
ATOM   702  O O   . ASN A 1 107 ? 6.346   8.953   5.010   1.00 18.35 ? 107 ASN A O   1 
ATOM   703  C CB  . ASN A 1 107 ? 4.992   9.332   7.410   1.00 19.27 ? 107 ASN A CB  1 
ATOM   704  C CG  . ASN A 1 107 ? 3.865   9.958   8.206   1.00 19.20 ? 107 ASN A CG  1 
ATOM   705  O OD1 . ASN A 1 107 ? 2.852   10.368  7.642   1.00 19.33 ? 107 ASN A OD1 1 
ATOM   706  N ND2 . ASN A 1 107 ? 4.015   9.999   9.536   1.00 21.60 ? 107 ASN A ND2 1 
ATOM   707  N N   . ALA A 1 108 ? 5.420   6.940   4.611   1.00 16.16 ? 108 ALA A N   1 
ATOM   708  C CA  . ALA A 1 108 ? 6.384   6.614   3.556   1.00 16.30 ? 108 ALA A CA  1 
ATOM   709  C C   . ALA A 1 108 ? 6.240   7.656   2.452   1.00 16.46 ? 108 ALA A C   1 
ATOM   710  O O   . ALA A 1 108 ? 5.119   8.086   2.119   1.00 14.73 ? 108 ALA A O   1 
ATOM   711  C CB  . ALA A 1 108 ? 6.177   5.167   3.030   1.00 15.94 ? 108 ALA A CB  1 
ATOM   712  N N   . TYR A 1 109 ? 7.390   8.082   1.924   1.00 17.30 ? 109 TYR A N   1 
ATOM   713  C CA  . TYR A 1 109 ? 7.464   9.100   0.860   1.00 18.58 ? 109 TYR A CA  1 
ATOM   714  C C   . TYR A 1 109 ? 7.875   8.477   -0.438  1.00 16.67 ? 109 TYR A C   1 
ATOM   715  O O   . TYR A 1 109 ? 8.911   7.954   -0.513  1.00 16.66 ? 109 TYR A O   1 
ATOM   716  C CB  . TYR A 1 109 ? 8.492   10.219  1.222   1.00 20.55 ? 109 TYR A CB  1 
ATOM   717  C CG  A TYR A 1 109 ? 7.916   11.242  2.187   0.50 21.49 ? 109 TYR A CG  1 
ATOM   718  C CG  B TYR A 1 109 ? 7.847   11.530  1.493   0.50 23.38 ? 109 TYR A CG  1 
ATOM   719  C CD1 A TYR A 1 109 ? 7.269   12.368  1.712   0.50 22.12 ? 109 TYR A CD1 1 
ATOM   720  C CD1 B TYR A 1 109 ? 7.870   12.517  0.560   0.50 27.16 ? 109 TYR A CD1 1 
ATOM   721  C CD2 A TYR A 1 109 ? 7.974   11.050  3.584   0.50 21.47 ? 109 TYR A CD2 1 
ATOM   722  C CD2 B TYR A 1 109 ? 7.142   11.748  2.675   0.50 28.13 ? 109 TYR A CD2 1 
ATOM   723  C CE1 A TYR A 1 109 ? 6.705   13.289  2.594   0.50 24.20 ? 109 TYR A CE1 1 
ATOM   724  C CE1 B TYR A 1 109 ? 7.215   13.699  0.771   0.50 31.57 ? 109 TYR A CE1 1 
ATOM   725  C CE2 A TYR A 1 109 ? 7.424   11.968  4.467   0.50 21.39 ? 109 TYR A CE2 1 
ATOM   726  C CE2 B TYR A 1 109 ? 6.483   12.944  2.910   0.50 31.65 ? 109 TYR A CE2 1 
ATOM   727  C CZ  A TYR A 1 109 ? 6.800   13.087  3.965   0.50 21.40 ? 109 TYR A CZ  1 
ATOM   728  C CZ  B TYR A 1 109 ? 6.505   13.906  1.940   0.50 30.40 ? 109 TYR A CZ  1 
ATOM   729  O OH  A TYR A 1 109 ? 6.255   14.044  4.770   0.50 21.21 ? 109 TYR A OH  1 
ATOM   730  O OH  B TYR A 1 109 ? 5.859   15.090  2.144   0.50 32.10 ? 109 TYR A OH  1 
ATOM   731  N N   . ASP A 1 110 ? 7.105   8.606   -1.502  1.00 15.46 ? 110 ASP A N   1 
ATOM   732  C CA  . ASP A 1 110 ? 7.596   8.056   -2.755  1.00 14.40 ? 110 ASP A CA  1 
ATOM   733  C C   . ASP A 1 110 ? 8.470   9.075   -3.511  1.00 14.63 ? 110 ASP A C   1 
ATOM   734  O O   . ASP A 1 110 ? 8.758   10.183  -2.969  1.00 13.14 ? 110 ASP A O   1 
ATOM   735  C CB  . ASP A 1 110 ? 6.423   7.483   -3.602  1.00 13.91 ? 110 ASP A CB  1 
ATOM   736  C CG  . ASP A 1 110 ? 5.552   8.582   -4.284  1.00 15.49 ? 110 ASP A CG  1 
ATOM   737  O OD1 . ASP A 1 110 ? 5.831   9.797   -4.187  1.00 15.27 ? 110 ASP A OD1 1 
ATOM   738  O OD2 . ASP A 1 110 ? 4.554   8.279   -4.957  1.00 17.31 ? 110 ASP A OD2 1 
ATOM   739  N N   . ASN A 1 111 ? 8.862   8.731   -4.738  1.00 13.48 ? 111 ASN A N   1 
ATOM   740  C CA  . ASN A 1 111 ? 9.676   9.610   -5.583  1.00 17.23 ? 111 ASN A CA  1 
ATOM   741  C C   . ASN A 1 111 ? 9.059   10.987  -5.821  1.00 18.08 ? 111 ASN A C   1 
ATOM   742  O O   . ASN A 1 111 ? 9.798   11.948  -5.982  1.00 20.95 ? 111 ASN A O   1 
ATOM   743  C CB  . ASN A 1 111 ? 10.028  8.962   -6.939  1.00 16.67 ? 111 ASN A CB  1 
ATOM   744  C CG  . ASN A 1 111 ? 10.985  7.744   -6.810  1.00 20.06 ? 111 ASN A CG  1 
ATOM   745  O OD1 . ASN A 1 111 ? 11.302  7.153   -7.805  1.00 26.29 ? 111 ASN A OD1 1 
ATOM   746  N ND2 . ASN A 1 111 ? 11.420  7.393   -5.576  1.00 18.58 ? 111 ASN A ND2 1 
ATOM   747  N N   . ASP A 1 112 ? 7.733   11.085  -5.847  1.00 18.26 ? 112 ASP A N   1 
ATOM   748  C CA  . ASP A 1 112 ? 7.075   12.351  -6.032  1.00 18.38 ? 112 ASP A CA  1 
ATOM   749  C C   . ASP A 1 112 ? 6.824   13.048  -4.690  1.00 16.50 ? 112 ASP A C   1 
ATOM   750  O O   . ASP A 1 112 ? 6.248   14.133  -4.651  1.00 16.06 ? 112 ASP A O   1 
ATOM   751  C CB  . ASP A 1 112 ? 5.709   12.181  -6.673  1.00 21.42 ? 112 ASP A CB  1 
ATOM   752  C CG  . ASP A 1 112 ? 5.778   11.683  -8.118  1.00 27.33 ? 112 ASP A CG  1 
ATOM   753  O OD1 . ASP A 1 112 ? 6.768   12.010  -8.831  1.00 30.55 ? 112 ASP A OD1 1 
ATOM   754  O OD2 . ASP A 1 112 ? 4.865   10.958  -8.565  1.00 32.60 ? 112 ASP A OD2 1 
ATOM   755  N N   . GLY A 1 113 ? 7.238   12.404  -3.618  1.00 14.46 ? 113 GLY A N   1 
ATOM   756  C CA  . GLY A 1 113 ? 7.020   12.928  -2.300  1.00 14.07 ? 113 GLY A CA  1 
ATOM   757  C C   . GLY A 1 113 ? 5.588   12.729  -1.781  1.00 14.35 ? 113 GLY A C   1 
ATOM   758  O O   . GLY A 1 113 ? 5.125   13.422  -0.851  1.00 12.17 ? 113 GLY A O   1 
ATOM   759  N N   . HIS A 1 114 ? 4.918   11.723  -2.369  1.00 11.89 ? 114 HIS A N   1 
ATOM   760  C CA  . HIS A 1 114 ? 3.587   11.384  -1.934  1.00 13.34 ? 114 HIS A CA  1 
ATOM   761  C C   . HIS A 1 114 ? 3.611   10.364  -0.830  1.00 12.17 ? 114 HIS A C   1 
ATOM   762  O O   . HIS A 1 114 ? 4.331   9.370   -0.931  1.00 10.47 ? 114 HIS A O   1 
ATOM   763  C CB  . HIS A 1 114 ? 2.751   10.856  -3.144  1.00 11.37 ? 114 HIS A CB  1 
ATOM   764  C CG  . HIS A 1 114 ? 2.353   11.940  -4.094  1.00 15.50 ? 114 HIS A CG  1 
ATOM   765  N ND1 . HIS A 1 114 ? 2.240   11.771  -5.450  1.00 17.07 ? 114 HIS A ND1 1 
ATOM   766  C CD2 . HIS A 1 114 ? 1.957   13.221  -3.844  1.00 18.20 ? 114 HIS A CD2 1 
ATOM   767  C CE1 . HIS A 1 114 ? 1.831   12.893  -6.009  1.00 21.67 ? 114 HIS A CE1 1 
ATOM   768  N NE2 . HIS A 1 114 ? 1.661   13.791  -5.057  1.00 21.26 ? 114 HIS A NE2 1 
ATOM   769  N N   . THR A 1 115 ? 2.805   10.612  0.202   1.00 13.00 ? 115 THR A N   1 
ATOM   770  C CA  . THR A 1 115 ? 2.658   9.657   1.308   1.00 11.96 ? 115 THR A CA  1 
ATOM   771  C C   . THR A 1 115 ? 1.363   8.908   1.089   1.00 12.70 ? 115 THR A C   1 
ATOM   772  O O   . THR A 1 115 ? 0.562   9.254   0.214   1.00 11.28 ? 115 THR A O   1 
ATOM   773  C CB  . THR A 1 115 ? 2.540   10.385  2.647   1.00 12.72 ? 115 THR A CB  1 
ATOM   774  O OG1 . THR A 1 115 ? 1.387   11.253  2.672   1.00 11.33 ? 115 THR A OG1 1 
ATOM   775  C CG2 . THR A 1 115 ? 3.727   11.375  2.777   1.00 13.29 ? 115 THR A CG2 1 
ATOM   776  N N   . PRO A 1 116 ? 1.129   7.881   1.861   1.00 11.43 ? 116 PRO A N   1 
ATOM   777  C CA  . PRO A 1 116 ? -0.151  7.181   1.700   1.00 12.78 ? 116 PRO A CA  1 
ATOM   778  C C   . PRO A 1 116 ? -1.335  8.128   1.875   1.00 11.74 ? 116 PRO A C   1 
ATOM   779  O O   . PRO A 1 116 ? -2.328  7.981   1.203   1.00 10.65 ? 116 PRO A O   1 
ATOM   780  C CB  . PRO A 1 116 ? -0.084  6.088   2.753   1.00 11.86 ? 116 PRO A CB  1 
ATOM   781  C CG  . PRO A 1 116 ? 1.358   5.801   2.815   1.00 10.74 ? 116 PRO A CG  1 
ATOM   782  C CD  . PRO A 1 116 ? 2.056   7.179   2.738   1.00 10.24 ? 116 PRO A CD  1 
ATOM   783  N N   . LEU A 1 117 ? -1.192  9.092   2.746   1.00 11.22 ? 117 LEU A N   1 
ATOM   784  C CA  . LEU A 1 117 ? -2.289  10.027  3.026   1.00 12.24 ? 117 LEU A CA  1 
ATOM   785  C C   . LEU A 1 117 ? -2.638  10.843  1.773   1.00 10.38 ? 117 LEU A C   1 
ATOM   786  O O   . LEU A 1 117 ? -3.795  11.046  1.442   1.00 8.52  ? 117 LEU A O   1 
ATOM   787  C CB  . LEU A 1 117 ? -1.870  10.956  4.143   1.00 10.51 ? 117 LEU A CB  1 
ATOM   788  C CG  . LEU A 1 117 ? -3.072  11.780  4.625   1.00 13.22 ? 117 LEU A CG  1 
ATOM   789  C CD1 . LEU A 1 117 ? -3.974  10.939  5.472   1.00 10.98 ? 117 LEU A CD1 1 
ATOM   790  C CD2 . LEU A 1 117 ? -2.698  12.929  5.424   1.00 16.04 ? 117 LEU A CD2 1 
ATOM   791  N N   . HIS A 1 118 ? -1.585  11.261  1.084   1.00 10.01 ? 118 HIS A N   1 
ATOM   792  C CA  . HIS A 1 118 ? -1.766  12.017  -0.171  1.00 11.08 ? 118 HIS A CA  1 
ATOM   793  C C   . HIS A 1 118 ? -2.529  11.200  -1.177  1.00 10.95 ? 118 HIS A C   1 
ATOM   794  O O   . HIS A 1 118 ? -3.396  11.721  -1.875  1.00 10.36 ? 118 HIS A O   1 
ATOM   795  C CB  . HIS A 1 118 ? -0.417  12.416  -0.805  1.00 9.10  ? 118 HIS A CB  1 
ATOM   796  C CG  . HIS A 1 118 ? 0.308   13.470  -0.062  1.00 15.57 ? 118 HIS A CG  1 
ATOM   797  N ND1 . HIS A 1 118 ? 1.666   13.408  0.181   1.00 16.56 ? 118 HIS A ND1 1 
ATOM   798  C CD2 . HIS A 1 118 ? -0.131  14.623  0.507   1.00 17.47 ? 118 HIS A CD2 1 
ATOM   799  C CE1 . HIS A 1 118 ? 2.036   14.503  0.825   1.00 19.60 ? 118 HIS A CE1 1 
ATOM   800  N NE2 . HIS A 1 118 ? 0.966   15.257  1.024   1.00 21.21 ? 118 HIS A NE2 1 
ATOM   801  N N   . LEU A 1 119 ? -2.199  9.900   -1.306  1.00 10.27 ? 119 LEU A N   1 
ATOM   802  C CA  . LEU A 1 119 ? -2.847  9.090   -2.353  1.00 9.03  ? 119 LEU A CA  1 
ATOM   803  C C   . LEU A 1 119 ? -4.268  8.810   -1.969  1.00 9.93  ? 119 LEU A C   1 
ATOM   804  O O   . LEU A 1 119 ? -5.176  8.819   -2.822  1.00 11.22 ? 119 LEU A O   1 
ATOM   805  C CB  . LEU A 1 119 ? -2.065  7.749   -2.630  1.00 8.18  ? 119 LEU A CB  1 
ATOM   806  C CG  . LEU A 1 119 ? -0.552  7.944   -2.951  1.00 12.03 ? 119 LEU A CG  1 
ATOM   807  C CD1 . LEU A 1 119 ? 0.122   6.623   -3.335  1.00 9.96  ? 119 LEU A CD1 1 
ATOM   808  C CD2 . LEU A 1 119 ? -0.370  8.925   -4.046  1.00 15.66 ? 119 LEU A CD2 1 
ATOM   809  N N   . ALA A 1 120 ? -4.486  8.551   -0.696  1.00 8.68  ? 120 ALA A N   1 
ATOM   810  C CA  . ALA A 1 120 ? -5.861  8.287   -0.298  1.00 10.78 ? 120 ALA A CA  1 
ATOM   811  C C   . ALA A 1 120 ? -6.662  9.526   -0.539  1.00 10.68 ? 120 ALA A C   1 
ATOM   812  O O   . ALA A 1 120 ? -7.821  9.448   -0.969  1.00 10.89 ? 120 ALA A O   1 
ATOM   813  C CB  . ALA A 1 120 ? -6.016  7.852   1.183   1.00 7.96  ? 120 ALA A CB  1 
ATOM   814  N N   . ALA A 1 121 ? -6.062  10.670  -0.246  1.00 11.74 ? 121 ALA A N   1 
ATOM   815  C CA  . ALA A 1 121 ? -6.824  11.923  -0.405  1.00 11.93 ? 121 ALA A CA  1 
ATOM   816  C C   . ALA A 1 121 ? -7.160  12.132  -1.903  1.00 13.62 ? 121 ALA A C   1 
ATOM   817  O O   . ALA A 1 121 ? -8.253  12.559  -2.299  1.00 13.87 ? 121 ALA A O   1 
ATOM   818  C CB  . ALA A 1 121 ? -5.982  13.096  0.117   1.00 10.16 ? 121 ALA A CB  1 
ATOM   819  N N   . LYS A 1 122 ? -6.201  11.848  -2.755  1.00 14.17 ? 122 LYS A N   1 
ATOM   820  C CA  . LYS A 1 122 ? -6.427  12.087  -4.171  1.00 16.89 ? 122 LYS A CA  1 
ATOM   821  C C   . LYS A 1 122 ? -7.602  11.283  -4.755  1.00 17.04 ? 122 LYS A C   1 
ATOM   822  O O   . LYS A 1 122 ? -8.355  11.805  -5.581  1.00 17.67 ? 122 LYS A O   1 
ATOM   823  C CB  . LYS A 1 122 ? -5.140  11.844  -4.932  1.00 17.69 ? 122 LYS A CB  1 
ATOM   824  C CG  . LYS A 1 122 ? -5.223  12.051  -6.443  1.00 20.54 ? 122 LYS A CG  1 
ATOM   825  C CD  . LYS A 1 122 ? -3.837  11.813  -7.129  1.00 26.99 ? 122 LYS A CD  1 
ATOM   826  C CE  . LYS A 1 122 ? -3.856  12.187  -8.625  1.00 30.13 ? 122 LYS A CE  1 
ATOM   827  N NZ  . LYS A 1 122 ? -2.489  12.254  -9.168  1.00 33.39 ? 122 LYS A NZ  1 
ATOM   828  N N   . TYR A 1 123 ? -7.747  10.025  -4.319  1.00 16.72 ? 123 TYR A N   1 
ATOM   829  C CA  . TYR A 1 123 ? -8.795  9.110   -4.799  1.00 15.44 ? 123 TYR A CA  1 
ATOM   830  C C   . TYR A 1 123 ? -10.023 8.996   -3.894  1.00 15.15 ? 123 TYR A C   1 
ATOM   831  O O   . TYR A 1 123 ? -10.819 8.077   -3.995  1.00 14.63 ? 123 TYR A O   1 
ATOM   832  C CB  . TYR A 1 123 ? -8.220  7.717   -5.134  1.00 15.33 ? 123 TYR A CB  1 
ATOM   833  C CG  . TYR A 1 123 ? -7.167  7.841   -6.152  1.00 13.44 ? 123 TYR A CG  1 
ATOM   834  C CD1 . TYR A 1 123 ? -5.803  7.899   -5.800  1.00 12.27 ? 123 TYR A CD1 1 
ATOM   835  C CD2 . TYR A 1 123 ? -7.508  7.956   -7.448  1.00 12.35 ? 123 TYR A CD2 1 
ATOM   836  C CE1 . TYR A 1 123 ? -4.844  8.052   -6.767  1.00 13.53 ? 123 TYR A CE1 1 
ATOM   837  C CE2 . TYR A 1 123 ? -6.570  8.149   -8.425  1.00 15.69 ? 123 TYR A CE2 1 
ATOM   838  C CZ  . TYR A 1 123 ? -5.247  8.204   -8.079  1.00 16.97 ? 123 TYR A CZ  1 
ATOM   839  O OH  . TYR A 1 123 ? -4.319  8.372   -9.058  1.00 19.48 ? 123 TYR A OH  1 
ATOM   840  N N   . GLY A 1 124 ? -10.211 9.998   -3.058  1.00 15.18 ? 124 GLY A N   1 
ATOM   841  C CA  . GLY A 1 124 ? -11.421 10.122  -2.245  1.00 14.68 ? 124 GLY A CA  1 
ATOM   842  C C   . GLY A 1 124 ? -11.725 8.976   -1.293  1.00 13.93 ? 124 GLY A C   1 
ATOM   843  O O   . GLY A 1 124 ? -12.877 8.692   -1.048  1.00 13.66 ? 124 GLY A O   1 
ATOM   844  N N   . HIS A 1 125 ? -10.703 8.328   -0.768  1.00 13.54 ? 125 HIS A N   1 
ATOM   845  C CA  . HIS A 1 125 ? -10.934 7.203   0.143   1.00 13.01 ? 125 HIS A CA  1 
ATOM   846  C C   . HIS A 1 125 ? -10.964 7.709   1.603   1.00 13.96 ? 125 HIS A C   1 
ATOM   847  O O   . HIS A 1 125 ? -9.960  7.754   2.312   1.00 13.87 ? 125 HIS A O   1 
ATOM   848  C CB  . HIS A 1 125 ? -9.877  6.148   -0.083  1.00 12.73 ? 125 HIS A CB  1 
ATOM   849  C CG  . HIS A 1 125 ? -9.865  5.610   -1.490  1.00 13.14 ? 125 HIS A CG  1 
ATOM   850  N ND1 . HIS A 1 125 ? -11.004 5.200   -2.153  1.00 12.90 ? 125 HIS A ND1 1 
ATOM   851  C CD2 . HIS A 1 125 ? -8.842  5.424   -2.354  1.00 10.81 ? 125 HIS A CD2 1 
ATOM   852  C CE1 . HIS A 1 125 ? -10.680 4.806   -3.374  1.00 13.16 ? 125 HIS A CE1 1 
ATOM   853  N NE2 . HIS A 1 125 ? -9.368  4.921   -3.512  1.00 15.37 ? 125 HIS A NE2 1 
ATOM   854  N N   . LEU A 1 126 ? -12.140 8.147   2.018   1.00 15.65 ? 126 LEU A N   1 
ATOM   855  C CA  . LEU A 1 126 ? -12.285 8.766   3.328   1.00 16.76 ? 126 LEU A CA  1 
ATOM   856  C C   . LEU A 1 126 ? -11.909 7.875   4.510   1.00 16.10 ? 126 LEU A C   1 
ATOM   857  O O   . LEU A 1 126 ? -11.179 8.313   5.344   1.00 17.04 ? 126 LEU A O   1 
ATOM   858  C CB  . LEU A 1 126 ? -13.754 9.201   3.466   1.00 17.12 ? 126 LEU A CB  1 
ATOM   859  C CG  . LEU A 1 126 ? -14.123 9.707   4.850   1.00 19.90 ? 126 LEU A CG  1 
ATOM   860  C CD1 . LEU A 1 126 ? -13.337 10.853  5.108   1.00 22.37 ? 126 LEU A CD1 1 
ATOM   861  C CD2 . LEU A 1 126 ? -15.678 9.981   4.868   0.00 18.06 ? 126 LEU A CD2 1 
ATOM   862  N N   . GLU A 1 127 ? -12.441 6.656   4.618   1.00 15.35 ? 127 GLU A N   1 
ATOM   863  C CA  . GLU A 1 127 ? -12.109 5.827   5.782   1.00 15.39 ? 127 GLU A CA  1 
ATOM   864  C C   . GLU A 1 127 ? -10.581 5.621   5.906   1.00 13.85 ? 127 GLU A C   1 
ATOM   865  O O   . GLU A 1 127 ? -10.007 5.617   6.998   1.00 13.58 ? 127 GLU A O   1 
ATOM   866  C CB  . GLU A 1 127 ? -12.732 4.463   5.697   1.00 16.60 ? 127 GLU A CB  1 
ATOM   867  C CG  . GLU A 1 127 ? -14.262 4.475   5.834   1.00 22.14 ? 127 GLU A CG  1 
ATOM   868  C CD  . GLU A 1 127 ? -14.987 5.027   4.614   1.00 28.61 ? 127 GLU A CD  1 
ATOM   869  O OE1 . GLU A 1 127 ? -14.469 4.860   3.482   1.00 28.55 ? 127 GLU A OE1 1 
ATOM   870  O OE2 . GLU A 1 127 ? -16.057 5.660   4.782   1.00 32.67 ? 127 GLU A OE2 1 
ATOM   871  N N   . ILE A 1 128 ? -9.960  5.400   4.760   1.00 12.14 ? 128 ILE A N   1 
ATOM   872  C CA  . ILE A 1 128 ? -8.509  5.201   4.741   1.00 11.66 ? 128 ILE A CA  1 
ATOM   873  C C   . ILE A 1 128 ? -7.819  6.421   5.306   1.00 11.68 ? 128 ILE A C   1 
ATOM   874  O O   . ILE A 1 128 ? -6.931  6.302   6.121   1.00 10.86 ? 128 ILE A O   1 
ATOM   875  C CB  . ILE A 1 128 ? -8.011  4.857   3.313   1.00 10.97 ? 128 ILE A CB  1 
ATOM   876  C CG1 . ILE A 1 128 ? -8.587  3.493   2.920   1.00 14.64 ? 128 ILE A CG1 1 
ATOM   877  C CG2 . ILE A 1 128 ? -6.450  4.880   3.236   1.00 10.23 ? 128 ILE A CG2 1 
ATOM   878  C CD1 . ILE A 1 128 ? -8.198  3.005   1.449   1.00 15.29 ? 128 ILE A CD1 1 
ATOM   879  N N   . VAL A 1 129 ? -8.264  7.599   4.895   1.00 10.73 ? 129 VAL A N   1 
ATOM   880  C CA  . VAL A 1 129 ? -7.664  8.814   5.456   1.00 10.55 ? 129 VAL A CA  1 
ATOM   881  C C   . VAL A 1 129 ? -7.850  8.811   6.971   1.00 11.14 ? 129 VAL A C   1 
ATOM   882  O O   . VAL A 1 129 ? -6.902  9.058   7.715   1.00 10.56 ? 129 VAL A O   1 
ATOM   883  C CB  . VAL A 1 129 ? -8.308  10.072  4.842   1.00 11.63 ? 129 VAL A CB  1 
ATOM   884  C CG1 . VAL A 1 129 ? -7.973  11.304  5.712   1.00 12.26 ? 129 VAL A CG1 1 
ATOM   885  C CG2 . VAL A 1 129 ? -7.791  10.270  3.424   1.00 13.14 ? 129 VAL A CG2 1 
ATOM   886  N N   . GLU A 1 130 ? -9.031  8.507   7.431   1.00 10.54 ? 130 GLU A N   1 
ATOM   887  C CA  . GLU A 1 130 ? -9.199  8.507   8.891   1.00 13.48 ? 130 GLU A CA  1 
ATOM   888  C C   . GLU A 1 130 ? -8.274  7.532   9.579   1.00 13.47 ? 130 GLU A C   1 
ATOM   889  O O   . GLU A 1 130 ? -7.663  7.842   10.579  1.00 13.47 ? 130 GLU A O   1 
ATOM   890  C CB  . GLU A 1 130 ? -10.616 8.111   9.232   1.00 13.21 ? 130 GLU A CB  1 
ATOM   891  C CG  . GLU A 1 130 ? -11.593 9.045   8.592   1.00 19.79 ? 130 GLU A CG  1 
ATOM   892  C CD  . GLU A 1 130 ? -13.013 8.675   8.950   1.00 23.19 ? 130 GLU A CD  1 
ATOM   893  O OE1 . GLU A 1 130 ? -13.361 7.507   8.843   1.00 24.47 ? 130 GLU A OE1 1 
ATOM   894  O OE2 . GLU A 1 130 ? -13.758 9.568   9.299   1.00 27.52 ? 130 GLU A OE2 1 
ATOM   895  N N   . VAL A 1 131 ? -8.203  6.321   9.057   1.00 13.87 ? 131 VAL A N   1 
ATOM   896  C CA  . VAL A 1 131 ? -7.324  5.291   9.649   1.00 12.94 ? 131 VAL A CA  1 
ATOM   897  C C   . VAL A 1 131 ? -5.922  5.681   9.622   1.00 14.12 ? 131 VAL A C   1 
ATOM   898  O O   . VAL A 1 131 ? -5.218  5.535   10.641  1.00 14.31 ? 131 VAL A O   1 
ATOM   899  C CB  . VAL A 1 131 ? -7.466  3.951   8.894   1.00 14.27 ? 131 VAL A CB  1 
ATOM   900  C CG1 . VAL A 1 131 ? -6.347  2.921   9.384   1.00 11.96 ? 131 VAL A CG1 1 
ATOM   901  C CG2 . VAL A 1 131 ? -8.796  3.381   9.161   1.00 14.47 ? 131 VAL A CG2 1 
ATOM   902  N N   . LEU A 1 132 ? -5.442  6.213   8.504   1.00 12.89 ? 132 LEU A N   1 
ATOM   903  C CA  . LEU A 1 132 ? -4.040  6.680   8.484   1.00 13.83 ? 132 LEU A CA  1 
ATOM   904  C C   . LEU A 1 132 ? -3.772  7.756   9.515   1.00 13.57 ? 132 LEU A C   1 
ATOM   905  O O   . LEU A 1 132 ? -2.693  7.754   10.158  1.00 14.46 ? 132 LEU A O   1 
ATOM   906  C CB  . LEU A 1 132 ? -3.595  7.217   7.072   1.00 11.24 ? 132 LEU A CB  1 
ATOM   907  C CG  . LEU A 1 132 ? -3.556  6.169   5.933   1.00 11.92 ? 132 LEU A CG  1 
ATOM   908  C CD1 . LEU A 1 132 ? -3.564  6.925   4.487   1.00 8.08  ? 132 LEU A CD1 1 
ATOM   909  C CD2 . LEU A 1 132 ? -2.411  5.266   6.040   1.00 7.21  ? 132 LEU A CD2 1 
ATOM   910  N N   . LEU A 1 133 ? -4.695  8.703   9.677   1.00 14.04 ? 133 LEU A N   1 
ATOM   911  C CA  . LEU A 1 133 ? -4.451  9.786   10.631  1.00 15.04 ? 133 LEU A CA  1 
ATOM   912  C C   . LEU A 1 133 ? -4.444  9.187   12.058  1.00 16.64 ? 133 LEU A C   1 
ATOM   913  O O   . LEU A 1 133 ? -3.646  9.570   12.867  1.00 15.93 ? 133 LEU A O   1 
ATOM   914  C CB  . LEU A 1 133 ? -5.523  10.861  10.536  1.00 14.59 ? 133 LEU A CB  1 
ATOM   915  C CG  . LEU A 1 133 ? -5.494  11.695  9.263   1.00 13.86 ? 133 LEU A CG  1 
ATOM   916  C CD1 . LEU A 1 133 ? -6.833  12.417  9.137   1.00 12.32 ? 133 LEU A CD1 1 
ATOM   917  C CD2 . LEU A 1 133 ? -4.379  12.650  9.298   1.00 12.46 ? 133 LEU A CD2 1 
ATOM   918  N N   . LYS A 1 134 ? -5.348  8.253   12.326  1.00 16.76 ? 134 LYS A N   1 
ATOM   919  C CA  . LYS A 1 134 ? -5.403  7.618   13.623  1.00 18.96 ? 134 LYS A CA  1 
ATOM   920  C C   . LYS A 1 134 ? -4.058  6.888   13.922  1.00 18.82 ? 134 LYS A C   1 
ATOM   921  O O   . LYS A 1 134 ? -3.605  6.756   15.077  1.00 17.68 ? 134 LYS A O   1 
ATOM   922  C CB  . LYS A 1 134 ? -6.590  6.624   13.611  1.00 19.44 ? 134 LYS A CB  1 
ATOM   923  C CG  . LYS A 1 134 ? -6.660  5.691   14.843  1.00 24.99 ? 134 LYS A CG  1 
ATOM   924  C CD  . LYS A 1 134 ? -7.792  4.892   15.071  0.00 17.86 ? 134 LYS A CD  1 
ATOM   925  C CE  . LYS A 1 134 ? -8.896  5.731   15.697  0.00 17.86 ? 134 LYS A CE  1 
ATOM   926  N NZ  . LYS A 1 134 ? -8.532  6.200   17.064  0.00 17.88 ? 134 LYS A NZ  1 
ATOM   927  N N   . HIS A 1 135 ? -3.379  6.503   12.862  1.00 17.25 ? 135 HIS A N   1 
ATOM   928  C CA  . HIS A 1 135 ? -2.155  5.771   13.021  1.00 18.14 ? 135 HIS A CA  1 
ATOM   929  C C   . HIS A 1 135 ? -0.896  6.597   12.842  1.00 18.71 ? 135 HIS A C   1 
ATOM   930  O O   . HIS A 1 135 ? 0.163   6.041   12.553  1.00 18.94 ? 135 HIS A O   1 
ATOM   931  C CB  . HIS A 1 135 ? -2.094  4.578   12.123  1.00 19.89 ? 135 HIS A CB  1 
ATOM   932  C CG  . HIS A 1 135 ? -2.993  3.471   12.558  1.00 23.26 ? 135 HIS A CG  1 
ATOM   933  N ND1 . HIS A 1 135 ? -2.543  2.428   13.346  1.00 29.37 ? 135 HIS A ND1 1 
ATOM   934  C CD2 . HIS A 1 135 ? -4.296  3.218   12.300  1.00 24.13 ? 135 HIS A CD2 1 
ATOM   935  C CE1 . HIS A 1 135 ? -3.548  1.594   13.572  1.00 30.15 ? 135 HIS A CE1 1 
ATOM   936  N NE2 . HIS A 1 135 ? -4.620  2.049   12.945  1.00 29.81 ? 135 HIS A NE2 1 
ATOM   937  N N   . GLY A 1 136 ? -1.009  7.915   13.009  1.00 16.37 ? 136 GLY A N   1 
ATOM   938  C CA  . GLY A 1 136 ? 0.169   8.751   12.953  1.00 17.40 ? 136 GLY A CA  1 
ATOM   939  C C   . GLY A 1 136 ? 0.540   9.443   11.647  1.00 15.70 ? 136 GLY A C   1 
ATOM   940  O O   . GLY A 1 136 ? 1.638   10.027  11.567  1.00 15.05 ? 136 GLY A O   1 
ATOM   941  N N   . ALA A 1 137 ? -0.337  9.412   10.640  1.00 14.77 ? 137 ALA A N   1 
ATOM   942  C CA  . ALA A 1 137 ? -0.018  10.105  9.389   1.00 13.80 ? 137 ALA A CA  1 
ATOM   943  C C   . ALA A 1 137 ? 0.248   11.617  9.640   1.00 15.33 ? 137 ALA A C   1 
ATOM   944  O O   . ALA A 1 137 ? -0.541  12.271  10.328  1.00 14.62 ? 137 ALA A O   1 
ATOM   945  C CB  . ALA A 1 137 ? -1.041  9.910   8.387   1.00 12.58 ? 137 ALA A CB  1 
ATOM   946  N N   . ASP A 1 138 ? 1.284   12.170  9.028   1.00 15.18 ? 138 ASP A N   1 
ATOM   947  C CA  . ASP A 1 138 ? 1.580   13.598  9.187   1.00 16.92 ? 138 ASP A CA  1 
ATOM   948  C C   . ASP A 1 138 ? 0.615   14.388  8.320   1.00 16.14 ? 138 ASP A C   1 
ATOM   949  O O   . ASP A 1 138 ? 0.683   14.395  7.070   1.00 13.56 ? 138 ASP A O   1 
ATOM   950  C CB  . ASP A 1 138 ? 2.960   13.871  8.706   1.00 17.12 ? 138 ASP A CB  1 
ATOM   951  C CG  . ASP A 1 138 ? 3.340   15.314  8.873   1.00 20.33 ? 138 ASP A CG  1 
ATOM   952  O OD1 . ASP A 1 138 ? 2.467   16.123  9.290   1.00 22.06 ? 138 ASP A OD1 1 
ATOM   953  O OD2 . ASP A 1 138 ? 4.490   15.722  8.585   1.00 24.23 ? 138 ASP A OD2 1 
ATOM   954  N N   . VAL A 1 139 ? -0.341  15.029  8.942   1.00 15.55 ? 139 VAL A N   1 
ATOM   955  C CA  . VAL A 1 139 ? -1.363  15.724  8.178   1.00 16.03 ? 139 VAL A CA  1 
ATOM   956  C C   . VAL A 1 139 ? -0.760  16.908  7.406   1.00 15.81 ? 139 VAL A C   1 
ATOM   957  O O   . VAL A 1 139 ? -1.273  17.325  6.414   1.00 15.98 ? 139 VAL A O   1 
ATOM   958  C CB  . VAL A 1 139 ? -2.463  16.227  9.148   1.00 18.22 ? 139 VAL A CB  1 
ATOM   959  C CG1 . VAL A 1 139 ? -1.931  17.381  10.033  1.00 17.92 ? 139 VAL A CG1 1 
ATOM   960  C CG2 . VAL A 1 139 ? -3.661  16.632  8.401   1.00 20.29 ? 139 VAL A CG2 1 
ATOM   961  N N   . ASN A 1 140 ? 0.336   17.441  7.882   1.00 15.16 ? 140 ASN A N   1 
ATOM   962  C CA  . ASN A 1 140 ? 1.004   18.548  7.205   1.00 17.02 ? 140 ASN A CA  1 
ATOM   963  C C   . ASN A 1 140 ? 2.053   18.174  6.161   1.00 16.06 ? 140 ASN A C   1 
ATOM   964  O O   . ASN A 1 140 ? 2.714   19.052  5.612   1.00 14.63 ? 140 ASN A O   1 
ATOM   965  C CB  . ASN A 1 140 ? 1.667   19.454  8.251   1.00 18.30 ? 140 ASN A CB  1 
ATOM   966  C CG  . ASN A 1 140 ? 0.655   20.004  9.275   1.00 22.84 ? 140 ASN A CG  1 
ATOM   967  O OD1 . ASN A 1 140 ? -0.353  20.587  8.891   1.00 27.25 ? 140 ASN A OD1 1 
ATOM   968  N ND2 . ASN A 1 140 ? 0.909   19.762  10.578  1.00 25.74 ? 140 ASN A ND2 1 
ATOM   969  N N   . ALA A 1 141 ? 2.235   16.879  5.895   1.00 15.61 ? 141 ALA A N   1 
ATOM   970  C CA  . ALA A 1 141 ? 3.263   16.452  4.923   1.00 15.58 ? 141 ALA A CA  1 
ATOM   971  C C   . ALA A 1 141 ? 2.992   17.072  3.560   1.00 15.04 ? 141 ALA A C   1 
ATOM   972  O O   . ALA A 1 141 ? 1.834   17.154  3.140   1.00 14.30 ? 141 ALA A O   1 
ATOM   973  C CB  . ALA A 1 141 ? 3.321   14.902  4.780   1.00 15.89 ? 141 ALA A CB  1 
ATOM   974  N N   . GLN A 1 142 ? 4.041   17.473  2.849   1.00 16.69 ? 142 GLN A N   1 
ATOM   975  C CA  . GLN A 1 142 ? 3.894   18.064  1.525   1.00 16.65 ? 142 GLN A CA  1 
ATOM   976  C C   . GLN A 1 142 ? 4.630   17.273  0.502   1.00 17.76 ? 142 GLN A C   1 
ATOM   977  O O   . GLN A 1 142 ? 5.676   16.766  0.837   1.00 19.67 ? 142 GLN A O   1 
ATOM   978  C CB  . GLN A 1 142 ? 4.454   19.498  1.544   1.00 17.50 ? 142 GLN A CB  1 
ATOM   979  C CG  . GLN A 1 142 ? 3.648   20.463  2.338   1.00 15.64 ? 142 GLN A CG  1 
ATOM   980  C CD  . GLN A 1 142 ? 4.234   21.840  2.331   1.00 23.80 ? 142 GLN A CD  1 
ATOM   981  O OE1 . GLN A 1 142 ? 5.107   22.147  1.523   1.00 20.76 ? 142 GLN A OE1 1 
ATOM   982  N NE2 . GLN A 1 142 ? 3.752   22.696  3.245   1.00 28.33 ? 142 GLN A NE2 1 
ATOM   983  N N   . ASP A 1 143 ? 4.110   17.208  -0.726  1.00 17.21 ? 143 ASP A N   1 
ATOM   984  C CA  . ASP A 1 143 ? 4.769   16.467  -1.772  1.00 18.87 ? 143 ASP A CA  1 
ATOM   985  C C   . ASP A 1 143 ? 5.700   17.409  -2.506  1.00 19.21 ? 143 ASP A C   1 
ATOM   986  O O   . ASP A 1 143 ? 5.890   18.534  -2.071  1.00 17.73 ? 143 ASP A O   1 
ATOM   987  C CB  . ASP A 1 143 ? 3.748   15.868  -2.726  1.00 17.77 ? 143 ASP A CB  1 
ATOM   988  C CG  . ASP A 1 143 ? 2.904   16.925  -3.385  1.00 22.24 ? 143 ASP A CG  1 
ATOM   989  O OD1 . ASP A 1 143 ? 1.797   16.596  -3.870  1.00 21.56 ? 143 ASP A OD1 1 
ATOM   990  O OD2 . ASP A 1 143 ? 3.249   18.134  -3.433  1.00 19.01 ? 143 ASP A OD2 1 
ATOM   991  N N   A LYS A 1 144 ? 6.271   16.927  -3.601  0.50 19.88 ? 144 LYS A N   1 
ATOM   992  N N   B LYS A 1 144 ? 6.284   16.922  -3.593  0.50 20.04 ? 144 LYS A N   1 
ATOM   993  C CA  A LYS A 1 144 ? 7.229   17.673  -4.391  0.50 22.69 ? 144 LYS A CA  1 
ATOM   994  C CA  B LYS A 1 144 ? 7.226   17.681  -4.393  0.50 22.99 ? 144 LYS A CA  1 
ATOM   995  C C   A LYS A 1 144 ? 6.576   18.860  -5.063  0.50 22.75 ? 144 LYS A C   1 
ATOM   996  C C   B LYS A 1 144 ? 6.566   18.838  -5.093  0.50 22.85 ? 144 LYS A C   1 
ATOM   997  O O   A LYS A 1 144 ? 7.238   19.617  -5.767  0.50 22.96 ? 144 LYS A O   1 
ATOM   998  O O   B LYS A 1 144 ? 7.206   19.534  -5.874  0.50 23.11 ? 144 LYS A O   1 
ATOM   999  C CB  A LYS A 1 144 ? 7.837   16.763  -5.463  0.50 23.34 ? 144 LYS A CB  1 
ATOM   1000 C CB  B LYS A 1 144 ? 7.855   16.789  -5.463  0.50 23.85 ? 144 LYS A CB  1 
ATOM   1001 C CG  A LYS A 1 144 ? 9.341   16.619  -5.440  0.50 26.07 ? 144 LYS A CG  1 
ATOM   1002 C CG  B LYS A 1 144 ? 9.336   16.566  -5.346  0.50 27.83 ? 144 LYS A CG  1 
ATOM   1003 C CD  A LYS A 1 144 ? 9.856   15.694  -4.318  0.50 25.25 ? 144 LYS A CD  1 
ATOM   1004 C CD  B LYS A 1 144 ? 9.736   15.439  -4.397  0.50 30.14 ? 144 LYS A CD  1 
ATOM   1005 C CE  A LYS A 1 144 ? 9.507   16.299  -2.955  0.50 23.22 ? 144 LYS A CE  1 
ATOM   1006 C CE  B LYS A 1 144 ? 11.049  14.852  -4.830  0.50 31.42 ? 144 LYS A CE  1 
ATOM   1007 N NZ  A LYS A 1 144 ? 9.708   15.364  -1.866  0.50 15.00 ? 144 LYS A NZ  1 
ATOM   1008 N NZ  B LYS A 1 144 ? 11.206  13.382  -4.542  0.50 33.21 ? 144 LYS A NZ  1 
ATOM   1009 N N   . PHE A 1 145 ? 5.276   19.025  -4.849  1.00 22.18 ? 145 PHE A N   1 
ATOM   1010 C CA  . PHE A 1 145 ? 4.582   20.150  -5.446  1.00 23.12 ? 145 PHE A CA  1 
ATOM   1011 C C   . PHE A 1 145 ? 4.107   21.141  -4.415  1.00 22.67 ? 145 PHE A C   1 
ATOM   1012 O O   . PHE A 1 145 ? 3.305   22.012  -4.736  1.00 24.15 ? 145 PHE A O   1 
ATOM   1013 C CB  . PHE A 1 145 ? 3.394   19.701  -6.308  1.00 23.78 ? 145 PHE A CB  1 
ATOM   1014 C CG  . PHE A 1 145 ? 3.759   18.676  -7.356  1.00 28.47 ? 145 PHE A CG  1 
ATOM   1015 C CD1 . PHE A 1 145 ? 4.496   19.046  -8.477  1.00 30.88 ? 145 PHE A CD1 1 
ATOM   1016 C CD2 . PHE A 1 145 ? 3.396   17.328  -7.200  1.00 32.71 ? 145 PHE A CD2 1 
ATOM   1017 C CE1 . PHE A 1 145 ? 4.853   18.088  -9.443  1.00 32.43 ? 145 PHE A CE1 1 
ATOM   1018 C CE2 . PHE A 1 145 ? 3.727   16.373  -8.170  1.00 35.98 ? 145 PHE A CE2 1 
ATOM   1019 C CZ  . PHE A 1 145 ? 4.467   16.765  -9.295  1.00 36.60 ? 145 PHE A CZ  1 
ATOM   1020 N N   . GLY A 1 146 ? 4.570   20.978  -3.170  1.00 21.78 ? 146 GLY A N   1 
ATOM   1021 C CA  . GLY A 1 146 ? 4.159   21.831  -2.078  1.00 20.50 ? 146 GLY A CA  1 
ATOM   1022 C C   . GLY A 1 146 ? 2.740   21.592  -1.572  1.00 19.92 ? 146 GLY A C   1 
ATOM   1023 O O   . GLY A 1 146 ? 2.228   22.368  -0.764  1.00 20.39 ? 146 GLY A O   1 
ATOM   1024 N N   . LYS A 1 147 ? 2.095   20.517  -2.044  1.00 18.66 ? 147 LYS A N   1 
ATOM   1025 C CA  . LYS A 1 147 ? 0.700   20.164  -1.728  1.00 17.49 ? 147 LYS A CA  1 
ATOM   1026 C C   . LYS A 1 147 ? 0.594   19.292  -0.489  1.00 17.31 ? 147 LYS A C   1 
ATOM   1027 O O   . LYS A 1 147 ? 1.314   18.301  -0.367  1.00 15.55 ? 147 LYS A O   1 
ATOM   1028 C CB  . LYS A 1 147 ? 0.055   19.373  -2.877  1.00 19.10 ? 147 LYS A CB  1 
ATOM   1029 C CG  . LYS A 1 147 ? -0.070  20.109  -4.240  1.00 22.59 ? 147 LYS A CG  1 
ATOM   1030 C CD  . LYS A 1 147 ? -1.048  21.241  -4.125  1.00 27.16 ? 147 LYS A CD  1 
ATOM   1031 C CE  . LYS A 1 147 ? -1.585  21.617  -5.501  1.00 30.54 ? 147 LYS A CE  1 
ATOM   1032 N NZ  . LYS A 1 147 ? -2.428  22.836  -5.432  1.00 29.12 ? 147 LYS A NZ  1 
ATOM   1033 N N   . THR A 1 148 ? -0.408  19.580  0.349   1.00 15.85 ? 148 THR A N   1 
ATOM   1034 C CA  . THR A 1 148 ? -0.669  18.711  1.498   1.00 15.32 ? 148 THR A CA  1 
ATOM   1035 C C   . THR A 1 148 ? -1.850  17.822  1.092   1.00 15.46 ? 148 THR A C   1 
ATOM   1036 O O   . THR A 1 148 ? -2.435  18.023  0.022   1.00 12.66 ? 148 THR A O   1 
ATOM   1037 C CB  . THR A 1 148 ? -1.070  19.551  2.748   1.00 18.45 ? 148 THR A CB  1 
ATOM   1038 O OG1 . THR A 1 148 ? -2.316  20.171  2.440   1.00 13.69 ? 148 THR A OG1 1 
ATOM   1039 C CG2 . THR A 1 148 ? 0.016   20.597  2.999   0.00 17.29 ? 148 THR A CG2 1 
ATOM   1040 N N   . ALA A 1 149 ? -2.185  16.846  1.936   1.00 15.31 ? 149 ALA A N   1 
ATOM   1041 C CA  . ALA A 1 149 ? -3.308  15.946  1.694   1.00 15.92 ? 149 ALA A CA  1 
ATOM   1042 C C   . ALA A 1 149 ? -4.600  16.771  1.598   1.00 16.78 ? 149 ALA A C   1 
ATOM   1043 O O   . ALA A 1 149 ? -5.495  16.529  0.786   1.00 16.22 ? 149 ALA A O   1 
ATOM   1044 C CB  . ALA A 1 149 ? -3.422  14.935  2.814   1.00 15.47 ? 149 ALA A CB  1 
ATOM   1045 N N   . PHE A 1 150 ? -4.640  17.809  2.411   1.00 16.13 ? 150 PHE A N   1 
ATOM   1046 C CA  . PHE A 1 150 ? -5.783  18.692  2.367   1.00 16.78 ? 150 PHE A CA  1 
ATOM   1047 C C   . PHE A 1 150 ? -5.911  19.346  1.010   1.00 16.11 ? 150 PHE A C   1 
ATOM   1048 O O   . PHE A 1 150 ? -7.026  19.380  0.468   1.00 15.61 ? 150 PHE A O   1 
ATOM   1049 C CB  . PHE A 1 150 ? -5.640  19.752  3.457   1.00 16.81 ? 150 PHE A CB  1 
ATOM   1050 C CG  . PHE A 1 150 ? -6.665  20.826  3.391   1.00 20.03 ? 150 PHE A CG  1 
ATOM   1051 C CD1 . PHE A 1 150 ? -7.921  20.624  3.911   1.00 19.30 ? 150 PHE A CD1 1 
ATOM   1052 C CD2 . PHE A 1 150 ? -6.371  22.051  2.794   1.00 25.13 ? 150 PHE A CD2 1 
ATOM   1053 C CE1 . PHE A 1 150 ? -8.891  21.627  3.863   1.00 25.05 ? 150 PHE A CE1 1 
ATOM   1054 C CE2 . PHE A 1 150 ? -7.347  23.092  2.762   1.00 28.23 ? 150 PHE A CE2 1 
ATOM   1055 C CZ  . PHE A 1 150 ? -8.609  22.871  3.297   1.00 22.67 ? 150 PHE A CZ  1 
ATOM   1056 N N   . ASP A 1 151 ? -4.826  19.956  0.514   1.00 13.87 ? 151 ASP A N   1 
ATOM   1057 C CA  . ASP A 1 151 ? -4.826  20.609  -0.806  1.00 14.13 ? 151 ASP A CA  1 
ATOM   1058 C C   . ASP A 1 151 ? -5.297  19.637  -1.896  1.00 14.09 ? 151 ASP A C   1 
ATOM   1059 O O   . ASP A 1 151 ? -6.091  19.954  -2.782  1.00 12.43 ? 151 ASP A O   1 
ATOM   1060 C CB  . ASP A 1 151 ? -3.411  21.116  -1.230  1.00 13.74 ? 151 ASP A CB  1 
ATOM   1061 C CG  . ASP A 1 151 ? -2.832  22.116  -0.285  1.00 15.81 ? 151 ASP A CG  1 
ATOM   1062 O OD1 . ASP A 1 151 ? -3.594  22.876  0.355   1.00 16.39 ? 151 ASP A OD1 1 
ATOM   1063 O OD2 . ASP A 1 151 ? -1.621  22.150  -0.082  1.00 19.01 ? 151 ASP A OD2 1 
ATOM   1064 N N   . ILE A 1 152 ? -4.717  18.459  -1.837  1.00 12.34 ? 152 ILE A N   1 
ATOM   1065 C CA  . ILE A 1 152 ? -5.052  17.409  -2.802  1.00 13.48 ? 152 ILE A CA  1 
ATOM   1066 C C   . ILE A 1 152 ? -6.515  17.004  -2.721  1.00 12.28 ? 152 ILE A C   1 
ATOM   1067 O O   . ILE A 1 152 ? -7.112  16.793  -3.774  1.00 10.56 ? 152 ILE A O   1 
ATOM   1068 C CB  . ILE A 1 152 ? -4.105  16.211  -2.634  1.00 11.71 ? 152 ILE A CB  1 
ATOM   1069 C CG1 . ILE A 1 152 ? -2.672  16.582  -3.036  1.00 13.18 ? 152 ILE A CG1 1 
ATOM   1070 C CG2 . ILE A 1 152 ? -4.560  15.049  -3.475  1.00 13.86 ? 152 ILE A CG2 1 
ATOM   1071 C CD1 . ILE A 1 152 ? -1.643  15.527  -2.648  1.00 17.83 ? 152 ILE A CD1 1 
ATOM   1072 N N   . SER A 1 153 ? -7.095  16.924  -1.501  1.00 10.74 ? 153 SER A N   1 
ATOM   1073 C CA  . SER A 1 153 ? -8.473  16.508  -1.382  1.00 12.34 ? 153 SER A CA  1 
ATOM   1074 C C   . SER A 1 153 ? -9.468  17.499  -2.081  1.00 12.97 ? 153 SER A C   1 
ATOM   1075 O O   . SER A 1 153 ? -10.374 17.095  -2.806  1.00 11.31 ? 153 SER A O   1 
ATOM   1076 C CB  . SER A 1 153 ? -8.819  16.250  0.089   1.00 12.93 ? 153 SER A CB  1 
ATOM   1077 O OG  . SER A 1 153 ? -9.057  17.504  0.735   1.00 17.86 ? 153 SER A OG  1 
ATOM   1078 N N   . ILE A 1 154 ? -9.252  18.793  -1.918  1.00 13.85 ? 154 ILE A N   1 
ATOM   1079 C CA  . ILE A 1 154 ? -10.118 19.829  -2.553  1.00 17.16 ? 154 ILE A CA  1 
ATOM   1080 C C   . ILE A 1 154 ? -9.808  19.976  -4.040  1.00 16.18 ? 154 ILE A C   1 
ATOM   1081 O O   . ILE A 1 154 ? -10.712 20.178  -4.845  1.00 17.71 ? 154 ILE A O   1 
ATOM   1082 C CB  . ILE A 1 154 ? -10.130 21.246  -1.817  1.00 16.80 ? 154 ILE A CB  1 
ATOM   1083 C CG1 . ILE A 1 154 ? -8.809  21.966  -1.950  1.00 19.97 ? 154 ILE A CG1 1 
ATOM   1084 C CG2 . ILE A 1 154 ? -10.538 21.157  -0.352  1.00 20.32 ? 154 ILE A CG2 1 
ATOM   1085 C CD1 . ILE A 1 154 ? -8.951  23.484  -1.471  1.00 20.19 ? 154 ILE A CD1 1 
ATOM   1086 N N   . ASP A 1 155 ? -8.531  19.835  -4.409  1.00 16.35 ? 155 ASP A N   1 
ATOM   1087 C CA  . ASP A 1 155 ? -8.157  19.938  -5.823  1.00 16.08 ? 155 ASP A CA  1 
ATOM   1088 C C   . ASP A 1 155 ? -8.832  18.813  -6.605  1.00 14.99 ? 155 ASP A C   1 
ATOM   1089 O O   . ASP A 1 155 ? -9.024  18.905  -7.818  1.00 14.93 ? 155 ASP A O   1 
ATOM   1090 C CB  . ASP A 1 155 ? -6.700  19.719  -6.048  1.00 16.18 ? 155 ASP A CB  1 
ATOM   1091 C CG  . ASP A 1 155 ? -5.839  20.896  -5.610  1.00 18.96 ? 155 ASP A CG  1 
ATOM   1092 O OD1 . ASP A 1 155 ? -6.317  22.024  -5.420  1.00 19.81 ? 155 ASP A OD1 1 
ATOM   1093 O OD2 . ASP A 1 155 ? -4.651  20.733  -5.423  1.00 21.05 ? 155 ASP A OD2 1 
ATOM   1094 N N   . ASN A 1 156 ? -9.084  17.714  -5.908  1.00 14.31 ? 156 ASN A N   1 
ATOM   1095 C CA  . ASN A 1 156 ? -9.764  16.575  -6.547  1.00 15.18 ? 156 ASN A CA  1 
ATOM   1096 C C   . ASN A 1 156 ? -11.244 16.469  -6.265  1.00 15.06 ? 156 ASN A C   1 
ATOM   1097 O O   . ASN A 1 156 ? -11.845 15.444  -6.579  1.00 15.72 ? 156 ASN A O   1 
ATOM   1098 C CB  . ASN A 1 156 ? -9.032  15.278  -6.195  1.00 14.10 ? 156 ASN A CB  1 
ATOM   1099 C CG  . ASN A 1 156 ? -7.750  15.121  -6.975  1.00 15.05 ? 156 ASN A CG  1 
ATOM   1100 O OD1 . ASN A 1 156 ? -7.775  14.776  -8.159  1.00 16.52 ? 156 ASN A OD1 1 
ATOM   1101 N ND2 . ASN A 1 156 ? -6.625  15.452  -6.342  1.00 10.83 ? 156 ASN A ND2 1 
ATOM   1102 N N   . GLY A 1 157 ? -11.831 17.501  -5.657  1.00 15.92 ? 157 GLY A N   1 
ATOM   1103 C CA  . GLY A 1 157 ? -13.268 17.498  -5.492  1.00 16.56 ? 157 GLY A CA  1 
ATOM   1104 C C   . GLY A 1 157 ? -13.783 16.678  -4.322  1.00 17.02 ? 157 GLY A C   1 
ATOM   1105 O O   . GLY A 1 157 ? -14.985 16.410  -4.220  1.00 15.19 ? 157 GLY A O   1 
ATOM   1106 N N   . ASN A 1 158 ? -12.861 16.259  -3.458  1.00 17.15 ? 158 ASN A N   1 
ATOM   1107 C CA  . ASN A 1 158 ? -13.174 15.424  -2.307  1.00 18.46 ? 158 ASN A CA  1 
ATOM   1108 C C   . ASN A 1 158 ? -13.312 16.276  -1.062  1.00 19.61 ? 158 ASN A C   1 
ATOM   1109 O O   . ASN A 1 158 ? -12.472 16.206  -0.157  1.00 20.97 ? 158 ASN A O   1 
ATOM   1110 C CB  . ASN A 1 158 ? -12.097 14.338  -2.165  1.00 17.64 ? 158 ASN A CB  1 
ATOM   1111 C CG  . ASN A 1 158 ? -12.017 13.437  -3.410  1.00 19.92 ? 158 ASN A CG  1 
ATOM   1112 O OD1 . ASN A 1 158 ? -13.049 13.099  -3.994  1.00 15.00 ? 158 ASN A OD1 1 
ATOM   1113 N ND2 . ASN A 1 158 ? -10.794 13.068  -3.833  1.00 14.46 ? 158 ASN A ND2 1 
ATOM   1114 N N   . GLU A 1 159 ? -14.359 17.102  -0.997  1.00 20.44 ? 159 GLU A N   1 
ATOM   1115 C CA  . GLU A 1 159 ? -14.477 18.046  0.140   1.00 20.63 ? 159 GLU A CA  1 
ATOM   1116 C C   . GLU A 1 159 ? -14.812 17.390  1.467   1.00 19.09 ? 159 GLU A C   1 
ATOM   1117 O O   . GLU A 1 159 ? -14.501 17.912  2.505   1.00 17.86 ? 159 GLU A O   1 
ATOM   1118 C CB  . GLU A 1 159 ? -15.436 19.216  -0.148  1.00 21.84 ? 159 GLU A CB  1 
ATOM   1119 C CG  . GLU A 1 159 ? -16.892 18.873  0.088   1.00 28.58 ? 159 GLU A CG  1 
ATOM   1120 C CD  . GLU A 1 159 ? -17.492 17.914  -0.960  1.00 34.85 ? 159 GLU A CD  1 
ATOM   1121 O OE1 . GLU A 1 159 ? -18.707 17.679  -0.875  1.00 37.36 ? 159 GLU A OE1 1 
ATOM   1122 O OE2 . GLU A 1 159 ? -16.791 17.378  -1.874  1.00 38.27 ? 159 GLU A OE2 1 
ATOM   1123 N N   A ASP A 1 160 ? -15.488 16.252  1.418   0.50 19.83 ? 160 ASP A N   1 
ATOM   1124 N N   B ASP A 1 160 ? -15.487 16.258  1.416   0.50 19.66 ? 160 ASP A N   1 
ATOM   1125 C CA  A ASP A 1 160 ? -15.802 15.512  2.638   0.50 20.77 ? 160 ASP A CA  1 
ATOM   1126 C CA  B ASP A 1 160 ? -15.784 15.522  2.633   0.50 20.47 ? 160 ASP A CA  1 
ATOM   1127 C C   A ASP A 1 160 ? -14.498 15.021  3.298   0.50 20.55 ? 160 ASP A C   1 
ATOM   1128 C C   B ASP A 1 160 ? -14.474 15.156  3.340   0.50 20.54 ? 160 ASP A C   1 
ATOM   1129 O O   A ASP A 1 160 ? -14.382 14.954  4.518   0.50 19.83 ? 160 ASP A O   1 
ATOM   1130 O O   B ASP A 1 160 ? -14.406 15.056  4.569   0.50 20.01 ? 160 ASP A O   1 
ATOM   1131 C CB  A ASP A 1 160 ? -16.731 14.351  2.324   0.50 21.94 ? 160 ASP A CB  1 
ATOM   1132 C CB  B ASP A 1 160 ? -16.527 14.238  2.282   0.50 21.11 ? 160 ASP A CB  1 
ATOM   1133 C CG  A ASP A 1 160 ? -18.157 14.812  1.972   0.50 25.77 ? 160 ASP A CG  1 
ATOM   1134 C CG  B ASP A 1 160 ? -15.834 13.413  1.167   0.50 24.01 ? 160 ASP A CG  1 
ATOM   1135 O OD1 A ASP A 1 160 ? -18.887 15.246  2.879   0.50 29.81 ? 160 ASP A OD1 1 
ATOM   1136 O OD1 B ASP A 1 160 ? -15.775 12.186  1.318   0.50 28.74 ? 160 ASP A OD1 1 
ATOM   1137 O OD2 A ASP A 1 160 ? -18.630 14.814  0.813   0.50 31.97 ? 160 ASP A OD2 1 
ATOM   1138 O OD2 B ASP A 1 160 ? -15.355 13.864  0.103   0.50 23.71 ? 160 ASP A OD2 1 
ATOM   1139 N N   A LEU A 1 161 ? -13.499 14.721  2.479   0.50 19.44 ? 161 LEU A N   1 
ATOM   1140 N N   B LEU A 1 161 ? -13.425 14.976  2.536   0.50 19.76 ? 161 LEU A N   1 
ATOM   1141 C CA  A LEU A 1 161 ? -12.218 14.313  3.006   0.50 19.65 ? 161 LEU A CA  1 
ATOM   1142 C CA  B LEU A 1 161 ? -12.202 14.399  3.046   0.50 19.85 ? 161 LEU A CA  1 
ATOM   1143 C C   A LEU A 1 161 ? -11.498 15.553  3.548   0.50 19.38 ? 161 LEU A C   1 
ATOM   1144 C C   B LEU A 1 161 ? -11.545 15.583  3.604   0.50 19.54 ? 161 LEU A C   1 
ATOM   1145 O O   A LEU A 1 161 ? -10.834 15.540  4.611   0.50 17.95 ? 161 LEU A O   1 
ATOM   1146 O O   B LEU A 1 161 ? -11.000 15.575  4.735   0.50 18.41 ? 161 LEU A O   1 
ATOM   1147 C CB  A LEU A 1 161 ? -11.450 13.663  1.865   0.50 20.33 ? 161 LEU A CB  1 
ATOM   1148 C CB  B LEU A 1 161 ? -11.353 13.822  1.917   0.50 20.70 ? 161 LEU A CB  1 
ATOM   1149 C CG  A LEU A 1 161 ? -10.402 12.614  2.143   0.50 21.18 ? 161 LEU A CG  1 
ATOM   1150 C CG  B LEU A 1 161 ? -11.213 12.319  1.687   0.50 21.82 ? 161 LEU A CG  1 
ATOM   1151 C CD1 A LEU A 1 161 ? -9.987  11.867  0.875   0.50 21.03 ? 161 LEU A CD1 1 
ATOM   1152 C CD1 B LEU A 1 161 ? -12.426 11.735  0.986   0.50 22.27 ? 161 LEU A CD1 1 
ATOM   1153 C CD2 A LEU A 1 161 ? -9.244  13.344  2.737   0.50 21.13 ? 161 LEU A CD2 1 
ATOM   1154 C CD2 B LEU A 1 161 ? -9.948  12.084  0.851   0.50 23.10 ? 161 LEU A CD2 1 
ATOM   1155 N N   . ALA A 1 162 ? -11.640 16.647  2.815   1.00 19.58 ? 162 ALA A N   1 
ATOM   1156 C CA  . ALA A 1 162 ? -11.033 17.933  3.188   1.00 20.92 ? 162 ALA A CA  1 
ATOM   1157 C C   . ALA A 1 162 ? -11.462 18.290  4.572   1.00 20.95 ? 162 ALA A C   1 
ATOM   1158 O O   . ALA A 1 162 ? -10.679 18.752  5.371   1.00 19.52 ? 162 ALA A O   1 
ATOM   1159 C CB  . ALA A 1 162 ? -11.495 19.047  2.213   1.00 19.60 ? 162 ALA A CB  1 
ATOM   1160 N N   . GLU A 1 163 ? -12.721 18.046  4.853   1.00 23.49 ? 163 GLU A N   1 
ATOM   1161 C CA  . GLU A 1 163 ? -13.281 18.436  6.155   1.00 27.57 ? 163 GLU A CA  1 
ATOM   1162 C C   . GLU A 1 163 ? -12.579 17.719  7.339   1.00 29.23 ? 163 GLU A C   1 
ATOM   1163 O O   . GLU A 1 163 ? -12.386 18.297  8.417   1.00 29.12 ? 163 GLU A O   1 
ATOM   1164 C CB  . GLU A 1 163 ? -14.800 18.179  6.171   1.00 28.04 ? 163 GLU A CB  1 
ATOM   1165 C CG  . GLU A 1 163 ? -15.466 18.450  7.528   1.00 32.69 ? 163 GLU A CG  1 
ATOM   1166 C CD  . GLU A 1 163 ? -16.935 17.738  7.511   0.00 25.02 ? 163 GLU A CD  1 
ATOM   1167 O OE1 . GLU A 1 163 ? -17.083 16.499  7.495   0.00 25.03 ? 163 GLU A OE1 1 
ATOM   1168 O OE2 . GLU A 1 163 ? -17.896 18.532  7.560   0.00 25.03 ? 163 GLU A OE2 1 
ATOM   1169 N N   . ILE A 1 164 ? -12.207 16.460  7.154   1.00 29.45 ? 164 ILE A N   1 
ATOM   1170 C CA  . ILE A 1 164 ? -11.535 15.778  8.249   1.00 31.94 ? 164 ILE A CA  1 
ATOM   1171 C C   . ILE A 1 164 ? -10.039 16.026  8.315   1.00 32.29 ? 164 ILE A C   1 
ATOM   1172 O O   . ILE A 1 164 ? -9.422  15.666  9.294   1.00 32.42 ? 164 ILE A O   1 
ATOM   1173 C CB  . ILE A 1 164 ? -11.755 14.269  8.196   1.00 32.22 ? 164 ILE A CB  1 
ATOM   1174 C CG1 . ILE A 1 164 ? -10.651 13.593  7.410   1.00 32.93 ? 164 ILE A CG1 1 
ATOM   1175 C CG2 . ILE A 1 164 ? -13.096 13.950  7.626   1.00 35.98 ? 164 ILE A CG2 1 
ATOM   1176 C CD1 . ILE A 1 164 ? -10.625 12.079  7.593   1.00 39.39 ? 164 ILE A CD1 1 
ATOM   1177 N N   . LEU A 1 165 ? -9.450  16.574  7.256   1.00 33.39 ? 165 LEU A N   1 
ATOM   1178 C CA  . LEU A 1 165 ? -8.029  16.866  7.218   1.00 35.31 ? 165 LEU A CA  1 
ATOM   1179 C C   . LEU A 1 165 ? -7.757  18.288  7.701   1.00 38.86 ? 165 LEU A C   1 
ATOM   1180 O O   . LEU A 1 165 ? -6.632  18.776  7.641   1.00 39.72 ? 165 LEU A O   1 
ATOM   1181 C CB  . LEU A 1 165 ? -7.542  16.845  5.762   1.00 32.51 ? 165 LEU A CB  1 
ATOM   1182 C CG  . LEU A 1 165 ? -7.240  15.473  5.183   1.00 29.66 ? 165 LEU A CG  1 
ATOM   1183 C CD1 . LEU A 1 165 ? -7.022  15.541  3.721   1.00 26.48 ? 165 LEU A CD1 1 
ATOM   1184 C CD2 . LEU A 1 165 ? -6.073  14.787  5.893   1.00 26.03 ? 165 LEU A CD2 1 
ATOM   1185 N N   . GLN A 1 166 ? -8.777  18.942  8.214   1.00 42.48 ? 166 GLN A N   1 
ATOM   1186 C CA  . GLN A 1 166 ? -8.745  20.398  8.151   1.00 46.76 ? 166 GLN A CA  1 
ATOM   1187 C C   . GLN A 1 166 ? -8.407  21.360  9.274   1.00 48.11 ? 166 GLN A C   1 
ATOM   1188 O O   . GLN A 1 166 ? -8.985  21.092  10.349  1.00 48.30 ? 166 GLN A O   1 
ATOM   1189 C CB  . GLN A 1 166 ? -10.119 20.828  7.681   1.00 47.33 ? 166 GLN A CB  1 
ATOM   1190 C CG  . GLN A 1 166 ? -10.167 22.117  6.956   1.00 51.89 ? 166 GLN A CG  1 
ATOM   1191 C CD  . GLN A 1 166 ? -11.391 22.164  6.013   1.00 59.31 ? 166 GLN A CD  1 
ATOM   1192 O OE1 . GLN A 1 166 ? -12.065 21.143  5.792   1.00 62.01 ? 166 GLN A OE1 1 
ATOM   1193 N NE2 . GLN A 1 166 ? -11.674 23.343  5.457   1.00 58.36 ? 166 GLN A NE2 1 
ATOM   1194 O OXT . GLN A 1 166 ? -7.699  22.301  8.816   1.00 50.74 ? 166 GLN A OXT 1 
HETATM 1195 S S   . SO4 B 2 .   ? -10.002 -11.929 0.184   1.00 41.75 ? 201 SO4 A S   1 
HETATM 1196 O O1  . SO4 B 2 .   ? -8.763  -12.654 0.444   1.00 34.77 ? 201 SO4 A O1  1 
HETATM 1197 O O2  . SO4 B 2 .   ? -9.701  -10.641 -0.476  1.00 37.19 ? 201 SO4 A O2  1 
HETATM 1198 O O3  . SO4 B 2 .   ? -10.776 -12.809 -0.705  1.00 40.95 ? 201 SO4 A O3  1 
HETATM 1199 O O4  . SO4 B 2 .   ? -10.728 -11.549 1.454   1.00 43.25 ? 201 SO4 A O4  1 
HETATM 1200 S S   . SO4 C 2 .   ? -3.639  -6.830  -12.915 1.00 27.43 ? 202 SO4 A S   1 
HETATM 1201 O O1  . SO4 C 2 .   ? -4.159  -5.522  -13.318 1.00 34.52 ? 202 SO4 A O1  1 
HETATM 1202 O O2  . SO4 C 2 .   ? -3.104  -7.527  -14.013 1.00 33.99 ? 202 SO4 A O2  1 
HETATM 1203 O O3  . SO4 C 2 .   ? -2.628  -6.788  -11.901 1.00 28.10 ? 202 SO4 A O3  1 
HETATM 1204 O O4  . SO4 C 2 .   ? -4.734  -7.506  -12.300 1.00 35.39 ? 202 SO4 A O4  1 
HETATM 1205 C C   . TRS D 3 .   ? -11.525 -3.955  2.441   1.00 24.49 ? 200 TRS A C   1 
HETATM 1206 C C1  . TRS D 3 .   ? -10.451 -4.644  1.525   1.00 25.66 ? 200 TRS A C1  1 
HETATM 1207 C C2  . TRS D 3 .   ? -12.227 -4.953  3.428   1.00 27.90 ? 200 TRS A C2  1 
HETATM 1208 C C3  . TRS D 3 .   ? -12.653 -3.106  1.815   1.00 25.56 ? 200 TRS A C3  1 
HETATM 1209 N N   . TRS D 3 .   ? -10.755 -3.002  3.165   1.00 27.41 ? 200 TRS A N   1 
HETATM 1210 O O1  . TRS D 3 .   ? -9.055  -4.380  1.786   1.00 13.97 ? 200 TRS A O1  1 
HETATM 1211 O O2  . TRS D 3 .   ? -12.683 -6.150  2.897   1.00 29.51 ? 200 TRS A O2  1 
HETATM 1212 O O3  . TRS D 3 .   ? -12.302 -1.754  1.461   1.00 25.94 ? 200 TRS A O3  1 
HETATM 1213 O O   . HOH E 4 .   ? 0.563   9.262   5.059   1.00 10.14 ? 203 HOH A O   1 
HETATM 1214 O O   . HOH E 4 .   ? 4.771   2.080   3.946   1.00 7.04  ? 204 HOH A O   1 
HETATM 1215 O O   . HOH E 4 .   ? -6.685  -9.876  -9.121  1.00 15.05 ? 205 HOH A O   1 
HETATM 1216 O O   . HOH E 4 .   ? 6.147   -9.724  -0.461  1.00 7.88  ? 206 HOH A O   1 
HETATM 1217 O O   . HOH E 4 .   ? 6.737   16.919  3.845   1.00 18.56 ? 207 HOH A O   1 
HETATM 1218 O O   . HOH E 4 .   ? -13.926 4.796   -1.563  1.00 26.86 ? 208 HOH A O   1 
HETATM 1219 O O   . HOH E 4 .   ? 8.158   -6.484  7.463   1.00 13.01 ? 209 HOH A O   1 
HETATM 1220 O O   . HOH E 4 .   ? 7.507   0.746   -10.039 1.00 9.72  ? 210 HOH A O   1 
HETATM 1221 O O   . HOH E 4 .   ? -6.487  0.463   11.923  1.00 12.36 ? 211 HOH A O   1 
HETATM 1222 O O   . HOH E 4 .   ? -3.461  17.846  5.097   1.00 13.69 ? 212 HOH A O   1 
HETATM 1223 O O   . HOH E 4 .   ? 7.251   -7.192  0.464   1.00 10.04 ? 213 HOH A O   1 
HETATM 1224 O O   . HOH E 4 .   ? -4.452  -1.092  11.816  1.00 23.44 ? 214 HOH A O   1 
HETATM 1225 O O   . HOH E 4 .   ? 2.584   0.638   11.340  1.00 17.64 ? 215 HOH A O   1 
HETATM 1226 O O   . HOH E 4 .   ? 2.750   -22.643 3.078   1.00 12.70 ? 216 HOH A O   1 
HETATM 1227 O O   . HOH E 4 .   ? -5.176  -21.101 -5.705  1.00 12.47 ? 217 HOH A O   1 
HETATM 1228 O O   . HOH E 4 .   ? 3.911   -0.441  3.292   1.00 7.95  ? 218 HOH A O   1 
HETATM 1229 O O   . HOH E 4 .   ? -14.628 6.751   1.030   1.00 18.36 ? 219 HOH A O   1 
HETATM 1230 O O   . HOH E 4 .   ? -0.376  16.003  4.064   1.00 11.42 ? 220 HOH A O   1 
HETATM 1231 O O   . HOH E 4 .   ? -11.765 4.699   2.257   1.00 10.17 ? 221 HOH A O   1 
HETATM 1232 O O   . HOH E 4 .   ? -8.077  -18.296 -3.810  1.00 13.52 ? 222 HOH A O   1 
HETATM 1233 O O   . HOH E 4 .   ? -6.316  -13.417 -0.865  1.00 12.29 ? 223 HOH A O   1 
HETATM 1234 O O   . HOH E 4 .   ? 10.470  -3.759  -3.697  1.00 18.95 ? 224 HOH A O   1 
HETATM 1235 O O   . HOH E 4 .   ? -11.877 11.134  -5.988  1.00 33.24 ? 225 HOH A O   1 
HETATM 1236 O O   . HOH E 4 .   ? -2.030  -26.011 -8.339  1.00 31.62 ? 226 HOH A O   1 
HETATM 1237 O O   . HOH E 4 .   ? 1.365   11.984  5.649   1.00 15.84 ? 227 HOH A O   1 
HETATM 1238 O O   . HOH E 4 .   ? -2.471  -17.955 0.691   1.00 13.85 ? 228 HOH A O   1 
HETATM 1239 O O   . HOH E 4 .   ? -8.753  9.537   12.501  1.00 25.69 ? 229 HOH A O   1 
HETATM 1240 O O   . HOH E 4 .   ? 0.020   23.518  1.294   1.00 29.37 ? 230 HOH A O   1 
HETATM 1241 O O   . HOH E 4 .   ? -11.951 2.532   0.471   1.00 21.44 ? 231 HOH A O   1 
HETATM 1242 O O   . HOH E 4 .   ? 12.560  -1.033  -6.142  1.00 23.79 ? 232 HOH A O   1 
HETATM 1243 O O   . HOH E 4 .   ? 5.221   -5.622  -13.042 1.00 22.00 ? 233 HOH A O   1 
HETATM 1244 O O   . HOH E 4 .   ? 6.520   -9.596  7.714   1.00 18.27 ? 234 HOH A O   1 
HETATM 1245 O O   . HOH E 4 .   ? 1.674   -18.555 -10.228 1.00 15.94 ? 235 HOH A O   1 
HETATM 1246 O O   . HOH E 4 .   ? -2.090  11.796  12.614  1.00 18.88 ? 236 HOH A O   1 
HETATM 1247 O O   . HOH E 4 .   ? -1.373  12.331  -4.481  1.00 28.64 ? 237 HOH A O   1 
HETATM 1248 O O   . HOH E 4 .   ? 4.984   7.012   -7.188  1.00 18.62 ? 238 HOH A O   1 
HETATM 1249 O O   . HOH E 4 .   ? 2.234   21.908  5.327   1.00 22.14 ? 239 HOH A O   1 
HETATM 1250 O O   . HOH E 4 .   ? 10.670  -16.536 1.775   1.00 17.73 ? 240 HOH A O   1 
HETATM 1251 O O   . HOH E 4 .   ? 3.198   9.598   -6.524  1.00 24.09 ? 241 HOH A O   1 
HETATM 1252 O O   . HOH E 4 .   ? -4.811  -23.540 -6.932  1.00 33.66 ? 242 HOH A O   1 
HETATM 1253 O O   . HOH E 4 .   ? -12.281 -2.191  -1.421  1.00 20.20 ? 243 HOH A O   1 
HETATM 1254 O O   . HOH E 4 .   ? -17.159 14.914  -0.908  1.00 29.25 ? 244 HOH A O   1 
HETATM 1255 O O   . HOH E 4 .   ? 8.642   -19.897 1.429   1.00 22.43 ? 245 HOH A O   1 
HETATM 1256 O O   . HOH E 4 .   ? -2.975  -11.810 -12.731 1.00 26.89 ? 246 HOH A O   1 
HETATM 1257 O O   . HOH E 4 .   ? -0.378  -11.312 9.064   1.00 24.73 ? 247 HOH A O   1 
HETATM 1258 O O   . HOH E 4 .   ? 13.745  -11.450 -6.770  1.00 22.44 ? 248 HOH A O   1 
HETATM 1259 O O   . HOH E 4 .   ? 4.336   4.068   10.843  1.00 16.92 ? 249 HOH A O   1 
HETATM 1260 O O   . HOH E 4 .   ? 2.257   -21.792 -9.820  1.00 38.89 ? 250 HOH A O   1 
HETATM 1261 O O   . HOH E 4 .   ? 12.328  -5.467  -2.522  1.00 18.48 ? 251 HOH A O   1 
HETATM 1262 O O   . HOH E 4 .   ? 0.711   -25.517 -7.889  1.00 23.07 ? 252 HOH A O   1 
HETATM 1263 O O   . HOH E 4 .   ? 1.263   -20.569 3.822   1.00 26.23 ? 253 HOH A O   1 
HETATM 1264 O O   . HOH E 4 .   ? -3.179  -15.859 6.128   1.00 42.11 ? 254 HOH A O   1 
HETATM 1265 O O   . HOH E 4 .   ? 12.836  -7.372  -14.248 1.00 29.98 ? 255 HOH A O   1 
HETATM 1266 O O   . HOH E 4 .   ? -10.941 9.180   -8.240  1.00 27.25 ? 256 HOH A O   1 
HETATM 1267 O O   . HOH E 4 .   ? 5.238   18.162  8.091   1.00 26.35 ? 257 HOH A O   1 
HETATM 1268 O O   . HOH E 4 .   ? 9.195   -8.888  -14.449 1.00 24.64 ? 258 HOH A O   1 
HETATM 1269 O O   . HOH E 4 .   ? -4.354  -19.546 5.490   1.00 28.94 ? 259 HOH A O   1 
HETATM 1270 O O   . HOH E 4 .   ? 2.266   -18.524 -12.849 1.00 29.14 ? 260 HOH A O   1 
HETATM 1271 O O   . HOH E 4 .   ? -6.394  -12.534 -13.082 1.00 36.67 ? 261 HOH A O   1 
HETATM 1272 O O   . HOH E 4 .   ? 8.408   1.471   -12.390 1.00 19.83 ? 262 HOH A O   1 
HETATM 1273 O O   . HOH E 4 .   ? 11.384  -12.854 -9.529  1.00 32.19 ? 263 HOH A O   1 
HETATM 1274 O O   . HOH E 4 .   ? -3.968  16.142  -7.331  1.00 30.30 ? 264 HOH A O   1 
HETATM 1275 O O   . HOH E 4 .   ? 0.092   2.221   13.184  1.00 47.18 ? 265 HOH A O   1 
HETATM 1276 O O   . HOH E 4 .   ? -13.736 7.253   -4.025  1.00 42.15 ? 266 HOH A O   1 
HETATM 1277 O O   . HOH E 4 .   ? 12.904  -1.911  -0.580  1.00 21.77 ? 267 HOH A O   1 
HETATM 1278 O O   . HOH E 4 .   ? 6.268   13.755  7.177   1.00 42.11 ? 268 HOH A O   1 
HETATM 1279 O O   . HOH E 4 .   ? 6.713   8.805   -8.019  1.00 29.36 ? 269 HOH A O   1 
HETATM 1280 O O   . HOH E 4 .   ? -7.515  -3.040  -7.043  1.00 30.25 ? 270 HOH A O   1 
HETATM 1281 O O   . HOH E 4 .   ? -0.106  15.068  11.700  1.00 25.40 ? 271 HOH A O   1 
HETATM 1282 O O   . HOH E 4 .   ? 13.206  14.427  -6.913  1.00 39.71 ? 272 HOH A O   1 
HETATM 1283 O O   . HOH E 4 .   ? -0.731  -17.751 -10.811 1.00 31.97 ? 273 HOH A O   1 
HETATM 1284 O O   . HOH E 4 .   ? -9.104  11.414  -8.394  1.00 21.97 ? 274 HOH A O   1 
HETATM 1285 O O   . HOH E 4 .   ? 4.609   -9.127  10.278  1.00 27.30 ? 275 HOH A O   1 
HETATM 1286 O O   . HOH E 4 .   ? 4.552   -7.574  13.563  1.00 43.67 ? 276 HOH A O   1 
HETATM 1287 O O   . HOH E 4 .   ? 5.100   -9.445  -11.362 1.00 27.02 ? 277 HOH A O   1 
HETATM 1288 O O   . HOH E 4 .   ? 15.293  -11.693 -2.371  1.00 28.41 ? 278 HOH A O   1 
HETATM 1289 O O   . HOH E 4 .   ? 7.319   -13.036 9.910   1.00 42.39 ? 279 HOH A O   1 
HETATM 1290 O O   . HOH E 4 .   ? -6.612  -5.399  -11.223 1.00 30.03 ? 280 HOH A O   1 
HETATM 1291 O O   . HOH E 4 .   ? -8.643  -14.686 -3.169  1.00 35.25 ? 281 HOH A O   1 
HETATM 1292 O O   . HOH E 4 .   ? 3.992   0.835   13.958  1.00 38.64 ? 282 HOH A O   1 
HETATM 1293 O O   . HOH E 4 .   ? 6.060   -6.762  9.374   1.00 28.57 ? 283 HOH A O   1 
HETATM 1294 O O   . HOH E 4 .   ? 6.427   1.958   10.673  1.00 32.46 ? 284 HOH A O   1 
HETATM 1295 O O   . HOH E 4 .   ? -7.623  -7.237  -9.706  1.00 37.12 ? 285 HOH A O   1 
HETATM 1296 O O   . HOH E 4 .   ? 4.943   -22.494 4.464   1.00 29.29 ? 286 HOH A O   1 
HETATM 1297 O O   . HOH E 4 .   ? 13.835  -3.477  -6.910  1.00 32.20 ? 287 HOH A O   1 
HETATM 1298 O O   . HOH E 4 .   ? -5.452  24.247  -0.762  1.00 37.28 ? 288 HOH A O   1 
HETATM 1299 O O   . HOH E 4 .   ? -6.894  -20.337 -8.186  1.00 50.82 ? 289 HOH A O   1 
HETATM 1300 O O   . HOH E 4 .   ? 12.295  -21.299 -4.981  1.00 38.25 ? 290 HOH A O   1 
HETATM 1301 O O   . HOH E 4 .   ? 12.337  4.703   -0.757  1.00 38.62 ? 291 HOH A O   1 
HETATM 1302 O O   . HOH E 4 .   ? -9.546  14.190  11.806  1.00 34.17 ? 292 HOH A O   1 
HETATM 1303 O O   . HOH E 4 .   ? -6.955  11.012  14.383  1.00 35.66 ? 293 HOH A O   1 
HETATM 1304 O O   . HOH E 4 .   ? -4.050  13.997  13.175  1.00 46.81 ? 294 HOH A O   1 
HETATM 1305 O O   . HOH E 4 .   ? 3.187   17.828  11.461  1.00 34.22 ? 295 HOH A O   1 
HETATM 1306 O O   . HOH E 4 .   ? -6.203  24.562  -6.227  1.00 42.86 ? 296 HOH A O   1 
HETATM 1307 O O   . HOH E 4 .   ? -5.855  23.945  -3.545  1.00 33.56 ? 297 HOH A O   1 
HETATM 1308 O O   . HOH E 4 .   ? -4.872  23.167  5.597   1.00 52.17 ? 298 HOH A O   1 
HETATM 1309 O O   . HOH E 4 .   ? -9.641  -15.406 0.402   1.00 28.74 ? 299 HOH A O   1 
HETATM 1310 O O   . HOH E 4 .   ? -8.575  -13.594 5.815   1.00 40.85 ? 300 HOH A O   1 
HETATM 1311 O O   . HOH E 4 .   ? 12.915  -4.721  1.181   1.00 42.10 ? 301 HOH A O   1 
HETATM 1312 O O   . HOH E 4 .   ? -6.762  -13.203 9.839   1.00 44.53 ? 302 HOH A O   1 
HETATM 1313 O O   . HOH E 4 .   ? -3.056  18.864  -6.924  1.00 31.12 ? 303 HOH A O   1 
HETATM 1314 O O   . HOH E 4 .   ? -0.165  3.615   15.946  1.00 37.74 ? 304 HOH A O   1 
HETATM 1315 O O   . HOH E 4 .   ? 13.694  -14.867 -6.069  1.00 47.77 ? 305 HOH A O   1 
HETATM 1316 O O   . HOH E 4 .   ? -6.870  16.807  11.314  1.00 57.69 ? 306 HOH A O   1 
HETATM 1317 O O   . HOH E 4 .   ? -7.443  26.128  0.405   1.00 35.94 ? 307 HOH A O   1 
HETATM 1318 O O   . HOH E 4 .   ? 8.095   12.533  8.545   1.00 49.32 ? 308 HOH A O   1 
HETATM 1319 O O   . HOH E 4 .   ? 12.496  -18.809 0.625   1.00 33.75 ? 309 HOH A O   1 
HETATM 1320 O O   . HOH E 4 .   ? 12.543  -23.945 -4.279  1.00 43.92 ? 310 HOH A O   1 
HETATM 1321 O O   . HOH E 4 .   ? -18.599 16.185  5.278   1.00 51.34 ? 311 HOH A O   1 
HETATM 1322 O O   . HOH E 4 .   ? -12.737 1.657   -3.807  1.00 35.01 ? 312 HOH A O   1 
HETATM 1323 O O   . HOH E 4 .   ? -10.891 -0.747  -3.426  1.00 28.03 ? 313 HOH A O   1 
HETATM 1324 O O   . HOH E 4 .   ? 12.237  -12.318 5.449   1.00 28.79 ? 314 HOH A O   1 
HETATM 1325 O O   . HOH E 4 .   ? -9.309  -13.379 -6.151  1.00 38.64 ? 315 HOH A O   1 
HETATM 1326 O O   . HOH E 4 .   ? -7.533  -13.972 -10.986 1.00 35.43 ? 316 HOH A O   1 
HETATM 1327 O O   . HOH E 4 .   ? -15.275 5.793   9.613   1.00 38.87 ? 317 HOH A O   1 
HETATM 1328 O O   . HOH E 4 .   ? -2.998  -1.863  15.252  1.00 30.96 ? 318 HOH A O   1 
HETATM 1329 O O   . HOH E 4 .   ? 10.292  -0.733  -14.187 1.00 43.89 ? 319 HOH A O   1 
HETATM 1330 O O   . HOH E 4 .   ? 8.201   -1.647  10.658  1.00 32.97 ? 320 HOH A O   1 
HETATM 1331 O O   . HOH E 4 .   ? -3.105  15.372  -9.975  1.00 34.01 ? 321 HOH A O   1 
HETATM 1332 O O   . HOH E 4 .   ? 13.198  -8.089  -1.601  1.00 53.31 ? 322 HOH A O   1 
HETATM 1333 O O   . HOH E 4 .   ? 8.337   16.685  0.055   0.50 14.02 ? 323 HOH A O   1 
HETATM 1334 O O   . HOH E 4 .   ? 13.171  9.947   -5.623  0.50 25.51 ? 324 HOH A O   1 
HETATM 1335 O O   . HOH E 4 .   ? 14.178  0.904   0.698   1.00 40.32 ? 325 HOH A O   1 
HETATM 1336 O O   . HOH E 4 .   ? -3.603  -20.221 2.397   1.00 17.97 ? 326 HOH A O   1 
HETATM 1337 O O   . HOH E 4 .   ? -9.101  -11.961 -2.622  1.00 29.36 ? 327 HOH A O   1 
HETATM 1338 O O   . HOH E 4 .   ? -16.302 14.588  6.310   1.00 27.34 ? 328 HOH A O   1 
HETATM 1339 O O   . HOH E 4 .   ? 9.115   5.092   -0.231  1.00 32.75 ? 329 HOH A O   1 
HETATM 1340 O O   . HOH E 4 .   ? 10.347  -8.571  6.807   1.00 32.06 ? 330 HOH A O   1 
HETATM 1341 O O   . HOH E 4 .   ? -2.716  21.905  4.241   1.00 26.38 ? 331 HOH A O   1 
HETATM 1342 O O   . HOH E 4 .   ? -0.772  10.886  -6.924  1.00 29.96 ? 332 HOH A O   1 
HETATM 1343 O O   . HOH E 4 .   ? 7.001   15.936  10.589  1.00 45.12 ? 333 HOH A O   1 
HETATM 1344 O O   . HOH E 4 .   ? 10.473  -1.726  7.676   1.00 43.25 ? 334 HOH A O   1 
HETATM 1345 O O   . HOH E 4 .   ? 10.060  7.796   3.150   1.00 32.01 ? 335 HOH A O   1 
HETATM 1346 O O   . HOH E 4 .   ? -10.789 -6.335  -1.620  1.00 41.84 ? 336 HOH A O   1 
HETATM 1347 O O   . HOH E 4 .   ? -14.301 0.237   2.179   1.00 32.85 ? 337 HOH A O   1 
HETATM 1348 O O   . HOH E 4 .   ? 12.900  -9.359  -12.543 1.00 39.43 ? 338 HOH A O   1 
HETATM 1349 O O   . HOH E 4 .   ? 10.787  1.732   2.288   1.00 37.47 ? 339 HOH A O   1 
HETATM 1350 O O   . HOH E 4 .   ? 0.376   23.721  4.074   1.00 40.40 ? 340 HOH A O   1 
HETATM 1351 O O   . HOH E 4 .   ? -14.445 13.905  -6.530  1.00 37.71 ? 341 HOH A O   1 
HETATM 1352 O O   . HOH E 4 .   ? 14.660  0.749   -5.487  1.00 40.20 ? 342 HOH A O   1 
HETATM 1353 O O   . HOH E 4 .   ? 7.260   -27.188 3.349   1.00 54.22 ? 343 HOH A O   1 
HETATM 1354 O O   . HOH E 4 .   ? 13.616  -13.511 -14.830 1.00 45.67 ? 344 HOH A O   1 
HETATM 1355 O O   . HOH E 4 .   ? 14.162  3.793   -9.006  1.00 43.55 ? 345 HOH A O   1 
HETATM 1356 O O   . HOH E 4 .   ? 5.636   6.005   12.710  1.00 39.29 ? 346 HOH A O   1 
HETATM 1357 O O   . HOH E 4 .   ? 1.104   10.803  16.693  1.00 46.46 ? 347 HOH A O   1 
HETATM 1358 O O   . HOH E 4 .   ? -16.317 10.027  9.228   1.00 45.18 ? 348 HOH A O   1 
HETATM 1359 O O   . HOH E 4 .   ? 13.072  2.167   -4.003  1.00 39.79 ? 349 HOH A O   1 
HETATM 1360 O O   . HOH E 4 .   ? -9.990  -8.044  -4.900  1.00 34.37 ? 350 HOH A O   1 
HETATM 1361 O O   . HOH E 4 .   ? 2.847   -10.687 -11.744 1.00 38.42 ? 351 HOH A O   1 
HETATM 1362 O O   . HOH E 4 .   ? -4.976  -10.046 -11.360 1.00 28.40 ? 352 HOH A O   1 
HETATM 1363 O O   . HOH E 4 .   ? -0.778  -13.450 -12.463 1.00 33.72 ? 353 HOH A O   1 
HETATM 1364 O O   . HOH E 4 .   ? -3.900  -3.001  -8.684  1.00 18.09 ? 354 HOH A O   1 
HETATM 1365 O O   . HOH E 4 .   ? 0.130   16.491  -5.930  1.00 28.34 ? 355 HOH A O   1 
HETATM 1366 O O   . HOH E 4 .   ? -10.215 17.805  -10.044 1.00 31.22 ? 356 HOH A O   1 
HETATM 1367 O O   . HOH E 4 .   ? 12.574  -2.157  3.708   1.00 40.98 ? 357 HOH A O   1 
HETATM 1368 O O   . HOH E 4 .   ? 2.077   4.193   12.348  1.00 39.07 ? 358 HOH A O   1 
HETATM 1369 O O   . HOH E 4 .   ? 14.812  -1.056  -3.378  1.00 54.20 ? 359 HOH A O   1 
HETATM 1370 O O   . HOH E 4 .   ? 9.240   3.265   4.341   1.00 41.15 ? 360 HOH A O   1 
HETATM 1371 O O   . HOH E 4 .   ? -11.471 13.222  -8.558  1.00 36.95 ? 361 HOH A O   1 
HETATM 1372 O O   . HOH E 4 .   ? -14.938 12.387  -2.431  1.00 44.81 ? 362 HOH A O   1 
HETATM 1373 O O   . HOH E 4 .   ? -8.916  -11.357 -14.451 1.00 51.46 ? 363 HOH A O   1 
HETATM 1374 O O   . HOH E 4 .   ? 8.312   -18.284 7.922   1.00 35.04 ? 364 HOH A O   1 
HETATM 1375 O O   . HOH E 4 .   ? -1.787  14.504  -6.111  1.00 31.96 ? 365 HOH A O   1 
HETATM 1376 O O   . HOH E 4 .   ? -18.529 11.109  1.886   1.00 42.17 ? 366 HOH A O   1 
HETATM 1377 O O   . HOH E 4 .   ? 7.545   -18.624 3.342   1.00 38.69 ? 367 HOH A O   1 
HETATM 1378 O O   . HOH E 4 .   ? 7.782   -4.952  11.086  1.00 53.39 ? 368 HOH A O   1 
HETATM 1379 O O   . HOH E 4 .   ? -1.682  -24.501 -10.949 1.00 50.15 ? 369 HOH A O   1 
HETATM 1380 O O   . HOH E 4 .   ? 11.465  -8.760  4.651   1.00 45.32 ? 370 HOH A O   1 
HETATM 1381 O O   . HOH E 4 .   ? 15.631  -17.379 -10.702 1.00 38.87 ? 371 HOH A O   1 
HETATM 1382 O O   . HOH E 4 .   ? -12.718 -4.822  -1.194  1.00 52.12 ? 372 HOH A O   1 
HETATM 1383 O O   . HOH E 4 .   ? 6.802   -11.392 -12.362 1.00 34.96 ? 373 HOH A O   1 
HETATM 1384 O O   . HOH E 4 .   ? 8.808   -28.909 4.989   1.00 35.31 ? 374 HOH A O   1 
HETATM 1385 O O   . HOH E 4 .   ? -10.147 11.595  11.219  1.00 35.50 ? 375 HOH A O   1 
HETATM 1386 O O   . HOH E 4 .   ? -8.544  -5.910  -7.936  1.00 49.39 ? 376 HOH A O   1 
HETATM 1387 O O   . HOH E 4 .   ? -0.361  12.351  14.764  1.00 34.56 ? 377 HOH A O   1 
HETATM 1388 O O   . HOH E 4 .   ? 8.683   -10.111 9.633   1.00 33.85 ? 378 HOH A O   1 
HETATM 1389 O O   . HOH E 4 .   ? 10.066  -4.561  8.279   1.00 43.12 ? 379 HOH A O   1 
HETATM 1390 O O   . HOH E 4 .   ? -5.329  -15.041 7.473   1.00 34.04 ? 380 HOH A O   1 
# 
